data_3R3L
#
_entry.id   3R3L
#
_cell.length_a   176.320
_cell.length_b   176.320
_cell.length_c   56.580
_cell.angle_alpha   90.00
_cell.angle_beta   90.00
_cell.angle_gamma   120.00
#
_symmetry.space_group_name_H-M   'P 3'
#
loop_
_entity.id
_entity.type
_entity.pdbx_description
1 polymer Nucleoprotein
2 non-polymer 'MANGANESE (II) ION'
3 non-polymer 'ZINC ION'
4 water water
#
_entity_poly.entity_id   1
_entity_poly.type   'polypeptide(L)'
_entity_poly.pdbx_seq_one_letter_code
;MSASKEVKSFLWTQSLRRELSGYCSNIKLQVVKDAQALLHGLDFSEVSNVQRLMRKQRRDDSDLKRLRDLNQAVNNLVEL
KSTQQKSVLRVGTLSSDDLLTLAADLEKLKSKVTRTERPLSSGVYMGNLSSQQLDQRRALLNLIGMTNGSQGSQAGRDGV
VRVWDVKNAELLNNQFGTMPSLTLACLTKQGQVDLNDVVQALTDLGLIYTAKYPNTSDLDRLTQSHPILNMIDTKKSSLN
ISGYNFSLGAAVKAGACMLDGGNMLETIKVSPQSMDGILKSILKVKRALGMFVSDTPGERNPYENILYKICLSGDGWPYI
ASRTSIVGRAWENTVVDLETDGKPQKIGSGNSNKSLQSAGFSAGLTYSQLMTLKDAMLQLDPNAKTWMDIEGRPEDPVEV
ALYQPISGCYIHFFREPTDLKQFKQDAKYSHGIDIADLFAAQPGLTSAVIEALPRNMVITCQGSEDIKKLLESQGRKDIK
LIDIALSKIDSRKFENAVWDQYKDLCHMHTGVVVEKKKRGGKEEITPHCALMDCIMFDAAVSGGLNTLVLRAVLPRDMVF
RTSTPRVVLDYKDHDGHHHHHH
;
_entity_poly.pdbx_strand_id   A,B,C
#
loop_
_chem_comp.id
_chem_comp.type
_chem_comp.name
_chem_comp.formula
MN non-polymer 'MANGANESE (II) ION' 'Mn 2'
ZN non-polymer 'ZINC ION' 'Zn 2'
#
# COMPACT_ATOMS: atom_id res chain seq x y z
N LYS A 8 -8.89 1.32 -2.42
CA LYS A 8 -9.14 2.48 -1.50
C LYS A 8 -10.64 2.71 -1.29
N SER A 9 -11.42 2.58 -2.37
CA SER A 9 -12.84 2.91 -2.36
C SER A 9 -13.74 1.69 -2.65
N PHE A 10 -13.13 0.55 -2.97
CA PHE A 10 -13.89 -0.69 -3.11
C PHE A 10 -14.26 -1.25 -1.73
N LEU A 11 -13.45 -0.91 -0.73
CA LEU A 11 -13.74 -1.20 0.68
C LEU A 11 -14.95 -0.39 1.15
N TRP A 12 -14.99 0.88 0.75
CA TRP A 12 -16.11 1.77 1.02
C TRP A 12 -17.43 1.13 0.56
N THR A 13 -17.36 0.46 -0.58
CA THR A 13 -18.50 -0.28 -1.11
C THR A 13 -18.71 -1.54 -0.29
N GLN A 14 -17.63 -2.31 -0.09
CA GLN A 14 -17.68 -3.56 0.67
C GLN A 14 -18.24 -3.39 2.08
N SER A 15 -17.96 -2.23 2.69
CA SER A 15 -18.42 -1.94 4.04
C SER A 15 -19.89 -1.55 4.04
N LEU A 16 -20.27 -0.67 3.10
CA LEU A 16 -21.66 -0.28 2.91
C LEU A 16 -22.52 -1.50 2.59
N ARG A 17 -21.96 -2.42 1.80
CA ARG A 17 -22.58 -3.70 1.51
C ARG A 17 -22.92 -4.47 2.78
N ARG A 18 -21.95 -4.55 3.70
CA ARG A 18 -22.10 -5.32 4.94
C ARG A 18 -23.15 -4.75 5.89
N GLU A 19 -23.31 -3.43 5.88
CA GLU A 19 -24.17 -2.74 6.83
C GLU A 19 -25.57 -2.48 6.28
N LEU A 20 -25.71 -2.49 4.95
CA LEU A 20 -27.00 -2.26 4.30
C LEU A 20 -27.62 -3.57 3.80
N SER A 21 -27.08 -4.69 4.31
CA SER A 21 -27.54 -6.03 3.97
C SER A 21 -29.06 -6.19 4.03
N GLY A 22 -29.65 -5.76 5.15
CA GLY A 22 -31.08 -5.90 5.38
C GLY A 22 -31.95 -5.10 4.43
N TYR A 23 -31.33 -4.15 3.72
CA TYR A 23 -32.00 -3.35 2.70
C TYR A 23 -31.79 -3.91 1.30
N CYS A 24 -30.84 -4.82 1.15
CA CYS A 24 -30.59 -5.49 -0.14
C CYS A 24 -31.71 -6.47 -0.42
N SER A 25 -31.77 -6.98 -1.65
CA SER A 25 -32.91 -7.81 -2.06
C SER A 25 -32.70 -8.56 -3.39
N ASN A 26 -33.63 -9.47 -3.67
CA ASN A 26 -33.66 -10.22 -4.92
C ASN A 26 -34.58 -9.53 -5.91
N ILE A 27 -34.01 -8.93 -6.96
CA ILE A 27 -34.79 -8.28 -8.02
C ILE A 27 -34.44 -8.83 -9.40
N LYS A 28 -33.54 -9.81 -9.44
CA LYS A 28 -33.09 -10.43 -10.67
C LYS A 28 -34.23 -10.73 -11.64
N LEU A 29 -35.36 -11.20 -11.09
CA LEU A 29 -36.55 -11.50 -11.89
C LEU A 29 -37.22 -10.26 -12.47
N GLN A 30 -37.34 -9.22 -11.64
CA GLN A 30 -38.06 -7.99 -12.02
C GLN A 30 -37.34 -7.18 -13.08
N VAL A 31 -36.02 -7.31 -13.13
CA VAL A 31 -35.19 -6.63 -14.13
C VAL A 31 -35.34 -7.34 -15.48
N VAL A 32 -35.20 -8.66 -15.48
CA VAL A 32 -35.39 -9.49 -16.68
C VAL A 32 -36.81 -9.33 -17.24
N LYS A 33 -37.76 -9.06 -16.34
CA LYS A 33 -39.13 -8.77 -16.71
C LYS A 33 -39.26 -7.41 -17.40
N ASP A 34 -38.54 -6.41 -16.89
CA ASP A 34 -38.56 -5.07 -17.48
C ASP A 34 -37.77 -4.98 -18.78
N ALA A 35 -36.72 -5.81 -18.90
CA ALA A 35 -35.97 -5.92 -20.15
C ALA A 35 -36.82 -6.59 -21.23
N GLN A 36 -37.54 -7.64 -20.84
CA GLN A 36 -38.42 -8.38 -21.75
C GLN A 36 -39.53 -7.48 -22.30
N ALA A 37 -39.96 -6.51 -21.49
CA ALA A 37 -40.94 -5.51 -21.92
C ALA A 37 -40.34 -4.47 -22.88
N LEU A 38 -39.08 -4.11 -22.64
CA LEU A 38 -38.37 -3.19 -23.55
C LEU A 38 -38.04 -3.86 -24.87
N LEU A 39 -37.70 -5.14 -24.82
CA LEU A 39 -37.39 -5.93 -26.02
C LEU A 39 -38.60 -6.05 -26.95
N HIS A 40 -39.79 -6.06 -26.35
CA HIS A 40 -41.03 -6.16 -27.10
C HIS A 40 -41.59 -4.79 -27.50
N GLY A 41 -41.26 -3.76 -26.72
CA GLY A 41 -41.88 -2.44 -26.90
C GLY A 41 -41.02 -1.28 -27.38
N LEU A 42 -39.71 -1.33 -27.11
CA LEU A 42 -38.84 -0.20 -27.42
C LEU A 42 -38.35 -0.18 -28.87
N ASP A 43 -38.25 1.03 -29.43
CA ASP A 43 -37.68 1.25 -30.76
C ASP A 43 -36.17 1.36 -30.65
N PHE A 44 -35.48 0.26 -30.97
CA PHE A 44 -34.02 0.21 -30.85
C PHE A 44 -33.29 0.94 -31.98
N SER A 45 -34.01 1.26 -33.05
CA SER A 45 -33.51 2.14 -34.09
C SER A 45 -33.47 3.58 -33.58
N GLU A 46 -34.40 3.89 -32.67
CA GLU A 46 -34.40 5.17 -31.98
C GLU A 46 -33.31 5.20 -30.90
N VAL A 47 -32.98 4.03 -30.34
CA VAL A 47 -31.83 3.91 -29.45
C VAL A 47 -30.54 4.21 -30.22
N SER A 48 -30.46 3.69 -31.45
CA SER A 48 -29.34 3.95 -32.33
C SER A 48 -29.20 5.45 -32.62
N ASN A 49 -30.33 6.11 -32.86
CA ASN A 49 -30.37 7.53 -33.16
C ASN A 49 -29.89 8.40 -32.00
N VAL A 50 -30.26 8.03 -30.77
CA VAL A 50 -29.81 8.76 -29.57
C VAL A 50 -28.32 8.52 -29.31
N GLN A 51 -27.85 7.30 -29.60
CA GLN A 51 -26.44 6.96 -29.47
C GLN A 51 -25.60 7.72 -30.49
N ARG A 52 -26.19 8.00 -31.65
CA ARG A 52 -25.57 8.85 -32.67
C ARG A 52 -25.42 10.29 -32.16
N LEU A 53 -26.40 10.76 -31.40
CA LEU A 53 -26.40 12.12 -30.84
C LEU A 53 -25.38 12.26 -29.71
N MET A 54 -25.13 11.17 -29.00
CA MET A 54 -24.13 11.14 -27.93
C MET A 54 -22.71 11.10 -28.47
N ARG A 55 -22.56 10.63 -29.71
CA ARG A 55 -21.27 10.63 -30.41
C ARG A 55 -20.84 12.03 -30.85
N LYS A 56 -21.82 12.93 -30.99
CA LYS A 56 -21.58 14.33 -31.36
C LYS A 56 -20.83 15.09 -30.28
N GLN A 57 -20.15 16.16 -30.67
CA GLN A 57 -19.50 17.07 -29.73
C GLN A 57 -20.49 18.15 -29.26
N ARG A 58 -21.19 18.74 -30.23
CA ARG A 58 -22.16 19.81 -29.96
C ARG A 58 -23.58 19.27 -30.08
N ARG A 59 -24.37 19.49 -29.04
CA ARG A 59 -25.73 18.97 -28.99
C ARG A 59 -26.73 20.10 -28.72
N ASP A 60 -27.84 20.10 -29.47
CA ASP A 60 -28.84 21.17 -29.39
C ASP A 60 -30.18 20.72 -28.78
N ASP A 61 -31.16 21.62 -28.80
CA ASP A 61 -32.49 21.38 -28.20
C ASP A 61 -33.24 20.21 -28.83
N SER A 62 -32.98 19.96 -30.11
CA SER A 62 -33.64 18.90 -30.86
C SER A 62 -33.09 17.53 -30.51
N ASP A 63 -31.80 17.49 -30.13
CA ASP A 63 -31.15 16.27 -29.70
C ASP A 63 -31.66 15.85 -28.32
N LEU A 64 -31.81 16.85 -27.44
CA LEU A 64 -32.38 16.64 -26.11
C LEU A 64 -33.86 16.24 -26.21
N LYS A 65 -34.56 16.79 -27.20
CA LYS A 65 -35.96 16.42 -27.44
C LYS A 65 -36.07 14.93 -27.77
N ARG A 66 -35.22 14.45 -28.67
CA ARG A 66 -35.15 13.04 -29.03
C ARG A 66 -34.76 12.15 -27.84
N LEU A 67 -33.80 12.62 -27.04
CA LEU A 67 -33.31 11.91 -25.86
C LEU A 67 -34.36 11.80 -24.75
N ARG A 68 -35.13 12.87 -24.55
CA ARG A 68 -36.18 12.89 -23.54
C ARG A 68 -37.40 12.07 -23.96
N ASP A 69 -37.73 12.15 -25.24
CA ASP A 69 -38.82 11.36 -25.82
C ASP A 69 -38.57 9.86 -25.72
N LEU A 70 -37.33 9.43 -25.97
CA LEU A 70 -36.96 8.01 -25.85
C LEU A 70 -36.93 7.55 -24.39
N ASN A 71 -36.40 8.40 -23.52
CA ASN A 71 -36.42 8.14 -22.08
C ASN A 71 -37.84 7.95 -21.54
N GLN A 72 -38.78 8.77 -22.04
CA GLN A 72 -40.19 8.69 -21.66
C GLN A 72 -40.82 7.38 -22.15
N ALA A 73 -40.41 6.94 -23.34
CA ALA A 73 -40.89 5.67 -23.89
C ALA A 73 -40.38 4.47 -23.07
N VAL A 74 -39.12 4.56 -22.64
CA VAL A 74 -38.53 3.58 -21.74
C VAL A 74 -39.29 3.58 -20.41
N ASN A 75 -39.49 4.79 -19.89
CA ASN A 75 -40.17 5.02 -18.62
C ASN A 75 -41.55 4.37 -18.53
N ASN A 76 -42.33 4.51 -19.59
CA ASN A 76 -43.71 3.99 -19.67
C ASN A 76 -43.81 2.47 -19.65
N LEU A 77 -42.72 1.80 -20.00
CA LEU A 77 -42.69 0.35 -20.15
C LEU A 77 -42.16 -0.39 -18.92
N VAL A 78 -41.32 0.27 -18.14
CA VAL A 78 -40.67 -0.39 -17.01
C VAL A 78 -41.51 -0.34 -15.73
N GLU A 79 -41.58 -1.47 -15.05
CA GLU A 79 -42.32 -1.56 -13.79
C GLU A 79 -41.48 -1.06 -12.63
N LEU A 80 -40.16 -1.10 -12.80
CA LEU A 80 -39.21 -0.60 -11.80
C LEU A 80 -38.88 0.87 -12.08
N LYS A 81 -39.64 1.77 -11.44
CA LYS A 81 -39.45 3.22 -11.59
C LYS A 81 -39.20 3.86 -10.23
N SER A 82 -38.77 5.12 -10.26
CA SER A 82 -38.71 5.94 -9.05
C SER A 82 -39.86 6.94 -9.03
N THR A 83 -40.28 7.31 -7.83
CA THR A 83 -41.43 8.19 -7.63
C THR A 83 -40.96 9.56 -7.15
N GLN A 84 -41.76 10.59 -7.44
CA GLN A 84 -41.48 11.93 -6.91
C GLN A 84 -41.90 11.97 -5.44
N GLN A 85 -40.94 11.66 -4.56
CA GLN A 85 -41.16 11.70 -3.12
C GLN A 85 -40.10 12.55 -2.44
N LYS A 86 -40.54 13.68 -1.89
CA LYS A 86 -39.69 14.62 -1.19
C LYS A 86 -39.42 14.13 0.22
N SER A 87 -38.20 14.37 0.70
CA SER A 87 -37.83 14.01 2.06
C SER A 87 -37.48 15.23 2.90
N VAL A 88 -38.15 15.36 4.04
CA VAL A 88 -37.80 16.36 5.04
C VAL A 88 -37.31 15.62 6.28
N LEU A 89 -36.06 15.87 6.66
CA LEU A 89 -35.40 15.07 7.69
C LEU A 89 -35.56 15.70 9.08
N ARG A 90 -36.03 14.88 10.04
CA ARG A 90 -36.23 15.35 11.41
C ARG A 90 -35.54 14.43 12.42
N VAL A 91 -35.15 15.01 13.56
CA VAL A 91 -34.50 14.28 14.65
C VAL A 91 -35.40 13.14 15.16
N GLY A 92 -35.03 11.90 14.79
CA GLY A 92 -35.75 10.71 15.23
C GLY A 92 -34.82 9.52 15.19
N THR A 93 -34.91 8.74 14.12
CA THR A 93 -33.96 7.67 13.83
C THR A 93 -32.54 8.25 13.74
N LEU A 94 -32.44 9.45 13.15
CA LEU A 94 -31.19 10.16 13.02
C LEU A 94 -31.01 11.16 14.17
N SER A 95 -29.87 11.08 14.84
CA SER A 95 -29.52 12.03 15.88
C SER A 95 -29.21 13.41 15.29
N SER A 96 -29.19 14.43 16.14
CA SER A 96 -28.95 15.81 15.71
C SER A 96 -27.63 15.96 14.94
N ASP A 97 -26.59 15.29 15.42
CA ASP A 97 -25.28 15.33 14.77
C ASP A 97 -25.30 14.63 13.42
N ASP A 98 -25.93 13.46 13.37
CA ASP A 98 -26.18 12.74 12.11
C ASP A 98 -26.81 13.65 11.05
N LEU A 99 -27.75 14.49 11.49
CA LEU A 99 -28.41 15.46 10.62
C LEU A 99 -27.50 16.63 10.24
N LEU A 100 -26.60 17.01 11.15
CA LEU A 100 -25.65 18.08 10.90
C LEU A 100 -24.62 17.65 9.86
N THR A 101 -24.19 16.40 9.96
CA THR A 101 -23.30 15.76 9.01
C THR A 101 -23.96 15.62 7.65
N LEU A 102 -25.26 15.30 7.64
CA LEU A 102 -25.99 15.14 6.39
C LEU A 102 -26.10 16.45 5.63
N ALA A 103 -26.51 17.51 6.33
CA ALA A 103 -26.60 18.86 5.76
C ALA A 103 -25.26 19.34 5.20
N ALA A 104 -24.19 19.15 5.97
CA ALA A 104 -22.83 19.51 5.56
C ALA A 104 -22.45 18.87 4.23
N ASP A 105 -22.58 17.55 4.17
CA ASP A 105 -22.18 16.77 2.99
C ASP A 105 -22.98 17.10 1.75
N LEU A 106 -24.27 17.37 1.92
CA LEU A 106 -25.14 17.76 0.82
C LEU A 106 -24.77 19.11 0.20
N GLU A 107 -24.20 20.00 1.01
CA GLU A 107 -23.67 21.27 0.53
C GLU A 107 -22.41 21.07 -0.31
N LYS A 108 -21.53 20.20 0.16
CA LYS A 108 -20.28 19.89 -0.54
C LYS A 108 -20.54 19.05 -1.78
N LEU A 109 -21.54 18.15 -1.67
CA LEU A 109 -21.98 17.34 -2.80
C LEU A 109 -22.59 18.21 -3.89
N LYS A 110 -23.46 19.13 -3.48
CA LYS A 110 -24.02 20.15 -4.35
C LYS A 110 -22.94 20.83 -5.18
N SER A 111 -21.86 21.22 -4.52
CA SER A 111 -20.74 21.92 -5.16
C SER A 111 -20.05 21.05 -6.22
N LYS A 112 -19.67 19.84 -5.81
CA LYS A 112 -18.94 18.90 -6.67
C LYS A 112 -19.74 18.51 -7.92
N VAL A 113 -21.03 18.24 -7.76
CA VAL A 113 -21.86 17.80 -8.87
C VAL A 113 -22.22 18.95 -9.82
N THR A 114 -22.33 20.17 -9.29
CA THR A 114 -22.56 21.36 -10.12
C THR A 114 -21.31 21.65 -10.96
N ARG A 115 -20.15 21.56 -10.34
CA ARG A 115 -18.88 21.83 -11.01
C ARG A 115 -18.54 20.78 -12.07
N THR A 116 -19.08 19.57 -11.90
CA THR A 116 -18.82 18.48 -12.82
C THR A 116 -19.80 18.48 -14.00
N GLU A 117 -21.07 18.78 -13.72
CA GLU A 117 -22.13 18.67 -14.72
C GLU A 117 -22.50 19.97 -15.44
N ARG A 118 -22.68 21.06 -14.68
CA ARG A 118 -23.20 22.31 -15.23
C ARG A 118 -22.39 22.95 -16.39
N PRO A 119 -21.05 22.87 -16.36
CA PRO A 119 -20.27 23.41 -17.48
C PRO A 119 -20.56 22.75 -18.84
N LEU A 120 -21.10 21.53 -18.83
CA LEU A 120 -21.55 20.86 -20.06
C LEU A 120 -22.66 21.64 -20.77
N SER A 121 -23.36 22.48 -20.03
CA SER A 121 -24.40 23.34 -20.58
C SER A 121 -24.01 24.81 -20.52
N SER A 122 -23.60 25.26 -19.33
CA SER A 122 -23.24 26.66 -19.10
C SER A 122 -22.02 27.10 -19.91
N GLY A 123 -21.06 26.20 -20.08
CA GLY A 123 -19.91 26.44 -20.94
C GLY A 123 -18.71 27.07 -20.26
N VAL A 124 -17.55 26.93 -20.90
CA VAL A 124 -16.31 27.53 -20.44
C VAL A 124 -15.62 28.25 -21.60
N TYR A 125 -15.38 29.54 -21.43
CA TYR A 125 -14.66 30.32 -22.43
C TYR A 125 -13.24 29.80 -22.56
N MET A 126 -12.83 29.56 -23.80
CA MET A 126 -11.53 28.94 -24.09
C MET A 126 -10.79 29.60 -25.25
N GLY A 127 -10.96 30.92 -25.37
CA GLY A 127 -10.38 31.69 -26.46
C GLY A 127 -9.12 32.45 -26.10
N ASN A 128 -9.27 33.75 -25.85
CA ASN A 128 -8.12 34.65 -25.66
C ASN A 128 -7.66 34.75 -24.20
N LEU A 129 -6.77 33.84 -23.81
CA LEU A 129 -6.26 33.80 -22.44
C LEU A 129 -4.77 33.49 -22.38
N SER A 130 -4.18 33.71 -21.21
CA SER A 130 -2.79 33.35 -20.95
C SER A 130 -2.66 31.84 -20.94
N SER A 131 -1.52 31.33 -21.41
CA SER A 131 -1.27 29.89 -21.51
C SER A 131 -1.60 29.13 -20.22
N GLN A 132 -1.35 29.76 -19.07
CA GLN A 132 -1.68 29.19 -17.78
C GLN A 132 -3.20 29.03 -17.57
N GLN A 133 -3.95 30.08 -17.94
CA GLN A 133 -5.40 30.08 -17.83
C GLN A 133 -6.06 29.00 -18.68
N LEU A 134 -5.49 28.74 -19.86
CA LEU A 134 -6.01 27.71 -20.76
C LEU A 134 -5.66 26.30 -20.31
N ASP A 135 -4.45 26.13 -19.78
CA ASP A 135 -4.00 24.84 -19.29
C ASP A 135 -4.76 24.42 -18.02
N GLN A 136 -5.02 25.40 -17.17
CA GLN A 136 -5.81 25.21 -15.95
C GLN A 136 -7.25 24.85 -16.28
N ARG A 137 -7.75 25.41 -17.39
CA ARG A 137 -9.14 25.19 -17.81
C ARG A 137 -9.32 23.90 -18.60
N ARG A 138 -8.37 23.61 -19.51
CA ARG A 138 -8.41 22.37 -20.29
C ARG A 138 -8.15 21.15 -19.40
N ALA A 139 -7.51 21.38 -18.26
CA ALA A 139 -7.31 20.35 -17.24
C ALA A 139 -8.53 20.16 -16.35
N LEU A 140 -9.48 21.10 -16.43
CA LEU A 140 -10.77 20.96 -15.78
C LEU A 140 -11.71 20.17 -16.70
N LEU A 141 -11.50 20.32 -18.01
CA LEU A 141 -12.33 19.66 -19.03
C LEU A 141 -12.11 18.15 -19.09
N ASN A 142 -10.88 17.71 -18.82
CA ASN A 142 -10.53 16.30 -18.82
C ASN A 142 -10.83 15.66 -17.48
N LEU A 143 -10.96 16.51 -16.46
CA LEU A 143 -11.39 16.10 -15.15
C LEU A 143 -12.89 15.78 -15.20
N ILE A 144 -13.62 16.50 -16.04
CA ILE A 144 -15.08 16.39 -16.12
C ILE A 144 -15.62 15.83 -17.44
N GLY A 145 -14.70 15.46 -18.34
CA GLY A 145 -15.05 14.72 -19.55
C GLY A 145 -15.69 15.49 -20.70
N MET A 146 -15.40 16.79 -20.77
CA MET A 146 -15.90 17.63 -21.86
C MET A 146 -15.04 17.48 -23.13
N ASP A 158 -16.41 32.54 -31.47
CA ASP A 158 -17.16 32.23 -30.27
C ASP A 158 -16.26 32.13 -29.03
N GLY A 159 -15.47 31.05 -28.96
CA GLY A 159 -14.56 30.83 -27.85
C GLY A 159 -15.09 29.87 -26.80
N VAL A 160 -16.40 29.89 -26.58
CA VAL A 160 -17.02 29.10 -25.52
C VAL A 160 -17.14 27.62 -25.89
N VAL A 161 -16.65 26.77 -24.99
CA VAL A 161 -16.79 25.32 -25.12
C VAL A 161 -17.98 24.86 -24.27
N ARG A 162 -18.90 24.13 -24.91
CA ARG A 162 -19.99 23.44 -24.22
C ARG A 162 -20.46 22.26 -25.06
N VAL A 163 -21.06 21.28 -24.39
CA VAL A 163 -21.54 20.09 -25.08
C VAL A 163 -23.05 20.21 -25.35
N TRP A 164 -23.77 20.86 -24.44
CA TRP A 164 -25.20 21.07 -24.59
C TRP A 164 -25.55 22.56 -24.75
N ASP A 165 -26.11 22.90 -25.90
CA ASP A 165 -26.60 24.26 -26.15
C ASP A 165 -28.13 24.28 -26.17
N VAL A 166 -28.71 24.27 -24.97
CA VAL A 166 -30.16 24.12 -24.80
C VAL A 166 -30.84 25.34 -24.18
N LYS A 167 -32.14 25.46 -24.43
CA LYS A 167 -32.97 26.55 -23.91
C LYS A 167 -33.06 26.52 -22.39
N ASN A 168 -33.22 25.32 -21.83
CA ASN A 168 -33.43 25.16 -20.39
C ASN A 168 -32.67 23.95 -19.83
N ALA A 169 -31.67 24.23 -18.98
CA ALA A 169 -30.78 23.20 -18.45
C ALA A 169 -31.34 22.48 -17.21
N GLU A 170 -32.62 22.69 -16.94
CA GLU A 170 -33.33 21.87 -15.97
C GLU A 170 -33.91 20.65 -16.70
N LEU A 171 -34.08 20.80 -18.01
CA LEU A 171 -34.52 19.69 -18.86
C LEU A 171 -33.44 18.64 -19.11
N LEU A 172 -32.20 18.95 -18.69
CA LEU A 172 -31.10 17.98 -18.75
C LEU A 172 -31.06 17.06 -17.53
N ASN A 173 -31.71 17.50 -16.44
CA ASN A 173 -31.62 16.81 -15.14
C ASN A 173 -32.23 15.41 -15.13
N ASN A 174 -31.47 14.46 -14.56
CA ASN A 174 -31.93 13.08 -14.32
C ASN A 174 -32.24 12.25 -15.57
N GLN A 175 -31.65 12.64 -16.70
CA GLN A 175 -31.95 12.03 -18.00
C GLN A 175 -30.86 11.10 -18.49
N PHE A 176 -29.76 11.01 -17.74
CA PHE A 176 -28.55 10.34 -18.19
C PHE A 176 -28.18 9.09 -17.40
N GLY A 177 -28.95 8.78 -16.36
CA GLY A 177 -28.69 7.62 -15.51
C GLY A 177 -28.69 6.29 -16.26
N THR A 178 -27.91 5.34 -15.76
CA THR A 178 -27.88 3.99 -16.33
C THR A 178 -28.93 3.12 -15.67
N MET A 179 -29.47 2.16 -16.44
CA MET A 179 -30.51 1.27 -15.93
C MET A 179 -30.33 -0.16 -16.45
N PRO A 180 -30.09 -1.12 -15.53
CA PRO A 180 -29.76 -2.51 -15.84
C PRO A 180 -30.71 -3.16 -16.84
N SER A 181 -32.01 -2.90 -16.73
CA SER A 181 -33.00 -3.48 -17.64
C SER A 181 -32.89 -2.90 -19.05
N LEU A 182 -32.49 -1.63 -19.16
CA LEU A 182 -32.24 -1.00 -20.46
C LEU A 182 -30.95 -1.55 -21.06
N THR A 183 -29.90 -1.61 -20.24
CA THR A 183 -28.63 -2.24 -20.59
C THR A 183 -28.84 -3.67 -21.11
N LEU A 184 -29.54 -4.47 -20.30
CA LEU A 184 -29.89 -5.85 -20.65
C LEU A 184 -30.63 -5.93 -21.99
N ALA A 185 -31.58 -5.02 -22.19
CA ALA A 185 -32.35 -4.95 -23.43
C ALA A 185 -31.52 -4.51 -24.64
N CYS A 186 -30.55 -3.62 -24.41
CA CYS A 186 -29.75 -3.05 -25.51
C CYS A 186 -28.68 -4.02 -26.02
N LEU A 187 -27.99 -4.71 -25.11
CA LEU A 187 -27.02 -5.74 -25.47
C LEU A 187 -27.66 -6.91 -26.21
N THR A 188 -28.89 -7.24 -25.84
CA THR A 188 -29.65 -8.34 -26.46
C THR A 188 -30.04 -8.05 -27.90
N LYS A 189 -30.59 -6.86 -28.14
CA LYS A 189 -31.17 -6.51 -29.44
C LYS A 189 -30.15 -5.91 -30.40
N GLN A 190 -29.27 -5.06 -29.89
CA GLN A 190 -28.25 -4.40 -30.70
C GLN A 190 -27.04 -5.32 -30.94
N GLY A 191 -26.80 -6.23 -30.01
CA GLY A 191 -25.66 -7.16 -30.09
C GLY A 191 -25.96 -8.46 -30.80
N GLN A 192 -27.22 -8.64 -31.18
CA GLN A 192 -27.68 -9.83 -31.93
C GLN A 192 -27.31 -11.17 -31.26
N VAL A 193 -27.66 -11.27 -29.97
CA VAL A 193 -27.57 -12.52 -29.20
C VAL A 193 -28.87 -12.68 -28.41
N ASP A 194 -29.15 -13.88 -27.93
CA ASP A 194 -30.38 -14.13 -27.16
C ASP A 194 -30.27 -13.56 -25.75
N LEU A 195 -31.42 -13.18 -25.18
CA LEU A 195 -31.49 -12.62 -23.83
C LEU A 195 -30.85 -13.52 -22.77
N ASN A 196 -31.14 -14.81 -22.85
CA ASN A 196 -30.62 -15.79 -21.90
C ASN A 196 -29.10 -15.71 -21.74
N ASP A 197 -28.40 -15.63 -22.88
CA ASP A 197 -26.93 -15.53 -22.91
C ASP A 197 -26.39 -14.19 -22.40
N VAL A 198 -27.27 -13.21 -22.28
CA VAL A 198 -26.91 -11.90 -21.73
C VAL A 198 -26.97 -11.97 -20.19
N VAL A 199 -27.98 -12.69 -19.69
CA VAL A 199 -28.12 -12.95 -18.26
C VAL A 199 -26.96 -13.83 -17.75
N GLN A 200 -26.51 -14.76 -18.58
CA GLN A 200 -25.36 -15.63 -18.25
C GLN A 200 -24.10 -14.79 -18.04
N ALA A 201 -23.82 -13.93 -19.01
CA ALA A 201 -22.59 -13.14 -19.06
C ALA A 201 -22.46 -12.18 -17.89
N LEU A 202 -23.58 -11.54 -17.55
CA LEU A 202 -23.57 -10.51 -16.52
C LEU A 202 -23.38 -11.10 -15.13
N THR A 203 -23.91 -12.30 -14.91
CA THR A 203 -23.80 -12.99 -13.62
C THR A 203 -22.34 -13.18 -13.21
N ASP A 204 -21.53 -13.72 -14.13
CA ASP A 204 -20.13 -13.99 -13.87
C ASP A 204 -19.35 -12.71 -13.58
N LEU A 205 -19.73 -11.63 -14.25
CA LEU A 205 -19.18 -10.30 -13.97
C LEU A 205 -19.63 -9.83 -12.59
N GLY A 206 -20.91 -10.04 -12.26
CA GLY A 206 -21.47 -9.67 -10.96
C GLY A 206 -20.78 -10.37 -9.80
N LEU A 207 -20.41 -11.63 -10.00
CA LEU A 207 -19.64 -12.41 -9.03
C LEU A 207 -18.25 -11.84 -8.79
N ILE A 208 -17.58 -11.42 -9.86
CA ILE A 208 -16.27 -10.79 -9.75
C ILE A 208 -16.37 -9.52 -8.92
N TYR A 209 -17.48 -8.81 -9.10
CA TYR A 209 -17.76 -7.54 -8.43
C TYR A 209 -17.91 -7.69 -6.91
N THR A 210 -18.08 -8.92 -6.43
CA THR A 210 -18.11 -9.19 -4.98
C THR A 210 -16.72 -9.01 -4.37
N ALA A 211 -15.70 -9.35 -5.16
CA ALA A 211 -14.33 -9.43 -4.69
C ALA A 211 -13.46 -8.23 -5.08
N LYS A 212 -13.71 -7.67 -6.26
CA LYS A 212 -13.01 -6.46 -6.72
C LYS A 212 -13.84 -5.72 -7.77
N TYR A 213 -13.48 -4.46 -8.02
CA TYR A 213 -13.99 -3.75 -9.18
C TYR A 213 -13.24 -4.26 -10.40
N PRO A 214 -13.97 -4.94 -11.32
CA PRO A 214 -13.35 -5.51 -12.51
C PRO A 214 -12.82 -4.42 -13.43
N ASN A 215 -11.68 -4.69 -14.07
CA ASN A 215 -10.98 -3.69 -14.86
C ASN A 215 -10.71 -4.11 -16.31
N THR A 216 -9.60 -3.60 -16.84
CA THR A 216 -9.14 -3.88 -18.21
C THR A 216 -9.16 -5.37 -18.57
N SER A 217 -8.24 -6.13 -17.97
CA SER A 217 -8.07 -7.55 -18.31
C SER A 217 -9.24 -8.41 -17.84
N ASP A 218 -9.87 -8.01 -16.74
CA ASP A 218 -11.00 -8.73 -16.17
C ASP A 218 -12.14 -8.84 -17.18
N LEU A 219 -12.34 -7.78 -17.96
CA LEU A 219 -13.33 -7.76 -19.03
C LEU A 219 -12.82 -8.49 -20.28
N ASP A 220 -11.52 -8.39 -20.53
CA ASP A 220 -10.87 -9.04 -21.67
C ASP A 220 -11.03 -10.55 -21.60
N ARG A 221 -10.64 -11.12 -20.46
CA ARG A 221 -10.67 -12.56 -20.25
C ARG A 221 -12.09 -13.12 -20.17
N LEU A 222 -13.04 -12.28 -19.74
CA LEU A 222 -14.44 -12.70 -19.66
C LEU A 222 -15.11 -12.79 -21.03
N THR A 223 -14.60 -12.00 -21.97
CA THR A 223 -15.11 -11.95 -23.34
C THR A 223 -14.76 -13.24 -24.09
N GLN A 224 -13.87 -14.02 -23.51
CA GLN A 224 -13.33 -15.21 -24.15
C GLN A 224 -14.32 -16.37 -24.13
N SER A 225 -15.18 -16.42 -23.11
CA SER A 225 -16.32 -17.33 -23.11
C SER A 225 -17.60 -16.63 -23.58
N HIS A 226 -17.83 -15.41 -23.10
CA HIS A 226 -19.03 -14.63 -23.42
C HIS A 226 -18.69 -13.48 -24.36
N PRO A 227 -18.72 -13.71 -25.69
CA PRO A 227 -18.23 -12.67 -26.62
C PRO A 227 -19.21 -11.52 -26.84
N ILE A 228 -20.09 -11.28 -25.87
CA ILE A 228 -20.96 -10.12 -25.88
C ILE A 228 -20.27 -8.93 -25.19
N LEU A 229 -19.15 -9.21 -24.54
CA LEU A 229 -18.52 -8.25 -23.64
C LEU A 229 -17.46 -7.33 -24.27
N ASN A 230 -17.18 -7.50 -25.57
CA ASN A 230 -16.30 -6.54 -26.26
C ASN A 230 -17.08 -5.36 -26.83
N MET A 231 -18.39 -5.39 -26.61
CA MET A 231 -19.27 -4.26 -26.90
C MET A 231 -19.07 -3.17 -25.86
N ILE A 232 -18.87 -3.61 -24.62
CA ILE A 232 -18.66 -2.74 -23.49
C ILE A 232 -17.27 -2.10 -23.57
N ASP A 233 -17.22 -0.78 -23.43
CA ASP A 233 -15.95 -0.05 -23.51
C ASP A 233 -15.33 0.06 -22.13
N THR A 234 -14.06 -0.31 -22.04
CA THR A 234 -13.33 -0.39 -20.76
C THR A 234 -12.68 0.94 -20.42
N LYS A 235 -12.03 1.53 -21.41
CA LYS A 235 -11.24 2.74 -21.22
C LYS A 235 -12.08 4.00 -21.32
N LYS A 236 -13.40 3.84 -21.17
CA LYS A 236 -14.33 4.96 -21.21
C LYS A 236 -14.86 5.25 -19.80
N SER A 237 -14.97 6.53 -19.49
CA SER A 237 -15.41 6.97 -18.16
C SER A 237 -16.93 6.91 -18.03
N SER A 238 -17.41 7.19 -16.81
CA SER A 238 -18.83 7.30 -16.52
C SER A 238 -19.36 8.70 -16.85
N LEU A 239 -18.43 9.61 -17.12
CA LEU A 239 -18.76 11.02 -17.33
C LEU A 239 -19.15 11.32 -18.77
N ASN A 240 -20.13 12.20 -18.92
CA ASN A 240 -20.63 12.65 -20.21
C ASN A 240 -21.18 11.53 -21.10
N ILE A 241 -21.89 10.59 -20.47
CA ILE A 241 -22.53 9.50 -21.20
C ILE A 241 -23.93 9.19 -20.66
N SER A 242 -24.80 8.66 -21.54
CA SER A 242 -26.17 8.31 -21.18
C SER A 242 -26.33 6.84 -20.83
N GLY A 243 -27.54 6.46 -20.40
CA GLY A 243 -27.87 5.08 -20.08
C GLY A 243 -27.88 4.14 -21.27
N TYR A 244 -27.80 4.71 -22.47
CA TYR A 244 -27.84 3.94 -23.72
C TYR A 244 -26.46 3.46 -24.16
N ASN A 245 -25.42 4.08 -23.61
CA ASN A 245 -24.05 3.68 -23.87
C ASN A 245 -23.63 2.46 -23.05
N PHE A 246 -22.70 1.68 -23.57
CA PHE A 246 -22.27 0.44 -22.92
C PHE A 246 -20.99 0.64 -22.10
N SER A 247 -21.09 1.47 -21.07
CA SER A 247 -19.98 1.68 -20.15
C SER A 247 -19.76 0.44 -19.29
N LEU A 248 -18.59 0.36 -18.66
CA LEU A 248 -18.27 -0.72 -17.73
C LEU A 248 -19.18 -0.64 -16.49
N GLY A 249 -19.47 0.58 -16.06
CA GLY A 249 -20.30 0.82 -14.88
C GLY A 249 -21.74 0.36 -15.03
N ALA A 250 -22.28 0.52 -16.23
CA ALA A 250 -23.63 0.06 -16.56
C ALA A 250 -23.69 -1.46 -16.63
N ALA A 251 -22.59 -2.06 -17.09
CA ALA A 251 -22.47 -3.50 -17.19
C ALA A 251 -22.24 -4.12 -15.81
N VAL A 252 -21.37 -3.49 -15.02
CA VAL A 252 -21.09 -3.91 -13.64
C VAL A 252 -22.35 -3.80 -12.78
N LYS A 253 -23.02 -2.65 -12.88
CA LYS A 253 -24.29 -2.40 -12.20
C LYS A 253 -25.33 -3.48 -12.49
N ALA A 254 -25.49 -3.81 -13.77
CA ALA A 254 -26.47 -4.81 -14.20
C ALA A 254 -26.13 -6.21 -13.69
N GLY A 255 -24.83 -6.51 -13.61
CA GLY A 255 -24.33 -7.77 -13.07
C GLY A 255 -24.74 -8.01 -11.63
N ALA A 256 -24.68 -6.94 -10.82
CA ALA A 256 -25.08 -7.00 -9.42
C ALA A 256 -26.50 -7.49 -9.23
N CYS A 257 -27.37 -7.11 -10.17
CA CYS A 257 -28.77 -7.53 -10.18
C CYS A 257 -28.96 -8.99 -10.58
N MET A 258 -27.91 -9.59 -11.13
CA MET A 258 -28.00 -10.97 -11.63
C MET A 258 -27.83 -12.03 -10.53
N LEU A 259 -27.70 -11.58 -9.29
CA LEU A 259 -27.53 -12.50 -8.16
C LEU A 259 -28.81 -12.55 -7.33
N ASP A 260 -29.24 -13.76 -7.00
CA ASP A 260 -30.33 -13.97 -6.04
C ASP A 260 -29.72 -13.96 -4.63
N GLY A 261 -29.32 -12.77 -4.19
CA GLY A 261 -28.58 -12.61 -2.94
C GLY A 261 -27.35 -11.75 -3.13
N GLY A 262 -26.45 -11.76 -2.14
CA GLY A 262 -25.24 -10.94 -2.17
C GLY A 262 -25.55 -9.50 -1.82
N ASN A 263 -24.67 -8.90 -1.03
CA ASN A 263 -24.94 -7.60 -0.40
C ASN A 263 -24.74 -6.39 -1.33
N MET A 264 -25.14 -6.54 -2.60
CA MET A 264 -24.98 -5.47 -3.60
C MET A 264 -25.86 -4.26 -3.32
N LEU A 265 -25.26 -3.07 -3.39
CA LEU A 265 -26.00 -1.83 -3.12
C LEU A 265 -27.06 -1.51 -4.18
N GLU A 266 -26.89 -2.08 -5.37
CA GLU A 266 -27.74 -1.81 -6.52
C GLU A 266 -29.20 -2.25 -6.36
N THR A 267 -29.43 -3.26 -5.53
CA THR A 267 -30.77 -3.85 -5.37
C THR A 267 -31.66 -3.09 -4.38
N ILE A 268 -31.06 -2.16 -3.63
CA ILE A 268 -31.72 -1.48 -2.52
C ILE A 268 -33.01 -0.76 -2.92
N LYS A 269 -34.03 -0.94 -2.08
CA LYS A 269 -35.31 -0.23 -2.21
C LYS A 269 -35.39 0.80 -1.09
N VAL A 270 -35.78 2.02 -1.44
CA VAL A 270 -35.95 3.08 -0.45
C VAL A 270 -37.44 3.40 -0.27
N SER A 271 -37.82 3.75 0.96
CA SER A 271 -39.20 4.14 1.26
C SER A 271 -39.21 5.15 2.40
N PRO A 272 -40.27 5.97 2.50
CA PRO A 272 -40.43 6.92 3.61
C PRO A 272 -40.19 6.28 4.97
N GLN A 273 -40.45 4.97 5.07
CA GLN A 273 -40.28 4.22 6.30
C GLN A 273 -38.82 3.84 6.55
N SER A 274 -38.08 3.54 5.49
CA SER A 274 -36.72 2.99 5.64
C SER A 274 -35.58 3.97 5.37
N MET A 275 -35.89 5.13 4.81
CA MET A 275 -34.88 6.07 4.31
C MET A 275 -33.93 6.62 5.37
N ASP A 276 -34.47 7.00 6.53
CA ASP A 276 -33.65 7.49 7.64
C ASP A 276 -32.63 6.45 8.07
N GLY A 277 -33.10 5.23 8.32
CA GLY A 277 -32.26 4.13 8.77
C GLY A 277 -31.16 3.78 7.78
N ILE A 278 -31.48 3.91 6.49
CA ILE A 278 -30.49 3.78 5.43
C ILE A 278 -29.40 4.84 5.57
N LEU A 279 -29.81 6.11 5.71
CA LEU A 279 -28.87 7.22 5.88
C LEU A 279 -28.06 7.09 7.17
N LYS A 280 -28.67 6.52 8.21
CA LYS A 280 -27.99 6.21 9.46
C LYS A 280 -26.86 5.20 9.25
N SER A 281 -27.16 4.12 8.53
CA SER A 281 -26.18 3.07 8.25
C SER A 281 -25.00 3.58 7.40
N ILE A 282 -25.30 4.35 6.36
CA ILE A 282 -24.28 5.02 5.55
C ILE A 282 -23.33 5.85 6.43
N LEU A 283 -23.91 6.60 7.37
CA LEU A 283 -23.14 7.47 8.25
C LEU A 283 -22.18 6.69 9.14
N LYS A 284 -22.62 5.54 9.65
CA LYS A 284 -21.76 4.67 10.46
C LYS A 284 -20.52 4.25 9.66
N VAL A 285 -20.75 3.83 8.42
CA VAL A 285 -19.67 3.42 7.51
C VAL A 285 -18.73 4.60 7.21
N LYS A 286 -19.33 5.75 6.93
CA LYS A 286 -18.58 6.98 6.69
C LYS A 286 -17.75 7.35 7.91
N ARG A 287 -18.42 7.40 9.07
CA ARG A 287 -17.79 7.67 10.36
C ARG A 287 -16.60 6.75 10.55
N ALA A 288 -16.87 5.44 10.55
CA ALA A 288 -15.87 4.41 10.78
C ALA A 288 -14.63 4.55 9.88
N LEU A 289 -14.84 4.48 8.57
CA LEU A 289 -13.74 4.46 7.60
C LEU A 289 -13.10 5.83 7.40
N GLY A 290 -13.94 6.86 7.38
CA GLY A 290 -13.48 8.23 7.16
C GLY A 290 -13.86 8.72 5.77
N MET A 291 -14.97 8.20 5.26
CA MET A 291 -15.48 8.59 3.94
C MET A 291 -15.87 10.06 3.92
N PHE A 292 -15.92 10.64 2.72
CA PHE A 292 -16.06 12.07 2.55
C PHE A 292 -16.53 12.39 1.14
N VAL A 293 -17.00 13.62 0.95
CA VAL A 293 -17.24 14.16 -0.38
C VAL A 293 -15.98 14.92 -0.81
N SER A 294 -15.45 14.52 -1.96
CA SER A 294 -14.24 15.11 -2.54
C SER A 294 -14.53 16.51 -3.08
N ASP A 295 -13.70 17.49 -2.70
CA ASP A 295 -13.82 18.84 -3.23
C ASP A 295 -13.01 19.04 -4.51
N THR A 296 -13.17 18.08 -5.42
CA THR A 296 -12.54 18.10 -6.73
C THR A 296 -13.51 17.45 -7.73
N PRO A 297 -13.79 18.15 -8.85
CA PRO A 297 -14.71 17.64 -9.87
C PRO A 297 -14.22 16.33 -10.48
N GLY A 298 -15.14 15.54 -11.01
CA GLY A 298 -14.78 14.28 -11.63
C GLY A 298 -15.76 13.16 -11.33
N GLU A 299 -15.31 11.93 -11.54
CA GLU A 299 -16.12 10.73 -11.26
C GLU A 299 -16.50 10.65 -9.79
N ARG A 300 -17.70 10.15 -9.53
CA ARG A 300 -18.22 10.04 -8.17
C ARG A 300 -17.55 8.91 -7.40
N ASN A 301 -17.20 9.18 -6.14
CA ASN A 301 -16.80 8.12 -5.22
C ASN A 301 -18.03 7.36 -4.69
N PRO A 302 -17.84 6.13 -4.15
CA PRO A 302 -18.99 5.33 -3.74
C PRO A 302 -19.95 6.02 -2.74
N TYR A 303 -19.39 6.85 -1.87
CA TYR A 303 -20.19 7.58 -0.88
C TYR A 303 -21.00 8.71 -1.52
N GLU A 304 -20.34 9.50 -2.37
CA GLU A 304 -21.02 10.55 -3.11
C GLU A 304 -22.15 9.97 -3.94
N ASN A 305 -21.89 8.81 -4.52
CA ASN A 305 -22.84 8.09 -5.36
C ASN A 305 -24.08 7.65 -4.58
N ILE A 306 -23.85 6.97 -3.44
CA ILE A 306 -24.96 6.42 -2.66
C ILE A 306 -25.83 7.55 -2.08
N LEU A 307 -25.17 8.58 -1.56
CA LEU A 307 -25.84 9.72 -0.94
C LEU A 307 -26.74 10.46 -1.92
N TYR A 308 -26.24 10.68 -3.13
CA TYR A 308 -27.01 11.38 -4.16
C TYR A 308 -28.25 10.59 -4.57
N LYS A 309 -28.05 9.33 -4.90
CA LYS A 309 -29.12 8.48 -5.44
C LYS A 309 -30.23 8.22 -4.42
N ILE A 310 -29.85 8.21 -3.14
CA ILE A 310 -30.82 8.02 -2.07
C ILE A 310 -31.62 9.29 -1.81
N CYS A 311 -30.96 10.44 -1.84
CA CYS A 311 -31.61 11.72 -1.53
C CYS A 311 -32.40 12.32 -2.70
N LEU A 312 -32.33 11.69 -3.88
CA LEU A 312 -33.14 12.15 -5.02
C LEU A 312 -34.63 11.83 -4.83
N SER A 313 -34.91 10.63 -4.33
CA SER A 313 -36.29 10.17 -4.12
C SER A 313 -36.43 9.46 -2.78
N GLY A 314 -37.49 9.79 -2.07
CA GLY A 314 -37.79 9.14 -0.80
C GLY A 314 -38.39 7.76 -0.99
N ASP A 315 -38.80 7.46 -2.22
CA ASP A 315 -39.45 6.19 -2.54
C ASP A 315 -39.09 5.70 -3.94
N GLY A 316 -38.51 4.50 -4.02
CA GLY A 316 -38.08 3.90 -5.28
C GLY A 316 -36.76 3.15 -5.17
N TRP A 317 -36.19 2.79 -6.31
CA TRP A 317 -34.92 2.05 -6.37
C TRP A 317 -33.76 2.94 -6.84
N PRO A 318 -32.92 3.42 -5.89
CA PRO A 318 -31.89 4.44 -6.13
C PRO A 318 -30.99 4.19 -7.35
N TYR A 319 -30.53 2.94 -7.52
CA TYR A 319 -29.55 2.62 -8.55
C TYR A 319 -30.16 2.15 -9.87
N ILE A 320 -31.27 1.42 -9.81
CA ILE A 320 -31.69 0.59 -10.93
C ILE A 320 -33.04 0.93 -11.57
N ALA A 321 -33.71 1.95 -11.04
CA ALA A 321 -35.03 2.33 -11.53
C ALA A 321 -34.96 3.36 -12.64
N SER A 322 -36.09 3.57 -13.33
CA SER A 322 -36.21 4.70 -14.24
C SER A 322 -36.44 5.96 -13.43
N ARG A 323 -35.54 6.91 -13.58
CA ARG A 323 -35.58 8.18 -12.86
C ARG A 323 -35.67 9.34 -13.84
N THR A 324 -36.05 9.02 -15.08
CA THR A 324 -36.12 9.99 -16.17
C THR A 324 -37.26 11.00 -16.01
N SER A 325 -38.21 10.68 -15.13
CA SER A 325 -39.38 11.52 -14.91
C SER A 325 -39.31 12.31 -13.60
N ILE A 326 -38.14 12.29 -12.96
CA ILE A 326 -37.92 13.01 -11.70
C ILE A 326 -37.43 14.42 -11.97
N VAL A 327 -38.04 15.39 -11.29
CA VAL A 327 -37.59 16.78 -11.34
C VAL A 327 -36.81 17.17 -10.07
N GLY A 328 -35.90 18.13 -10.22
CA GLY A 328 -35.09 18.61 -9.11
C GLY A 328 -33.81 17.82 -8.92
N ARG A 329 -32.78 18.48 -8.39
CA ARG A 329 -31.54 17.81 -8.00
C ARG A 329 -31.71 17.25 -6.59
N ALA A 330 -30.92 16.23 -6.26
CA ALA A 330 -31.05 15.50 -4.99
C ALA A 330 -31.01 16.39 -3.75
N TRP A 331 -30.30 17.52 -3.85
CA TRP A 331 -30.18 18.45 -2.73
C TRP A 331 -31.40 19.38 -2.57
N GLU A 332 -32.30 19.32 -3.53
CA GLU A 332 -33.58 20.04 -3.46
C GLU A 332 -34.69 19.11 -2.96
N ASN A 333 -34.64 17.86 -3.41
CA ASN A 333 -35.65 16.85 -3.07
C ASN A 333 -35.53 16.33 -1.64
N THR A 334 -34.33 16.46 -1.07
CA THR A 334 -34.11 16.06 0.32
C THR A 334 -33.46 17.20 1.12
N VAL A 335 -34.16 17.61 2.18
CA VAL A 335 -33.69 18.69 3.04
C VAL A 335 -33.72 18.30 4.51
N VAL A 336 -32.81 18.88 5.27
CA VAL A 336 -32.75 18.65 6.71
C VAL A 336 -33.54 19.73 7.44
N ASP A 337 -34.19 19.35 8.54
CA ASP A 337 -34.85 20.29 9.45
C ASP A 337 -34.26 20.19 10.85
N LEU A 338 -33.84 21.34 11.38
CA LEU A 338 -33.19 21.40 12.69
C LEU A 338 -33.60 22.66 13.45
N GLY A 364 -20.91 34.98 4.95
CA GLY A 364 -20.40 34.72 3.61
C GLY A 364 -20.71 33.31 3.11
N LEU A 365 -20.04 32.92 2.04
CA LEU A 365 -20.23 31.62 1.39
C LEU A 365 -19.33 30.55 2.01
N THR A 366 -19.74 29.28 1.87
CA THR A 366 -18.92 28.15 2.30
C THR A 366 -17.75 27.98 1.33
N TYR A 367 -16.66 27.39 1.82
CA TYR A 367 -15.46 27.14 1.02
C TYR A 367 -15.78 26.44 -0.29
N SER A 368 -16.71 25.48 -0.26
CA SER A 368 -17.12 24.75 -1.44
C SER A 368 -18.09 25.53 -2.35
N GLN A 369 -18.75 26.54 -1.79
CA GLN A 369 -19.57 27.46 -2.59
C GLN A 369 -18.66 28.38 -3.42
N LEU A 370 -17.53 28.76 -2.84
CA LEU A 370 -16.55 29.63 -3.49
C LEU A 370 -15.95 29.02 -4.76
N MET A 371 -15.60 27.74 -4.68
CA MET A 371 -14.96 27.03 -5.79
C MET A 371 -15.94 26.80 -6.95
N THR A 372 -17.22 26.73 -6.62
CA THR A 372 -18.27 26.66 -7.61
C THR A 372 -18.48 28.02 -8.26
N LEU A 373 -18.34 29.08 -7.47
CA LEU A 373 -18.47 30.45 -7.97
C LEU A 373 -17.34 30.81 -8.92
N LYS A 374 -16.10 30.47 -8.54
CA LYS A 374 -14.93 30.72 -9.38
C LYS A 374 -14.98 29.95 -10.69
N ASP A 375 -15.50 28.72 -10.62
CA ASP A 375 -15.72 27.88 -11.80
C ASP A 375 -16.83 28.42 -12.71
N ALA A 376 -17.83 29.06 -12.10
CA ALA A 376 -18.94 29.65 -12.84
C ALA A 376 -18.51 30.84 -13.68
N MET A 377 -17.56 31.62 -13.16
CA MET A 377 -17.09 32.85 -13.79
C MET A 377 -16.31 32.61 -15.09
N LEU A 378 -15.86 31.37 -15.29
CA LEU A 378 -15.03 31.00 -16.44
C LEU A 378 -15.79 31.00 -17.77
N GLN A 379 -17.12 31.09 -17.68
CA GLN A 379 -17.98 31.18 -18.85
C GLN A 379 -17.77 32.49 -19.61
N LEU A 380 -17.56 33.56 -18.87
CA LEU A 380 -17.43 34.90 -19.43
C LEU A 380 -16.23 35.05 -20.36
N ASP A 381 -16.40 35.82 -21.43
CA ASP A 381 -15.27 36.31 -22.21
C ASP A 381 -14.77 37.57 -21.50
N PRO A 382 -13.56 37.49 -20.92
CA PRO A 382 -13.00 38.61 -20.15
C PRO A 382 -12.61 39.79 -21.04
N ASN A 383 -12.42 39.51 -22.32
CA ASN A 383 -12.01 40.53 -23.28
C ASN A 383 -13.19 41.17 -24.03
N ALA A 384 -14.36 40.52 -23.95
CA ALA A 384 -15.57 41.00 -24.62
C ALA A 384 -16.15 42.25 -23.96
N LYS A 385 -17.13 42.86 -24.61
CA LYS A 385 -17.85 44.01 -24.03
C LYS A 385 -18.64 43.52 -22.81
N THR A 386 -18.57 44.30 -21.71
CA THR A 386 -19.19 43.90 -20.45
C THR A 386 -19.78 45.09 -19.68
N TRP A 387 -21.08 45.03 -19.39
CA TRP A 387 -21.76 46.10 -18.66
C TRP A 387 -21.85 45.80 -17.16
N MET A 388 -22.13 46.85 -16.39
CA MET A 388 -22.44 46.71 -14.97
C MET A 388 -23.42 47.80 -14.51
N ASP A 389 -24.22 47.47 -13.51
CA ASP A 389 -25.26 48.36 -12.98
C ASP A 389 -25.68 47.87 -11.60
N ILE A 390 -25.86 48.81 -10.66
CA ILE A 390 -26.28 48.49 -9.30
C ILE A 390 -27.52 49.27 -8.86
N GLU A 391 -28.34 48.62 -8.04
CA GLU A 391 -29.43 49.30 -7.35
C GLU A 391 -29.08 49.38 -5.87
N GLY A 392 -29.51 50.46 -5.23
CA GLY A 392 -29.09 50.76 -3.87
C GLY A 392 -27.78 51.53 -3.89
N ARG A 393 -27.44 52.17 -2.78
CA ARG A 393 -26.24 53.00 -2.67
C ARG A 393 -24.96 52.20 -2.91
N PRO A 394 -23.93 52.84 -3.50
CA PRO A 394 -22.63 52.20 -3.71
C PRO A 394 -22.02 51.60 -2.45
N GLU A 395 -22.42 52.12 -1.28
CA GLU A 395 -21.96 51.59 0.00
C GLU A 395 -22.89 50.51 0.56
N ASP A 396 -24.01 50.30 -0.12
CA ASP A 396 -25.06 49.39 0.34
C ASP A 396 -25.89 48.80 -0.82
N PRO A 397 -25.22 48.11 -1.77
CA PRO A 397 -25.92 47.61 -2.95
C PRO A 397 -26.87 46.46 -2.65
N VAL A 398 -28.08 46.55 -3.19
CA VAL A 398 -29.09 45.51 -2.99
C VAL A 398 -29.25 44.62 -4.23
N GLU A 399 -28.95 45.17 -5.40
CA GLU A 399 -29.01 44.43 -6.65
C GLU A 399 -27.81 44.76 -7.52
N VAL A 400 -27.15 43.72 -8.03
CA VAL A 400 -25.95 43.87 -8.85
C VAL A 400 -26.11 43.02 -10.12
N ALA A 401 -25.73 43.60 -11.26
CA ALA A 401 -25.78 42.88 -12.53
C ALA A 401 -24.67 43.26 -13.50
N LEU A 402 -24.11 42.24 -14.14
CA LEU A 402 -23.14 42.42 -15.22
C LEU A 402 -23.70 41.75 -16.46
N TYR A 403 -23.44 42.32 -17.63
CA TYR A 403 -24.03 41.82 -18.86
C TYR A 403 -23.06 41.82 -20.05
N GLN A 404 -22.91 40.64 -20.65
CA GLN A 404 -22.14 40.49 -21.89
C GLN A 404 -23.10 40.27 -23.06
N PRO A 405 -23.25 41.27 -23.94
CA PRO A 405 -24.29 41.31 -24.98
C PRO A 405 -24.08 40.38 -26.18
N ILE A 406 -22.88 39.84 -26.33
CA ILE A 406 -22.58 39.01 -27.51
C ILE A 406 -22.79 37.51 -27.22
N SER A 407 -22.23 37.03 -26.12
CA SER A 407 -22.46 35.66 -25.69
C SER A 407 -23.82 35.54 -24.99
N GLY A 408 -24.38 36.69 -24.62
CA GLY A 408 -25.70 36.77 -24.00
C GLY A 408 -25.73 36.41 -22.53
N CYS A 409 -24.55 36.30 -21.92
CA CYS A 409 -24.45 35.82 -20.54
C CYS A 409 -24.42 36.96 -19.51
N TYR A 410 -25.00 36.69 -18.34
CA TYR A 410 -25.16 37.69 -17.30
C TYR A 410 -24.87 37.17 -15.89
N ILE A 411 -24.43 38.07 -15.03
CA ILE A 411 -24.34 37.84 -13.60
C ILE A 411 -25.46 38.64 -12.94
N HIS A 412 -26.27 37.98 -12.12
CA HIS A 412 -27.42 38.61 -11.49
C HIS A 412 -27.66 38.08 -10.09
N PHE A 413 -27.48 38.94 -9.09
CA PHE A 413 -27.62 38.55 -7.68
C PHE A 413 -28.09 39.69 -6.78
N PHE A 414 -28.51 39.35 -5.57
CA PHE A 414 -29.06 40.32 -4.62
C PHE A 414 -28.28 40.35 -3.31
N ARG A 415 -28.43 41.44 -2.55
CA ARG A 415 -27.79 41.59 -1.24
C ARG A 415 -28.68 42.28 -0.19
N GLU A 416 -28.61 41.77 1.04
CA GLU A 416 -29.23 42.39 2.21
C GLU A 416 -28.59 43.75 2.52
N PRO A 417 -29.41 44.81 2.66
CA PRO A 417 -28.87 46.12 3.01
C PRO A 417 -28.50 46.26 4.50
N THR A 418 -27.96 47.41 4.87
CA THR A 418 -27.73 47.74 6.28
C THR A 418 -28.46 49.05 6.61
N ASP A 419 -28.41 50.00 5.69
CA ASP A 419 -29.09 51.28 5.82
C ASP A 419 -30.56 51.12 5.48
N LEU A 420 -31.35 50.67 6.46
CA LEU A 420 -32.80 50.57 6.34
C LEU A 420 -33.44 51.91 5.96
N LYS A 421 -32.83 53.00 6.41
CA LYS A 421 -33.33 54.34 6.14
C LYS A 421 -33.22 54.72 4.66
N GLN A 422 -32.01 54.61 4.11
CA GLN A 422 -31.77 54.90 2.69
C GLN A 422 -32.47 53.90 1.75
N PHE A 423 -32.67 52.67 2.24
CA PHE A 423 -33.37 51.65 1.46
C PHE A 423 -34.78 52.08 1.07
N LYS A 424 -35.55 52.52 2.07
CA LYS A 424 -36.97 52.82 1.91
C LYS A 424 -37.26 53.89 0.87
N GLN A 425 -36.43 54.92 0.83
CA GLN A 425 -36.58 56.00 -0.14
C GLN A 425 -36.12 55.61 -1.53
N ASP A 426 -35.17 54.66 -1.59
CA ASP A 426 -34.74 54.09 -2.86
C ASP A 426 -35.84 53.20 -3.43
N ALA A 427 -36.41 52.35 -2.58
CA ALA A 427 -37.50 51.48 -2.97
C ALA A 427 -38.63 52.28 -3.65
N LYS A 428 -39.04 53.38 -3.03
CA LYS A 428 -40.13 54.20 -3.56
C LYS A 428 -39.72 55.05 -4.76
N TYR A 429 -38.42 55.28 -4.92
CA TYR A 429 -37.91 56.12 -6.03
C TYR A 429 -37.11 55.39 -7.12
N SER A 430 -36.75 54.13 -6.89
CA SER A 430 -35.83 53.42 -7.79
C SER A 430 -36.20 51.97 -8.10
N HIS A 431 -36.02 51.07 -7.14
CA HIS A 431 -36.15 49.63 -7.40
C HIS A 431 -37.45 48.96 -6.97
N GLY A 432 -38.16 49.56 -6.02
CA GLY A 432 -39.41 48.99 -5.51
C GLY A 432 -39.25 47.59 -4.96
N ILE A 433 -38.07 47.31 -4.40
CA ILE A 433 -37.79 46.01 -3.81
C ILE A 433 -38.25 45.97 -2.36
N ASP A 434 -39.03 44.94 -2.03
CA ASP A 434 -39.48 44.66 -0.67
C ASP A 434 -38.33 44.05 0.11
N ILE A 435 -38.04 44.62 1.29
CA ILE A 435 -36.93 44.20 2.14
C ILE A 435 -37.08 42.75 2.65
N ALA A 436 -38.31 42.29 2.78
CA ALA A 436 -38.61 40.95 3.27
C ALA A 436 -38.27 39.86 2.25
N ASP A 437 -38.17 40.26 0.97
CA ASP A 437 -37.80 39.33 -0.09
C ASP A 437 -36.28 39.15 -0.21
N LEU A 438 -35.52 39.91 0.58
CA LEU A 438 -34.05 39.89 0.50
C LEU A 438 -33.34 39.12 1.62
N PHE A 439 -34.08 38.74 2.66
CA PHE A 439 -33.48 38.05 3.80
C PHE A 439 -32.97 36.65 3.45
N ALA A 440 -33.54 36.06 2.40
CA ALA A 440 -33.17 34.72 1.96
C ALA A 440 -32.07 34.74 0.90
N ALA A 441 -31.57 35.94 0.58
CA ALA A 441 -30.46 36.09 -0.36
C ALA A 441 -29.14 35.61 0.27
N GLN A 442 -28.28 35.02 -0.56
CA GLN A 442 -26.98 34.56 -0.11
C GLN A 442 -26.10 35.73 0.33
N PRO A 443 -25.53 35.65 1.55
CA PRO A 443 -24.57 36.64 2.01
C PRO A 443 -23.16 36.39 1.48
N GLY A 444 -22.37 37.46 1.35
CA GLY A 444 -21.00 37.36 0.86
C GLY A 444 -20.87 37.34 -0.66
N LEU A 445 -21.99 37.27 -1.36
CA LEU A 445 -22.01 37.19 -2.82
C LEU A 445 -21.44 38.41 -3.54
N THR A 446 -21.51 39.58 -2.92
CA THR A 446 -20.93 40.78 -3.52
C THR A 446 -19.41 40.68 -3.56
N SER A 447 -18.83 40.36 -2.40
CA SER A 447 -17.39 40.16 -2.24
C SER A 447 -16.82 39.16 -3.25
N ALA A 448 -17.37 37.95 -3.23
CA ALA A 448 -16.81 36.82 -3.96
C ALA A 448 -16.86 36.98 -5.48
N VAL A 449 -17.92 37.61 -5.98
CA VAL A 449 -18.09 37.86 -7.42
C VAL A 449 -17.10 38.92 -7.91
N ILE A 450 -17.05 40.05 -7.22
CA ILE A 450 -16.15 41.16 -7.57
C ILE A 450 -14.68 40.72 -7.51
N GLU A 451 -14.36 39.82 -6.58
CA GLU A 451 -13.02 39.24 -6.49
C GLU A 451 -12.68 38.45 -7.76
N ALA A 452 -13.53 37.48 -8.08
CA ALA A 452 -13.31 36.54 -9.19
C ALA A 452 -13.41 37.12 -10.60
N LEU A 453 -13.76 38.40 -10.70
CA LEU A 453 -13.78 39.08 -11.99
C LEU A 453 -12.36 39.19 -12.53
N PRO A 454 -12.13 38.73 -13.78
CA PRO A 454 -10.79 38.69 -14.37
C PRO A 454 -10.06 40.03 -14.29
N ARG A 455 -8.75 39.99 -14.07
CA ARG A 455 -7.93 41.19 -14.03
C ARG A 455 -7.92 41.86 -15.41
N ASN A 456 -7.98 43.20 -15.40
CA ASN A 456 -7.96 44.02 -16.61
C ASN A 456 -9.13 43.73 -17.55
N MET A 457 -10.34 43.99 -17.05
CA MET A 457 -11.57 43.88 -17.82
C MET A 457 -12.07 45.28 -18.11
N VAL A 458 -12.85 45.43 -19.17
CA VAL A 458 -13.39 46.72 -19.57
C VAL A 458 -14.90 46.75 -19.33
N ILE A 459 -15.32 47.61 -18.40
CA ILE A 459 -16.74 47.72 -18.03
C ILE A 459 -17.35 49.00 -18.57
N THR A 460 -18.41 48.85 -19.36
CA THR A 460 -19.23 49.97 -19.79
C THR A 460 -20.34 50.16 -18.77
N CYS A 461 -20.65 51.41 -18.43
CA CYS A 461 -21.71 51.70 -17.46
C CYS A 461 -22.31 53.09 -17.61
N GLN A 462 -23.59 53.22 -17.27
CA GLN A 462 -24.24 54.51 -17.16
C GLN A 462 -23.95 55.10 -15.77
N GLY A 463 -23.11 56.13 -15.73
CA GLY A 463 -22.68 56.75 -14.49
C GLY A 463 -21.60 55.92 -13.82
N SER A 464 -20.37 56.45 -13.78
CA SER A 464 -19.24 55.71 -13.23
C SER A 464 -18.97 55.98 -11.77
N GLU A 465 -19.19 57.23 -11.34
CA GLU A 465 -19.01 57.63 -9.95
C GLU A 465 -19.40 56.48 -9.01
N ASP A 466 -20.59 55.93 -9.24
CA ASP A 466 -21.16 54.85 -8.43
C ASP A 466 -20.41 53.51 -8.52
N ILE A 467 -20.20 53.02 -9.74
CA ILE A 467 -19.52 51.74 -9.98
C ILE A 467 -18.07 51.79 -9.46
N LYS A 468 -17.46 52.97 -9.62
CA LYS A 468 -16.09 53.25 -9.18
C LYS A 468 -15.90 52.94 -7.70
N LYS A 469 -16.78 53.46 -6.86
CA LYS A 469 -16.67 53.31 -5.40
C LYS A 469 -16.90 51.89 -4.90
N LEU A 470 -17.69 51.12 -5.65
CA LEU A 470 -18.01 49.74 -5.26
C LEU A 470 -16.89 48.77 -5.62
N LEU A 471 -16.33 48.93 -6.82
CA LEU A 471 -15.18 48.12 -7.25
C LEU A 471 -13.93 48.48 -6.47
N GLU A 472 -13.82 49.76 -6.10
CA GLU A 472 -12.67 50.29 -5.36
C GLU A 472 -12.50 49.61 -4.01
N SER A 473 -13.53 49.71 -3.17
CA SER A 473 -13.50 49.23 -1.78
C SER A 473 -13.54 47.70 -1.69
N GLN A 474 -12.97 47.05 -2.70
CA GLN A 474 -13.06 45.60 -2.86
C GLN A 474 -11.76 45.06 -3.44
N GLY A 475 -10.85 45.97 -3.77
CA GLY A 475 -9.51 45.60 -4.25
C GLY A 475 -9.31 45.86 -5.73
N ARG A 476 -10.37 46.30 -6.40
CA ARG A 476 -10.32 46.47 -7.84
C ARG A 476 -10.25 47.94 -8.26
N LYS A 477 -9.02 48.38 -8.54
CA LYS A 477 -8.74 49.67 -9.16
C LYS A 477 -8.21 49.41 -10.56
N ASP A 478 -7.69 48.20 -10.76
CA ASP A 478 -7.13 47.74 -12.04
C ASP A 478 -8.12 47.77 -13.21
N ILE A 479 -9.40 47.70 -12.90
CA ILE A 479 -10.45 47.68 -13.92
C ILE A 479 -10.75 49.09 -14.41
N LYS A 480 -10.60 49.31 -15.71
CA LYS A 480 -10.91 50.62 -16.30
C LYS A 480 -12.41 50.72 -16.60
N LEU A 481 -12.96 51.90 -16.35
CA LEU A 481 -14.38 52.12 -16.53
C LEU A 481 -14.66 53.07 -17.69
N ILE A 482 -15.62 52.69 -18.53
CA ILE A 482 -16.13 53.56 -19.57
C ILE A 482 -17.56 53.97 -19.24
N ASP A 483 -17.75 55.26 -18.98
CA ASP A 483 -19.08 55.83 -18.85
C ASP A 483 -19.47 56.41 -20.20
N ILE A 484 -20.48 55.81 -20.82
CA ILE A 484 -21.04 56.36 -22.05
C ILE A 484 -21.98 57.51 -21.70
N ALA A 485 -22.10 58.50 -22.59
CA ALA A 485 -22.87 59.70 -22.31
C ALA A 485 -24.29 59.61 -22.87
N LEU A 486 -25.13 58.82 -22.23
CA LEU A 486 -26.54 58.75 -22.57
C LEU A 486 -27.31 59.60 -21.59
N SER A 487 -28.05 60.59 -22.10
CA SER A 487 -28.90 61.42 -21.26
C SER A 487 -30.12 60.63 -20.81
N LYS A 488 -30.97 61.24 -19.99
CA LYS A 488 -32.10 60.57 -19.35
C LYS A 488 -33.03 59.86 -20.36
N ILE A 489 -33.50 60.62 -21.34
CA ILE A 489 -34.48 60.16 -22.33
C ILE A 489 -34.01 58.97 -23.18
N ASP A 490 -32.79 59.06 -23.71
CA ASP A 490 -32.24 58.05 -24.63
C ASP A 490 -31.86 56.74 -23.94
N SER A 491 -31.47 56.81 -22.67
CA SER A 491 -31.06 55.63 -21.92
C SER A 491 -32.25 54.69 -21.64
N ARG A 492 -33.46 55.20 -21.78
CA ARG A 492 -34.66 54.41 -21.56
C ARG A 492 -35.60 54.41 -22.76
N LYS A 493 -35.02 54.32 -23.95
CA LYS A 493 -35.77 54.28 -25.21
C LYS A 493 -36.43 52.92 -25.38
N PHE A 494 -35.64 51.87 -25.22
CA PHE A 494 -36.11 50.50 -25.37
C PHE A 494 -36.44 49.87 -24.01
N GLU A 495 -36.95 50.67 -23.09
CA GLU A 495 -37.27 50.19 -21.74
C GLU A 495 -38.41 49.18 -21.79
N ASN A 496 -39.50 49.56 -22.45
CA ASN A 496 -40.65 48.69 -22.62
C ASN A 496 -40.34 47.40 -23.39
N ALA A 497 -39.48 47.50 -24.38
CA ALA A 497 -39.08 46.35 -25.18
C ALA A 497 -38.30 45.32 -24.36
N VAL A 498 -37.38 45.80 -23.52
CA VAL A 498 -36.54 44.94 -22.68
C VAL A 498 -37.37 44.16 -21.65
N TRP A 499 -38.31 44.85 -21.00
CA TRP A 499 -39.18 44.20 -20.03
C TRP A 499 -40.15 43.21 -20.69
N ASP A 500 -40.62 43.54 -21.88
CA ASP A 500 -41.50 42.65 -22.64
C ASP A 500 -40.81 41.33 -22.97
N GLN A 501 -39.52 41.42 -23.26
CA GLN A 501 -38.74 40.28 -23.74
C GLN A 501 -38.09 39.49 -22.61
N TYR A 502 -37.82 40.16 -21.49
CA TYR A 502 -36.97 39.58 -20.44
C TYR A 502 -37.50 39.61 -19.00
N LYS A 503 -38.77 40.02 -18.81
CA LYS A 503 -39.39 40.09 -17.49
C LYS A 503 -39.08 38.91 -16.56
N ASP A 504 -39.27 37.70 -17.08
CA ASP A 504 -39.11 36.44 -16.34
C ASP A 504 -37.76 36.29 -15.63
N LEU A 505 -36.77 37.08 -16.04
CA LEU A 505 -35.43 36.99 -15.47
C LEU A 505 -35.27 37.69 -14.11
N CYS A 506 -36.24 38.52 -13.73
CA CYS A 506 -36.23 39.20 -12.41
C CYS A 506 -37.62 39.41 -11.82
N HIS A 507 -37.84 38.83 -10.64
CA HIS A 507 -39.13 38.91 -9.95
C HIS A 507 -39.04 39.68 -8.62
N MET A 508 -37.92 40.38 -8.42
CA MET A 508 -37.64 41.08 -7.16
C MET A 508 -38.34 42.42 -7.03
N HIS A 509 -38.79 42.98 -8.15
CA HIS A 509 -39.38 44.33 -8.17
C HIS A 509 -40.90 44.28 -8.18
N THR A 510 -41.50 44.52 -7.01
CA THR A 510 -42.95 44.44 -6.82
C THR A 510 -43.60 45.78 -6.46
N GLY A 511 -42.85 46.65 -5.78
CA GLY A 511 -43.37 47.92 -5.27
C GLY A 511 -43.68 48.98 -6.31
N VAL A 512 -44.50 49.95 -5.93
CA VAL A 512 -44.90 51.03 -6.83
C VAL A 512 -43.95 52.22 -6.71
N VAL A 513 -43.22 52.47 -7.79
CA VAL A 513 -42.20 53.52 -7.84
C VAL A 513 -42.81 54.76 -8.49
N VAL A 514 -42.48 55.95 -7.95
CA VAL A 514 -43.02 57.20 -8.48
C VAL A 514 -41.96 58.28 -8.70
N GLU A 515 -42.26 59.22 -9.60
CA GLU A 515 -41.40 60.38 -9.85
C GLU A 515 -42.09 61.67 -9.44
N LYS A 516 -41.29 62.67 -9.09
CA LYS A 516 -41.79 64.02 -8.82
C LYS A 516 -41.92 64.82 -10.11
N LYS A 522 -47.34 63.91 -8.66
CA LYS A 522 -46.52 62.71 -8.81
C LYS A 522 -47.24 61.60 -9.58
N GLU A 523 -46.47 60.75 -10.25
CA GLU A 523 -47.02 59.63 -11.02
C GLU A 523 -46.12 58.39 -11.02
N GLU A 524 -46.75 57.23 -11.18
CA GLU A 524 -46.07 55.94 -11.17
C GLU A 524 -45.13 55.80 -12.35
N ILE A 525 -43.98 55.18 -12.11
CA ILE A 525 -43.05 54.84 -13.20
C ILE A 525 -42.61 53.37 -13.09
N THR A 526 -41.91 52.89 -14.11
CA THR A 526 -41.40 51.52 -14.10
C THR A 526 -40.16 51.44 -13.20
N PRO A 527 -40.16 50.50 -12.23
CA PRO A 527 -39.06 50.27 -11.29
C PRO A 527 -37.74 49.94 -11.99
N HIS A 528 -36.63 50.40 -11.43
CA HIS A 528 -35.30 50.19 -11.99
C HIS A 528 -34.71 48.85 -11.56
N CYS A 529 -34.35 48.05 -12.56
CA CYS A 529 -33.72 46.76 -12.36
C CYS A 529 -32.30 46.84 -12.91
N ALA A 530 -31.35 46.30 -12.15
CA ALA A 530 -29.93 46.36 -12.52
C ALA A 530 -29.65 45.63 -13.83
N LEU A 531 -30.23 44.45 -13.98
CA LEU A 531 -30.06 43.61 -15.16
C LEU A 531 -30.78 44.19 -16.37
N MET A 532 -32.02 44.66 -16.18
CA MET A 532 -32.78 45.25 -17.28
C MET A 532 -32.19 46.58 -17.73
N ASP A 533 -31.54 47.29 -16.80
CA ASP A 533 -30.78 48.50 -17.13
C ASP A 533 -29.59 48.16 -18.03
N CYS A 534 -28.82 47.13 -17.64
CA CYS A 534 -27.69 46.66 -18.43
C CYS A 534 -28.09 46.36 -19.89
N ILE A 535 -29.19 45.62 -20.05
CA ILE A 535 -29.72 45.22 -21.36
C ILE A 535 -30.22 46.42 -22.18
N MET A 536 -30.94 47.34 -21.52
CA MET A 536 -31.50 48.51 -22.20
C MET A 536 -30.47 49.60 -22.51
N PHE A 537 -29.44 49.72 -21.67
CA PHE A 537 -28.33 50.65 -21.93
C PHE A 537 -27.48 50.17 -23.10
N ASP A 538 -27.46 48.86 -23.32
CA ASP A 538 -26.79 48.28 -24.48
C ASP A 538 -27.68 48.48 -25.72
N ALA A 539 -28.99 48.38 -25.53
CA ALA A 539 -29.97 48.60 -26.60
C ALA A 539 -29.89 50.02 -27.16
N ALA A 540 -29.70 50.99 -26.26
CA ALA A 540 -29.54 52.39 -26.65
C ALA A 540 -28.36 52.56 -27.60
N VAL A 541 -27.21 52.02 -27.20
CA VAL A 541 -25.97 52.08 -27.97
C VAL A 541 -26.11 51.44 -29.35
N SER A 542 -26.60 50.21 -29.38
CA SER A 542 -26.75 49.42 -30.62
C SER A 542 -27.82 49.95 -31.56
N GLY A 543 -28.71 50.80 -31.04
CA GLY A 543 -29.84 51.33 -31.79
C GLY A 543 -30.95 50.31 -31.99
N GLY A 544 -30.85 49.19 -31.27
CA GLY A 544 -31.83 48.12 -31.36
C GLY A 544 -31.60 47.01 -30.36
N LEU A 545 -32.70 46.54 -29.76
CA LEU A 545 -32.67 45.41 -28.85
C LEU A 545 -32.45 44.14 -29.66
N ASN A 546 -31.57 43.29 -29.16
CA ASN A 546 -31.30 42.00 -29.79
C ASN A 546 -32.43 41.01 -29.47
N THR A 547 -32.51 39.92 -30.23
CA THR A 547 -33.60 38.95 -30.06
C THR A 547 -33.07 37.56 -29.67
N LEU A 548 -32.54 37.45 -28.45
CA LEU A 548 -31.88 36.23 -28.01
C LEU A 548 -32.33 35.70 -26.63
N VAL A 549 -32.15 34.40 -26.42
CA VAL A 549 -32.36 33.77 -25.11
C VAL A 549 -31.06 33.85 -24.30
N LEU A 550 -31.15 34.40 -23.09
CA LEU A 550 -29.98 34.71 -22.26
C LEU A 550 -29.55 33.55 -21.35
N ARG A 551 -28.24 33.48 -21.12
CA ARG A 551 -27.65 32.45 -20.26
C ARG A 551 -27.08 33.07 -18.99
N ALA A 552 -27.35 32.43 -17.86
CA ALA A 552 -26.86 32.92 -16.57
C ALA A 552 -25.51 32.31 -16.22
N VAL A 553 -24.60 33.16 -15.74
CA VAL A 553 -23.28 32.76 -15.30
C VAL A 553 -23.37 31.98 -13.98
N LEU A 554 -24.18 32.50 -13.06
CA LEU A 554 -24.34 31.92 -11.74
C LEU A 554 -25.28 30.72 -11.74
N PRO A 555 -24.93 29.65 -10.98
CA PRO A 555 -25.87 28.58 -10.70
C PRO A 555 -27.08 29.14 -9.97
N ARG A 556 -28.29 28.78 -10.40
CA ARG A 556 -29.51 29.39 -9.87
C ARG A 556 -29.67 29.20 -8.37
N ASP A 557 -29.33 28.00 -7.88
CA ASP A 557 -29.44 27.66 -6.45
C ASP A 557 -28.62 28.58 -5.55
N MET A 558 -27.51 29.10 -6.07
CA MET A 558 -26.52 29.86 -5.30
C MET A 558 -26.94 31.28 -4.92
N VAL A 559 -27.92 31.83 -5.63
CA VAL A 559 -28.37 33.21 -5.42
C VAL A 559 -29.08 33.40 -4.08
N PHE A 560 -29.99 32.49 -3.75
CA PHE A 560 -30.72 32.54 -2.47
C PHE A 560 -30.35 31.36 -1.57
N ARG A 561 -30.33 31.61 -0.26
CA ARG A 561 -30.12 30.55 0.73
C ARG A 561 -31.40 29.76 0.97
N LYS B 8 -6.85 -14.04 4.30
CA LYS B 8 -5.77 -14.42 5.26
C LYS B 8 -4.84 -15.52 4.71
N SER B 9 -5.43 -16.52 4.07
CA SER B 9 -4.64 -17.52 3.36
C SER B 9 -4.55 -17.14 1.88
N PHE B 10 -5.51 -16.32 1.44
CA PHE B 10 -5.51 -15.80 0.08
C PHE B 10 -4.56 -14.61 -0.05
N LEU B 11 -4.30 -13.95 1.08
CA LEU B 11 -3.34 -12.84 1.17
C LEU B 11 -1.91 -13.32 0.94
N TRP B 12 -1.59 -14.48 1.50
CA TRP B 12 -0.29 -15.11 1.30
C TRP B 12 -0.14 -15.46 -0.18
N THR B 13 -1.21 -16.01 -0.74
CA THR B 13 -1.27 -16.40 -2.15
C THR B 13 -1.07 -15.18 -3.06
N GLN B 14 -1.74 -14.07 -2.73
CA GLN B 14 -1.67 -12.85 -3.54
C GLN B 14 -0.26 -12.27 -3.64
N SER B 15 0.38 -12.09 -2.48
CA SER B 15 1.75 -11.57 -2.42
C SER B 15 2.74 -12.47 -3.16
N LEU B 16 2.55 -13.79 -3.04
CA LEU B 16 3.38 -14.78 -3.73
C LEU B 16 3.23 -14.70 -5.26
N ARG B 17 2.03 -14.38 -5.74
CA ARG B 17 1.79 -14.16 -7.17
C ARG B 17 2.68 -13.06 -7.75
N ARG B 18 2.64 -11.88 -7.13
CA ARG B 18 3.44 -10.73 -7.54
C ARG B 18 4.93 -11.03 -7.57
N GLU B 19 5.45 -11.54 -6.45
CA GLU B 19 6.88 -11.80 -6.30
C GLU B 19 7.41 -12.84 -7.29
N LEU B 20 6.58 -13.83 -7.60
CA LEU B 20 6.99 -14.96 -8.44
C LEU B 20 6.41 -14.90 -9.85
N SER B 21 5.80 -13.76 -10.17
CA SER B 21 5.16 -13.54 -11.47
C SER B 21 6.07 -13.74 -12.69
N GLY B 22 7.38 -13.61 -12.48
CA GLY B 22 8.36 -13.74 -13.55
C GLY B 22 8.70 -15.17 -13.93
N TYR B 23 8.24 -16.11 -13.10
CA TYR B 23 8.43 -17.53 -13.35
C TYR B 23 7.16 -18.15 -13.94
N CYS B 24 6.12 -17.32 -14.09
CA CYS B 24 4.82 -17.77 -14.59
C CYS B 24 4.64 -17.51 -16.08
N SER B 25 3.78 -18.32 -16.69
CA SER B 25 3.56 -18.31 -18.14
C SER B 25 2.22 -18.93 -18.51
N ASN B 26 1.83 -18.76 -19.77
CA ASN B 26 0.65 -19.43 -20.32
C ASN B 26 0.96 -20.90 -20.63
N ILE B 27 0.07 -21.80 -20.20
CA ILE B 27 0.25 -23.24 -20.44
C ILE B 27 -0.99 -23.94 -20.98
N LYS B 28 -2.04 -23.16 -21.26
CA LYS B 28 -3.33 -23.69 -21.73
C LYS B 28 -3.19 -24.72 -22.84
N LEU B 29 -2.45 -24.39 -23.89
CA LEU B 29 -2.27 -25.28 -25.04
C LEU B 29 -1.67 -26.64 -24.67
N GLN B 30 -0.69 -26.63 -23.78
CA GLN B 30 -0.05 -27.84 -23.28
C GLN B 30 -0.99 -28.66 -22.39
N VAL B 31 -1.84 -27.97 -21.63
CA VAL B 31 -2.82 -28.61 -20.74
C VAL B 31 -3.97 -29.27 -21.54
N VAL B 32 -4.62 -28.47 -22.41
CA VAL B 32 -5.75 -28.94 -23.21
C VAL B 32 -5.36 -30.11 -24.12
N LYS B 33 -4.10 -30.09 -24.59
CA LYS B 33 -3.51 -31.18 -25.38
C LYS B 33 -3.46 -32.48 -24.57
N ASP B 34 -3.09 -32.36 -23.30
CA ASP B 34 -3.03 -33.51 -22.39
C ASP B 34 -4.43 -34.01 -22.04
N ALA B 35 -5.38 -33.09 -21.85
CA ALA B 35 -6.77 -33.44 -21.58
C ALA B 35 -7.38 -34.22 -22.74
N GLN B 36 -7.23 -33.68 -23.95
CA GLN B 36 -7.72 -34.33 -25.17
C GLN B 36 -7.05 -35.67 -25.44
N ALA B 37 -5.78 -35.78 -25.09
CA ALA B 37 -5.03 -37.04 -25.19
C ALA B 37 -5.51 -38.07 -24.17
N LEU B 38 -5.91 -37.61 -22.99
CA LEU B 38 -6.52 -38.49 -21.99
C LEU B 38 -7.91 -38.91 -22.44
N LEU B 39 -8.70 -37.97 -22.93
CA LEU B 39 -10.02 -38.22 -23.52
C LEU B 39 -9.97 -39.25 -24.64
N HIS B 40 -8.78 -39.40 -25.21
CA HIS B 40 -8.54 -40.26 -26.36
C HIS B 40 -7.98 -41.60 -25.92
N GLY B 41 -7.06 -41.56 -24.97
CA GLY B 41 -6.35 -42.75 -24.53
C GLY B 41 -6.89 -43.46 -23.29
N LEU B 42 -7.36 -42.69 -22.32
CA LEU B 42 -7.68 -43.23 -20.99
C LEU B 42 -8.98 -44.03 -20.92
N ASP B 43 -8.95 -45.11 -20.15
CA ASP B 43 -10.15 -45.88 -19.84
C ASP B 43 -10.85 -45.23 -18.66
N PHE B 44 -11.93 -44.51 -18.94
CA PHE B 44 -12.65 -43.73 -17.93
C PHE B 44 -13.54 -44.55 -17.01
N SER B 45 -13.80 -45.81 -17.38
CA SER B 45 -14.48 -46.76 -16.50
C SER B 45 -13.55 -47.15 -15.34
N GLU B 46 -12.24 -47.11 -15.62
CA GLU B 46 -11.23 -47.37 -14.61
C GLU B 46 -11.07 -46.16 -13.67
N VAL B 47 -11.33 -44.97 -14.20
CA VAL B 47 -11.42 -43.76 -13.38
C VAL B 47 -12.54 -43.94 -12.35
N SER B 48 -13.67 -44.44 -12.82
CA SER B 48 -14.83 -44.73 -11.97
C SER B 48 -14.54 -45.83 -10.95
N ASN B 49 -13.73 -46.80 -11.35
CA ASN B 49 -13.33 -47.90 -10.48
C ASN B 49 -12.44 -47.44 -9.31
N VAL B 50 -11.50 -46.54 -9.62
CA VAL B 50 -10.60 -45.94 -8.63
C VAL B 50 -11.36 -45.02 -7.68
N GLN B 51 -12.37 -44.32 -8.19
CA GLN B 51 -13.22 -43.45 -7.37
C GLN B 51 -14.06 -44.29 -6.40
N ARG B 52 -14.64 -45.37 -6.90
CA ARG B 52 -15.34 -46.35 -6.08
C ARG B 52 -14.46 -46.87 -4.93
N LEU B 53 -13.16 -47.06 -5.21
CA LEU B 53 -12.22 -47.52 -4.20
C LEU B 53 -11.87 -46.43 -3.19
N MET B 54 -11.93 -45.17 -3.62
CA MET B 54 -11.69 -44.03 -2.75
C MET B 54 -12.89 -43.71 -1.86
N ARG B 55 -14.03 -44.34 -2.14
CA ARG B 55 -15.21 -44.19 -1.29
C ARG B 55 -15.17 -45.13 -0.09
N LYS B 56 -14.41 -46.22 -0.21
CA LYS B 56 -14.22 -47.20 0.86
C LYS B 56 -13.50 -46.59 2.05
N GLN B 57 -13.99 -46.87 3.26
CA GLN B 57 -13.36 -46.41 4.49
C GLN B 57 -12.09 -47.22 4.80
N ARG B 58 -12.03 -48.45 4.29
CA ARG B 58 -10.87 -49.31 4.47
C ARG B 58 -10.35 -49.85 3.13
N ARG B 59 -9.08 -49.56 2.84
CA ARG B 59 -8.46 -49.90 1.55
C ARG B 59 -7.19 -50.73 1.73
N ASP B 60 -6.85 -51.55 0.74
CA ASP B 60 -5.63 -52.38 0.80
C ASP B 60 -4.73 -52.30 -0.45
N ASP B 61 -3.85 -53.29 -0.61
CA ASP B 61 -2.83 -53.31 -1.67
C ASP B 61 -3.40 -53.47 -3.08
N SER B 62 -4.52 -54.18 -3.17
CA SER B 62 -5.20 -54.39 -4.45
C SER B 62 -5.84 -53.10 -4.94
N ASP B 63 -6.30 -52.28 -3.99
CA ASP B 63 -6.84 -50.96 -4.30
C ASP B 63 -5.71 -50.02 -4.71
N LEU B 64 -4.58 -50.11 -3.99
CA LEU B 64 -3.40 -49.27 -4.27
C LEU B 64 -2.75 -49.59 -5.61
N LYS B 65 -2.67 -50.86 -5.97
CA LYS B 65 -2.15 -51.26 -7.27
C LYS B 65 -3.00 -50.69 -8.40
N ARG B 66 -4.32 -50.78 -8.26
CA ARG B 66 -5.26 -50.23 -9.22
C ARG B 66 -5.10 -48.71 -9.42
N LEU B 67 -4.97 -47.99 -8.32
CA LEU B 67 -4.68 -46.55 -8.37
C LEU B 67 -3.37 -46.26 -9.10
N ARG B 68 -2.31 -46.97 -8.73
CA ARG B 68 -0.99 -46.79 -9.30
C ARG B 68 -0.93 -47.13 -10.79
N ASP B 69 -1.65 -48.18 -11.18
CA ASP B 69 -1.76 -48.57 -12.59
C ASP B 69 -2.48 -47.49 -13.42
N LEU B 70 -3.54 -46.91 -12.86
CA LEU B 70 -4.24 -45.81 -13.51
C LEU B 70 -3.39 -44.54 -13.53
N ASN B 71 -2.60 -44.35 -12.47
CA ASN B 71 -1.66 -43.23 -12.40
C ASN B 71 -0.59 -43.33 -13.49
N GLN B 72 -0.04 -44.52 -13.67
CA GLN B 72 1.00 -44.79 -14.68
C GLN B 72 0.41 -44.92 -16.09
N ALA B 73 -0.92 -44.85 -16.20
CA ALA B 73 -1.58 -44.83 -17.50
C ALA B 73 -1.82 -43.40 -17.96
N VAL B 74 -2.09 -42.52 -17.00
CA VAL B 74 -2.23 -41.09 -17.25
C VAL B 74 -0.86 -40.50 -17.60
N ASN B 75 0.16 -40.93 -16.86
CA ASN B 75 1.54 -40.46 -17.02
C ASN B 75 2.14 -40.77 -18.39
N ASN B 76 1.62 -41.79 -19.07
CA ASN B 76 2.10 -42.18 -20.39
C ASN B 76 1.47 -41.38 -21.54
N LEU B 77 0.54 -40.49 -21.19
CA LEU B 77 -0.27 -39.77 -22.18
C LEU B 77 -0.16 -38.27 -22.07
N VAL B 78 0.29 -37.78 -20.91
CA VAL B 78 0.51 -36.36 -20.72
C VAL B 78 1.96 -35.98 -21.03
N GLU B 79 2.15 -34.75 -21.51
CA GLU B 79 3.49 -34.27 -21.82
C GLU B 79 3.98 -33.29 -20.74
N LEU B 80 3.10 -32.98 -19.78
CA LEU B 80 3.46 -32.18 -18.63
C LEU B 80 3.77 -33.09 -17.44
N LYS B 81 5.05 -33.40 -17.28
CA LYS B 81 5.53 -34.35 -16.28
C LYS B 81 6.72 -33.79 -15.50
N SER B 82 6.86 -34.21 -14.25
CA SER B 82 8.01 -33.85 -13.46
C SER B 82 8.94 -35.05 -13.34
N THR B 83 10.22 -34.81 -13.60
CA THR B 83 11.24 -35.86 -13.60
C THR B 83 11.85 -35.97 -12.20
N GLN B 84 12.41 -37.13 -11.89
CA GLN B 84 13.11 -37.34 -10.62
C GLN B 84 14.43 -36.58 -10.62
N GLN B 85 14.50 -35.55 -9.78
CA GLN B 85 15.69 -34.69 -9.74
C GLN B 85 16.05 -34.29 -8.31
N LYS B 86 17.21 -34.78 -7.86
CA LYS B 86 17.78 -34.39 -6.58
C LYS B 86 18.23 -32.94 -6.64
N SER B 87 18.20 -32.26 -5.50
CA SER B 87 18.59 -30.85 -5.43
C SER B 87 19.46 -30.55 -4.23
N VAL B 88 20.59 -29.89 -4.47
CA VAL B 88 21.54 -29.53 -3.42
C VAL B 88 21.75 -28.02 -3.44
N LEU B 89 21.59 -27.38 -2.29
CA LEU B 89 21.60 -25.92 -2.20
C LEU B 89 22.78 -25.41 -1.39
N ARG B 90 23.45 -24.39 -1.92
CA ARG B 90 24.60 -23.76 -1.25
C ARG B 90 24.47 -22.24 -1.23
N VAL B 91 25.54 -21.55 -0.84
CA VAL B 91 25.51 -20.10 -0.58
C VAL B 91 25.35 -19.17 -1.81
N GLY B 92 25.39 -19.73 -3.02
CA GLY B 92 25.09 -18.96 -4.22
C GLY B 92 23.62 -18.57 -4.29
N THR B 93 23.35 -17.29 -4.59
CA THR B 93 21.99 -16.75 -4.77
C THR B 93 21.20 -16.66 -3.46
N LEU B 94 21.06 -17.79 -2.77
CA LEU B 94 20.51 -17.85 -1.43
C LEU B 94 21.61 -17.51 -0.43
N SER B 95 21.29 -16.65 0.54
CA SER B 95 22.26 -16.29 1.57
C SER B 95 22.43 -17.43 2.56
N SER B 96 23.46 -17.33 3.40
CA SER B 96 23.72 -18.32 4.45
C SER B 96 22.61 -18.31 5.50
N ASP B 97 21.93 -17.16 5.60
CA ASP B 97 20.80 -16.99 6.50
C ASP B 97 19.56 -17.68 5.92
N ASP B 98 19.46 -17.69 4.59
CA ASP B 98 18.34 -18.28 3.87
C ASP B 98 18.30 -19.81 3.91
N LEU B 99 19.47 -20.43 3.94
CA LEU B 99 19.57 -21.89 3.95
C LEU B 99 19.28 -22.47 5.34
N LEU B 100 19.54 -21.66 6.36
CA LEU B 100 19.18 -21.99 7.74
C LEU B 100 17.66 -22.02 7.91
N THR B 101 17.02 -20.98 7.42
CA THR B 101 15.57 -20.84 7.46
C THR B 101 14.87 -21.96 6.70
N LEU B 102 15.40 -22.31 5.53
CA LEU B 102 14.86 -23.41 4.74
C LEU B 102 14.94 -24.74 5.46
N ALA B 103 16.13 -25.06 5.97
CA ALA B 103 16.35 -26.26 6.79
C ALA B 103 15.38 -26.32 7.97
N ALA B 104 15.19 -25.19 8.63
CA ALA B 104 14.23 -25.06 9.74
C ALA B 104 12.81 -25.36 9.29
N ASP B 105 12.36 -24.64 8.27
CA ASP B 105 10.99 -24.76 7.74
C ASP B 105 10.68 -26.12 7.14
N LEU B 106 11.68 -26.74 6.52
CA LEU B 106 11.54 -28.08 5.93
C LEU B 106 11.34 -29.16 6.99
N GLU B 107 12.07 -29.07 8.09
CA GLU B 107 11.94 -30.03 9.20
C GLU B 107 10.64 -29.81 9.99
N LYS B 108 10.13 -28.58 9.98
CA LYS B 108 8.81 -28.25 10.50
C LYS B 108 7.74 -28.87 9.62
N LEU B 109 7.91 -28.69 8.31
CA LEU B 109 7.04 -29.27 7.29
C LEU B 109 7.01 -30.78 7.42
N LYS B 110 8.19 -31.38 7.50
CA LYS B 110 8.36 -32.81 7.75
C LYS B 110 7.37 -33.29 8.82
N SER B 111 7.42 -32.63 9.99
CA SER B 111 6.53 -32.95 11.10
C SER B 111 5.05 -32.83 10.73
N LYS B 112 4.70 -31.75 10.05
CA LYS B 112 3.33 -31.43 9.69
C LYS B 112 2.72 -32.45 8.74
N VAL B 113 3.53 -32.91 7.78
CA VAL B 113 3.06 -33.80 6.72
C VAL B 113 3.01 -35.26 7.19
N THR B 114 3.96 -35.63 8.06
CA THR B 114 3.99 -36.98 8.63
C THR B 114 2.82 -37.21 9.59
N ARG B 115 2.51 -36.21 10.41
CA ARG B 115 1.39 -36.27 11.35
C ARG B 115 0.03 -36.23 10.66
N THR B 116 0.02 -35.77 9.40
CA THR B 116 -1.22 -35.64 8.64
C THR B 116 -1.51 -36.90 7.81
N GLU B 117 -0.47 -37.42 7.16
CA GLU B 117 -0.63 -38.47 6.16
C GLU B 117 -0.29 -39.89 6.64
N ARG B 118 0.66 -40.02 7.56
CA ARG B 118 1.14 -41.33 8.00
C ARG B 118 0.11 -42.15 8.79
N PRO B 119 -0.66 -41.50 9.71
CA PRO B 119 -1.68 -42.27 10.42
C PRO B 119 -2.78 -42.82 9.52
N LEU B 120 -2.81 -42.39 8.26
CA LEU B 120 -3.71 -42.95 7.24
C LEU B 120 -3.32 -44.38 6.91
N SER B 121 -2.02 -44.68 7.00
CA SER B 121 -1.50 -46.02 6.76
C SER B 121 -1.08 -46.74 8.05
N SER B 122 -0.36 -46.03 8.92
CA SER B 122 0.13 -46.57 10.18
C SER B 122 -1.00 -46.91 11.15
N GLY B 123 -2.03 -46.07 11.17
CA GLY B 123 -3.20 -46.30 12.01
C GLY B 123 -3.08 -45.66 13.38
N VAL B 124 -4.21 -45.55 14.06
CA VAL B 124 -4.28 -45.06 15.43
C VAL B 124 -5.19 -45.98 16.22
N TYR B 125 -4.78 -46.34 17.43
CA TYR B 125 -5.56 -47.20 18.30
C TYR B 125 -6.76 -46.46 18.89
N MET B 126 -7.95 -46.99 18.65
CA MET B 126 -9.19 -46.36 19.06
C MET B 126 -10.04 -47.30 19.92
N GLY B 127 -9.38 -48.29 20.51
CA GLY B 127 -10.07 -49.32 21.28
C GLY B 127 -10.23 -49.00 22.75
N ASN B 128 -9.61 -49.82 23.59
CA ASN B 128 -9.74 -49.74 25.05
C ASN B 128 -8.93 -48.60 25.65
N LEU B 129 -9.52 -47.41 25.63
CA LEU B 129 -8.85 -46.22 26.18
C LEU B 129 -9.75 -45.39 27.08
N SER B 130 -9.15 -44.44 27.80
CA SER B 130 -9.88 -43.53 28.66
C SER B 130 -10.69 -42.54 27.84
N SER B 131 -11.69 -41.92 28.47
CA SER B 131 -12.66 -41.08 27.77
C SER B 131 -12.02 -39.82 27.15
N GLN B 132 -11.05 -39.24 27.85
CA GLN B 132 -10.35 -38.05 27.37
C GLN B 132 -9.45 -38.38 26.18
N GLN B 133 -8.74 -39.51 26.27
CA GLN B 133 -7.81 -39.95 25.23
C GLN B 133 -8.50 -40.19 23.89
N LEU B 134 -9.70 -40.79 23.93
CA LEU B 134 -10.49 -41.03 22.72
C LEU B 134 -10.91 -39.70 22.09
N ASP B 135 -11.53 -38.83 22.90
CA ASP B 135 -11.89 -37.47 22.49
C ASP B 135 -10.72 -36.72 21.85
N GLN B 136 -9.52 -36.94 22.39
CA GLN B 136 -8.30 -36.30 21.89
C GLN B 136 -7.77 -36.94 20.62
N ARG B 137 -8.02 -38.24 20.46
CA ARG B 137 -7.62 -38.95 19.25
C ARG B 137 -8.62 -38.71 18.12
N ARG B 138 -9.90 -38.68 18.46
CA ARG B 138 -10.98 -38.40 17.50
C ARG B 138 -10.82 -37.02 16.85
N ALA B 139 -10.32 -36.07 17.63
CA ALA B 139 -10.10 -34.70 17.16
C ALA B 139 -8.96 -34.60 16.14
N LEU B 140 -7.93 -35.44 16.31
CA LEU B 140 -6.84 -35.53 15.34
C LEU B 140 -7.31 -36.20 14.05
N LEU B 141 -8.09 -37.26 14.18
CA LEU B 141 -8.53 -38.05 13.02
C LEU B 141 -9.63 -37.37 12.22
N ASN B 142 -10.43 -36.53 12.89
CA ASN B 142 -11.34 -35.62 12.20
C ASN B 142 -10.56 -34.61 11.37
N LEU B 143 -9.41 -34.22 11.91
CA LEU B 143 -8.56 -33.17 11.35
C LEU B 143 -7.71 -33.65 10.18
N ILE B 144 -7.23 -34.89 10.25
CA ILE B 144 -6.36 -35.44 9.21
C ILE B 144 -7.12 -36.21 8.12
N GLY B 145 -8.44 -36.20 8.21
CA GLY B 145 -9.29 -36.81 7.18
C GLY B 145 -9.83 -38.19 7.49
N MET B 146 -9.26 -38.85 8.50
CA MET B 146 -9.72 -40.17 8.94
C MET B 146 -11.04 -40.10 9.71
N ASP B 158 -7.40 -55.72 17.09
CA ASP B 158 -8.32 -54.75 16.53
C ASP B 158 -8.23 -53.43 17.29
N GLY B 159 -9.21 -52.55 17.10
CA GLY B 159 -9.19 -51.22 17.69
C GLY B 159 -8.30 -50.26 16.94
N VAL B 160 -7.51 -50.77 16.00
CA VAL B 160 -6.63 -49.93 15.21
C VAL B 160 -7.36 -49.50 13.94
N VAL B 161 -7.62 -48.20 13.84
CA VAL B 161 -8.32 -47.66 12.68
C VAL B 161 -7.30 -47.03 11.73
N ARG B 162 -7.37 -47.47 10.47
CA ARG B 162 -6.54 -46.94 9.40
C ARG B 162 -7.28 -47.04 8.07
N VAL B 163 -6.86 -46.21 7.11
CA VAL B 163 -7.49 -46.18 5.80
C VAL B 163 -6.76 -47.10 4.83
N TRP B 164 -5.43 -47.08 4.87
CA TRP B 164 -4.62 -47.89 3.98
C TRP B 164 -3.86 -48.99 4.74
N ASP B 165 -4.32 -50.22 4.59
CA ASP B 165 -3.60 -51.38 5.11
C ASP B 165 -2.64 -51.91 4.03
N VAL B 166 -1.40 -51.44 4.10
CA VAL B 166 -0.40 -51.81 3.08
C VAL B 166 0.87 -52.42 3.65
N LYS B 167 1.56 -53.18 2.80
CA LYS B 167 2.82 -53.85 3.14
C LYS B 167 3.98 -52.85 3.04
N ASN B 168 3.87 -51.94 2.08
CA ASN B 168 4.85 -50.88 1.87
C ASN B 168 4.13 -49.54 1.73
N ALA B 169 4.23 -48.70 2.75
CA ALA B 169 3.55 -47.40 2.76
C ALA B 169 4.23 -46.35 1.88
N GLU B 170 5.48 -46.61 1.48
CA GLU B 170 6.20 -45.72 0.57
C GLU B 170 5.52 -45.69 -0.80
N LEU B 171 4.81 -46.75 -1.13
CA LEU B 171 4.04 -46.83 -2.38
C LEU B 171 2.79 -45.96 -2.38
N LEU B 172 2.55 -45.24 -1.29
CA LEU B 172 1.48 -44.23 -1.22
C LEU B 172 2.00 -42.82 -1.51
N ASN B 173 3.29 -42.70 -1.76
CA ASN B 173 3.91 -41.40 -2.02
C ASN B 173 3.64 -40.86 -3.43
N ASN B 174 3.17 -39.63 -3.50
CA ASN B 174 2.95 -38.89 -4.76
C ASN B 174 1.94 -39.55 -5.71
N GLN B 175 0.93 -40.21 -5.13
CA GLN B 175 -0.08 -40.91 -5.93
C GLN B 175 -1.43 -40.23 -5.81
N PHE B 176 -1.48 -39.13 -5.06
CA PHE B 176 -2.73 -38.50 -4.67
C PHE B 176 -2.85 -37.03 -5.08
N GLY B 177 -1.90 -36.55 -5.87
CA GLY B 177 -1.91 -35.16 -6.34
C GLY B 177 -2.98 -34.90 -7.39
N THR B 178 -3.43 -33.65 -7.50
CA THR B 178 -4.44 -33.25 -8.47
C THR B 178 -3.83 -32.57 -9.68
N MET B 179 -4.37 -32.88 -10.86
CA MET B 179 -3.82 -32.40 -12.12
C MET B 179 -4.92 -31.71 -12.94
N PRO B 180 -4.65 -30.48 -13.41
CA PRO B 180 -5.60 -29.70 -14.19
C PRO B 180 -6.14 -30.42 -15.42
N SER B 181 -5.25 -31.06 -16.18
CA SER B 181 -5.63 -31.76 -17.40
C SER B 181 -6.48 -32.99 -17.12
N LEU B 182 -6.11 -33.76 -16.10
CA LEU B 182 -6.89 -34.93 -15.68
C LEU B 182 -8.30 -34.49 -15.26
N THR B 183 -8.36 -33.45 -14.45
CA THR B 183 -9.60 -32.80 -14.04
C THR B 183 -10.47 -32.42 -15.25
N LEU B 184 -9.88 -31.69 -16.19
CA LEU B 184 -10.58 -31.22 -17.40
C LEU B 184 -11.11 -32.39 -18.23
N ALA B 185 -10.30 -33.44 -18.35
CA ALA B 185 -10.72 -34.67 -19.03
C ALA B 185 -11.83 -35.40 -18.26
N CYS B 186 -11.69 -35.50 -16.94
CA CYS B 186 -12.66 -36.22 -16.10
C CYS B 186 -14.03 -35.53 -16.09
N LEU B 187 -14.03 -34.21 -16.03
CA LEU B 187 -15.26 -33.43 -16.10
C LEU B 187 -15.95 -33.58 -17.46
N THR B 188 -15.17 -33.61 -18.52
CA THR B 188 -15.68 -33.71 -19.90
C THR B 188 -16.33 -35.06 -20.17
N LYS B 189 -15.64 -36.13 -19.82
CA LYS B 189 -16.14 -37.48 -20.08
C LYS B 189 -17.25 -37.86 -19.11
N GLN B 190 -16.98 -37.72 -17.82
CA GLN B 190 -17.93 -38.13 -16.77
C GLN B 190 -19.13 -37.20 -16.66
N GLY B 191 -18.93 -35.93 -17.02
CA GLY B 191 -20.00 -34.93 -16.99
C GLY B 191 -20.84 -34.86 -18.24
N GLN B 192 -20.34 -35.46 -19.32
CA GLN B 192 -21.08 -35.64 -20.57
C GLN B 192 -21.39 -34.35 -21.35
N VAL B 193 -20.48 -33.38 -21.25
CA VAL B 193 -20.57 -32.14 -22.03
C VAL B 193 -19.34 -32.00 -22.94
N ASP B 194 -19.35 -30.99 -23.81
CA ASP B 194 -18.20 -30.71 -24.68
C ASP B 194 -17.03 -30.15 -23.88
N LEU B 195 -15.81 -30.41 -24.36
CA LEU B 195 -14.59 -29.98 -23.70
C LEU B 195 -14.52 -28.46 -23.48
N ASN B 196 -14.84 -27.70 -24.53
CA ASN B 196 -14.74 -26.25 -24.49
C ASN B 196 -15.58 -25.66 -23.36
N ASP B 197 -16.85 -26.11 -23.27
CA ASP B 197 -17.73 -25.74 -22.15
C ASP B 197 -17.05 -25.85 -20.79
N VAL B 198 -16.22 -26.89 -20.63
CA VAL B 198 -15.50 -27.14 -19.39
C VAL B 198 -14.35 -26.13 -19.21
N VAL B 199 -13.65 -25.84 -20.30
CA VAL B 199 -12.59 -24.83 -20.33
C VAL B 199 -13.17 -23.44 -20.07
N GLN B 200 -14.34 -23.15 -20.65
CA GLN B 200 -15.00 -21.85 -20.46
C GLN B 200 -15.67 -21.78 -19.09
N ALA B 201 -15.77 -22.92 -18.41
CA ALA B 201 -16.34 -22.97 -17.07
C ALA B 201 -15.28 -22.66 -16.02
N LEU B 202 -14.12 -23.29 -16.17
CA LEU B 202 -13.01 -23.09 -15.24
C LEU B 202 -12.28 -21.78 -15.52
N THR B 203 -12.52 -21.19 -16.69
CA THR B 203 -12.04 -19.85 -16.99
C THR B 203 -12.74 -18.82 -16.09
N ASP B 204 -14.04 -18.97 -15.91
CA ASP B 204 -14.82 -18.07 -15.05
C ASP B 204 -14.54 -18.31 -13.57
N LEU B 205 -14.31 -19.57 -13.21
CA LEU B 205 -13.84 -19.92 -11.87
C LEU B 205 -12.43 -19.37 -11.66
N GLY B 206 -11.58 -19.52 -12.67
CA GLY B 206 -10.20 -19.01 -12.62
C GLY B 206 -10.12 -17.52 -12.35
N LEU B 207 -11.14 -16.79 -12.79
CA LEU B 207 -11.21 -15.35 -12.58
C LEU B 207 -11.71 -14.96 -11.19
N ILE B 208 -12.63 -15.76 -10.64
CA ILE B 208 -13.02 -15.59 -9.23
C ILE B 208 -11.76 -15.65 -8.38
N TYR B 209 -10.87 -16.59 -8.74
CA TYR B 209 -9.63 -16.84 -8.00
C TYR B 209 -8.58 -15.75 -8.12
N THR B 210 -8.67 -14.91 -9.14
CA THR B 210 -7.78 -13.75 -9.27
C THR B 210 -8.13 -12.65 -8.26
N ALA B 211 -9.30 -12.76 -7.62
CA ALA B 211 -9.80 -11.75 -6.69
C ALA B 211 -10.15 -12.29 -5.29
N LYS B 212 -10.62 -13.53 -5.21
CA LYS B 212 -10.77 -14.24 -3.94
C LYS B 212 -10.70 -15.76 -4.13
N TYR B 213 -10.33 -16.50 -3.09
CA TYR B 213 -10.45 -17.95 -3.17
C TYR B 213 -11.93 -18.31 -3.22
N PRO B 214 -12.36 -19.02 -4.28
CA PRO B 214 -13.78 -19.29 -4.52
C PRO B 214 -14.44 -20.13 -3.44
N ASN B 215 -15.67 -19.78 -3.09
CA ASN B 215 -16.42 -20.51 -2.06
C ASN B 215 -17.67 -21.21 -2.64
N THR B 216 -18.56 -21.65 -1.76
CA THR B 216 -19.74 -22.43 -2.16
C THR B 216 -20.71 -21.65 -3.05
N SER B 217 -21.01 -20.41 -2.67
CA SER B 217 -21.94 -19.57 -3.42
C SER B 217 -21.40 -19.18 -4.80
N ASP B 218 -20.08 -18.98 -4.88
CA ASP B 218 -19.42 -18.65 -6.14
C ASP B 218 -19.71 -19.70 -7.20
N LEU B 219 -19.50 -20.96 -6.83
CA LEU B 219 -19.67 -22.11 -7.71
C LEU B 219 -21.14 -22.35 -8.05
N ASP B 220 -22.03 -21.91 -7.15
CA ASP B 220 -23.48 -22.08 -7.35
C ASP B 220 -24.01 -21.22 -8.50
N ARG B 221 -23.64 -19.95 -8.49
CA ARG B 221 -24.15 -19.01 -9.49
C ARG B 221 -23.55 -19.22 -10.88
N LEU B 222 -22.32 -19.72 -10.92
CA LEU B 222 -21.68 -20.10 -12.19
C LEU B 222 -22.37 -21.34 -12.75
N THR B 223 -22.70 -22.26 -11.86
CA THR B 223 -23.43 -23.49 -12.18
C THR B 223 -24.67 -23.24 -13.05
N GLN B 224 -25.32 -22.10 -12.83
CA GLN B 224 -26.51 -21.70 -13.58
C GLN B 224 -26.20 -21.46 -15.05
N SER B 225 -25.00 -20.97 -15.32
CA SER B 225 -24.52 -20.73 -16.69
C SER B 225 -23.67 -21.88 -17.23
N HIS B 226 -22.95 -22.56 -16.34
CA HIS B 226 -22.13 -23.73 -16.68
C HIS B 226 -22.47 -24.90 -15.77
N PRO B 227 -23.38 -25.79 -16.22
CA PRO B 227 -23.97 -26.85 -15.38
C PRO B 227 -22.96 -27.86 -14.84
N ILE B 228 -21.82 -27.96 -15.52
CA ILE B 228 -20.73 -28.86 -15.15
C ILE B 228 -20.32 -28.70 -13.69
N LEU B 229 -20.25 -27.45 -13.24
CA LEU B 229 -19.77 -27.12 -11.89
C LEU B 229 -20.65 -27.68 -10.76
N ASN B 230 -21.71 -28.40 -11.11
CA ASN B 230 -22.47 -29.19 -10.12
C ASN B 230 -21.63 -30.32 -9.56
N MET B 231 -21.14 -31.19 -10.45
CA MET B 231 -20.32 -32.37 -10.10
C MET B 231 -19.32 -32.08 -8.99
N ILE B 232 -18.61 -30.97 -9.13
CA ILE B 232 -17.58 -30.55 -8.19
C ILE B 232 -18.15 -30.41 -6.77
N ASP B 233 -17.48 -31.06 -5.82
CA ASP B 233 -17.77 -30.90 -4.40
C ASP B 233 -16.98 -29.72 -3.86
N THR B 234 -17.68 -28.79 -3.21
CA THR B 234 -17.08 -27.54 -2.78
C THR B 234 -16.49 -27.61 -1.36
N LYS B 235 -17.34 -27.95 -0.39
CA LYS B 235 -16.92 -27.99 1.02
C LYS B 235 -16.43 -29.37 1.48
N LYS B 236 -15.70 -30.05 0.59
CA LYS B 236 -14.96 -31.26 0.96
C LYS B 236 -13.52 -30.88 1.25
N SER B 237 -12.88 -31.63 2.14
CA SER B 237 -11.46 -31.43 2.44
C SER B 237 -10.57 -31.89 1.28
N SER B 238 -9.30 -31.50 1.31
CA SER B 238 -8.30 -31.92 0.33
C SER B 238 -7.42 -33.04 0.91
N LEU B 239 -7.89 -33.63 2.00
CA LEU B 239 -7.18 -34.69 2.70
C LEU B 239 -7.87 -36.01 2.44
N ASN B 240 -7.08 -37.05 2.18
CA ASN B 240 -7.61 -38.38 1.90
C ASN B 240 -8.43 -38.44 0.60
N ILE B 241 -8.06 -37.58 -0.36
CA ILE B 241 -8.63 -37.58 -1.71
C ILE B 241 -7.56 -37.87 -2.77
N SER B 242 -8.00 -38.36 -3.94
CA SER B 242 -7.10 -38.61 -5.06
C SER B 242 -7.24 -37.52 -6.12
N GLY B 243 -6.36 -37.55 -7.12
CA GLY B 243 -6.43 -36.62 -8.24
C GLY B 243 -7.61 -36.83 -9.17
N TYR B 244 -8.35 -37.91 -8.93
CA TYR B 244 -9.51 -38.27 -9.73
C TYR B 244 -10.80 -37.69 -9.15
N ASN B 245 -10.72 -37.22 -7.92
CA ASN B 245 -11.86 -36.61 -7.24
C ASN B 245 -12.08 -35.16 -7.65
N PHE B 246 -13.32 -34.70 -7.47
CA PHE B 246 -13.72 -33.37 -7.93
C PHE B 246 -13.79 -32.38 -6.79
N SER B 247 -12.64 -32.14 -6.16
CA SER B 247 -12.53 -31.19 -5.07
C SER B 247 -12.54 -29.74 -5.56
N LEU B 248 -12.65 -28.82 -4.60
CA LEU B 248 -12.60 -27.39 -4.89
C LEU B 248 -11.22 -26.99 -5.40
N GLY B 249 -10.18 -27.57 -4.82
CA GLY B 249 -8.80 -27.26 -5.17
C GLY B 249 -8.40 -27.68 -6.57
N ALA B 250 -8.81 -28.88 -6.97
CA ALA B 250 -8.56 -29.41 -8.31
C ALA B 250 -9.19 -28.53 -9.38
N ALA B 251 -10.41 -28.06 -9.12
CA ALA B 251 -11.15 -27.21 -10.06
C ALA B 251 -10.52 -25.82 -10.19
N VAL B 252 -10.20 -25.22 -9.04
CA VAL B 252 -9.53 -23.91 -8.97
C VAL B 252 -8.17 -23.93 -9.67
N LYS B 253 -7.39 -24.98 -9.40
CA LYS B 253 -6.08 -25.20 -10.04
C LYS B 253 -6.22 -25.32 -11.55
N ALA B 254 -7.17 -26.13 -12.01
CA ALA B 254 -7.43 -26.31 -13.43
C ALA B 254 -7.91 -25.02 -14.09
N GLY B 255 -8.54 -24.16 -13.29
CA GLY B 255 -9.06 -22.89 -13.77
C GLY B 255 -8.01 -21.81 -13.92
N ALA B 256 -6.94 -21.93 -13.15
CA ALA B 256 -5.83 -20.97 -13.17
C ALA B 256 -4.99 -21.07 -14.43
N CYS B 257 -5.02 -22.25 -15.05
CA CYS B 257 -4.15 -22.57 -16.19
C CYS B 257 -4.80 -22.25 -17.55
N MET B 258 -6.10 -22.04 -17.55
CA MET B 258 -6.84 -21.75 -18.77
C MET B 258 -6.79 -20.27 -19.13
N LEU B 259 -6.56 -19.43 -18.12
CA LEU B 259 -6.53 -17.98 -18.28
C LEU B 259 -5.34 -17.48 -19.11
N ASP B 260 -5.55 -16.38 -19.83
CA ASP B 260 -4.47 -15.70 -20.55
C ASP B 260 -3.62 -14.90 -19.57
N GLY B 261 -2.57 -15.53 -19.06
CA GLY B 261 -1.73 -14.92 -18.03
C GLY B 261 -2.45 -14.76 -16.69
N GLY B 262 -1.79 -14.15 -15.71
CA GLY B 262 -0.41 -13.72 -15.85
C GLY B 262 0.44 -14.25 -14.72
N ASN B 263 0.03 -13.95 -13.50
CA ASN B 263 0.81 -14.25 -12.30
C ASN B 263 0.31 -15.46 -11.51
N MET B 264 -0.49 -16.31 -12.15
CA MET B 264 -1.10 -17.46 -11.47
C MET B 264 -0.06 -18.47 -10.99
N LEU B 265 -0.01 -18.67 -9.68
CA LEU B 265 1.02 -19.51 -9.05
C LEU B 265 1.07 -20.95 -9.57
N GLU B 266 -0.09 -21.48 -9.96
CA GLU B 266 -0.19 -22.83 -10.51
C GLU B 266 0.70 -23.07 -11.72
N THR B 267 1.00 -21.99 -12.45
CA THR B 267 1.70 -22.09 -13.73
C THR B 267 3.23 -21.99 -13.64
N ILE B 268 3.77 -22.23 -12.45
CA ILE B 268 5.23 -22.21 -12.25
C ILE B 268 5.90 -23.47 -12.78
N LYS B 269 7.01 -23.27 -13.50
CA LYS B 269 7.92 -24.35 -13.84
C LYS B 269 9.22 -24.14 -13.06
N VAL B 270 9.78 -25.24 -12.56
CA VAL B 270 11.07 -25.20 -11.88
C VAL B 270 12.15 -25.85 -12.75
N SER B 271 13.37 -25.34 -12.61
CA SER B 271 14.52 -25.92 -13.29
C SER B 271 15.74 -25.75 -12.38
N PRO B 272 16.81 -26.54 -12.63
CA PRO B 272 18.07 -26.33 -11.92
C PRO B 272 18.53 -24.87 -11.97
N GLN B 273 18.25 -24.19 -13.09
CA GLN B 273 18.65 -22.81 -13.29
C GLN B 273 17.75 -21.82 -12.56
N SER B 274 16.52 -22.23 -12.27
CA SER B 274 15.56 -21.31 -11.66
C SER B 274 15.21 -21.63 -10.20
N MET B 275 15.64 -22.79 -9.71
CA MET B 275 15.20 -23.28 -8.40
C MET B 275 15.49 -22.36 -7.21
N ASP B 276 16.72 -21.89 -7.13
CA ASP B 276 17.17 -21.07 -5.99
C ASP B 276 16.43 -19.73 -5.89
N GLY B 277 16.15 -19.12 -7.04
CA GLY B 277 15.55 -17.78 -7.09
C GLY B 277 14.12 -17.77 -6.58
N ILE B 278 13.35 -18.79 -6.99
CA ILE B 278 11.98 -18.98 -6.52
C ILE B 278 11.95 -19.05 -4.98
N LEU B 279 12.83 -19.88 -4.42
CA LEU B 279 12.93 -20.05 -2.97
C LEU B 279 13.38 -18.76 -2.28
N LYS B 280 14.34 -18.07 -2.89
CA LYS B 280 14.81 -16.77 -2.41
C LYS B 280 13.66 -15.76 -2.39
N SER B 281 12.80 -15.83 -3.41
CA SER B 281 11.64 -14.96 -3.50
C SER B 281 10.50 -15.38 -2.56
N ILE B 282 10.46 -16.66 -2.23
CA ILE B 282 9.50 -17.19 -1.26
C ILE B 282 9.83 -16.72 0.15
N LEU B 283 11.12 -16.63 0.46
CA LEU B 283 11.58 -16.23 1.77
C LEU B 283 11.47 -14.73 2.00
N LYS B 284 11.36 -13.98 0.90
CA LYS B 284 11.20 -12.53 0.97
C LYS B 284 9.77 -12.17 1.36
N VAL B 285 8.82 -12.89 0.76
CA VAL B 285 7.40 -12.74 1.07
C VAL B 285 7.14 -13.22 2.50
N LYS B 286 7.63 -14.43 2.81
CA LYS B 286 7.54 -14.99 4.16
C LYS B 286 7.99 -13.99 5.23
N ARG B 287 9.09 -13.28 4.98
CA ARG B 287 9.60 -12.31 5.95
C ARG B 287 8.74 -11.05 5.99
N ALA B 288 8.23 -10.65 4.83
CA ALA B 288 7.37 -9.46 4.72
C ALA B 288 6.01 -9.65 5.39
N LEU B 289 5.42 -10.83 5.24
CA LEU B 289 4.07 -11.10 5.74
C LEU B 289 4.05 -11.95 7.00
N GLY B 290 5.19 -12.55 7.32
CA GLY B 290 5.28 -13.45 8.46
C GLY B 290 4.57 -14.76 8.16
N MET B 291 5.08 -15.47 7.15
CA MET B 291 4.57 -16.80 6.82
C MET B 291 5.33 -17.85 7.64
N PHE B 292 4.70 -19.01 7.84
CA PHE B 292 5.20 -20.02 8.76
C PHE B 292 4.58 -21.38 8.47
N VAL B 293 5.33 -22.44 8.79
CA VAL B 293 4.81 -23.80 8.72
C VAL B 293 4.07 -24.10 10.02
N SER B 294 2.81 -24.48 9.89
CA SER B 294 1.93 -24.73 11.03
C SER B 294 2.40 -25.90 11.90
N ASP B 295 2.21 -25.75 13.20
CA ASP B 295 2.51 -26.81 14.17
C ASP B 295 1.32 -27.78 14.29
N THR B 296 0.32 -27.59 13.43
CA THR B 296 -0.90 -28.39 13.46
C THR B 296 -0.94 -29.32 12.24
N PRO B 297 -1.47 -30.54 12.41
CA PRO B 297 -1.75 -31.38 11.24
C PRO B 297 -3.00 -30.86 10.51
N GLY B 298 -3.22 -31.30 9.27
CA GLY B 298 -4.40 -30.91 8.51
C GLY B 298 -4.10 -30.31 7.15
N GLU B 299 -4.99 -29.44 6.68
CA GLU B 299 -4.83 -28.77 5.38
C GLU B 299 -3.58 -27.90 5.34
N ARG B 300 -2.89 -27.92 4.21
CA ARG B 300 -1.69 -27.12 3.99
C ARG B 300 -2.02 -25.65 3.79
N ASN B 301 -1.28 -24.76 4.46
CA ASN B 301 -1.39 -23.34 4.17
C ASN B 301 -0.59 -22.98 2.91
N PRO B 302 -0.79 -21.76 2.35
CA PRO B 302 -0.13 -21.41 1.08
C PRO B 302 1.39 -21.57 1.09
N TYR B 303 2.03 -21.20 2.18
CA TYR B 303 3.47 -21.32 2.31
C TYR B 303 3.91 -22.78 2.40
N GLU B 304 3.11 -23.60 3.09
CA GLU B 304 3.40 -25.03 3.24
C GLU B 304 3.29 -25.76 1.91
N ASN B 305 2.32 -25.33 1.10
CA ASN B 305 2.02 -25.97 -0.17
C ASN B 305 3.11 -25.72 -1.21
N ILE B 306 3.46 -24.46 -1.41
CA ILE B 306 4.49 -24.08 -2.37
C ILE B 306 5.85 -24.65 -2.01
N LEU B 307 6.23 -24.57 -0.73
CA LEU B 307 7.52 -25.07 -0.25
C LEU B 307 7.70 -26.57 -0.48
N TYR B 308 6.61 -27.33 -0.35
CA TYR B 308 6.65 -28.78 -0.58
C TYR B 308 6.75 -29.11 -2.08
N LYS B 309 5.93 -28.44 -2.87
CA LYS B 309 5.81 -28.72 -4.30
C LYS B 309 7.08 -28.39 -5.09
N ILE B 310 7.87 -27.45 -4.58
CA ILE B 310 9.12 -27.06 -5.26
C ILE B 310 10.27 -27.97 -4.84
N CYS B 311 10.32 -28.32 -3.56
CA CYS B 311 11.37 -29.20 -3.06
C CYS B 311 11.15 -30.67 -3.45
N LEU B 312 9.97 -30.97 -3.98
CA LEU B 312 9.67 -32.34 -4.45
C LEU B 312 10.49 -32.74 -5.67
N SER B 313 10.74 -31.78 -6.56
CA SER B 313 11.50 -32.03 -7.79
C SER B 313 12.27 -30.79 -8.23
N GLY B 314 13.43 -31.00 -8.83
CA GLY B 314 14.22 -29.90 -9.38
C GLY B 314 13.94 -29.67 -10.87
N ASP B 315 13.10 -30.53 -11.45
CA ASP B 315 12.74 -30.40 -12.86
C ASP B 315 11.28 -30.76 -13.10
N GLY B 316 10.45 -29.73 -13.28
CA GLY B 316 9.05 -29.91 -13.64
C GLY B 316 8.17 -28.73 -13.28
N TRP B 317 6.86 -28.98 -13.18
CA TRP B 317 5.87 -27.97 -12.80
C TRP B 317 5.26 -28.36 -11.45
N PRO B 318 5.72 -27.71 -10.37
CA PRO B 318 5.39 -28.06 -8.97
C PRO B 318 3.90 -28.31 -8.68
N TYR B 319 3.02 -27.54 -9.31
CA TYR B 319 1.59 -27.62 -9.05
C TYR B 319 0.85 -28.58 -9.97
N ILE B 320 1.12 -28.47 -11.27
CA ILE B 320 0.22 -28.97 -12.31
C ILE B 320 0.70 -30.17 -13.14
N ALA B 321 1.95 -30.59 -12.94
CA ALA B 321 2.53 -31.67 -13.73
C ALA B 321 2.11 -33.06 -13.26
N SER B 322 2.63 -34.08 -13.94
CA SER B 322 2.51 -35.47 -13.49
C SER B 322 3.66 -35.76 -12.53
N ARG B 323 3.32 -36.13 -11.29
CA ARG B 323 4.31 -36.35 -10.24
C ARG B 323 4.26 -37.78 -9.70
N THR B 324 3.42 -38.61 -10.31
CA THR B 324 3.21 -39.99 -9.87
C THR B 324 4.43 -40.89 -10.10
N SER B 325 5.36 -40.43 -10.93
CA SER B 325 6.62 -41.12 -11.17
C SER B 325 7.61 -40.90 -10.02
N ILE B 326 7.43 -39.80 -9.29
CA ILE B 326 8.36 -39.37 -8.25
C ILE B 326 8.30 -40.26 -7.00
N VAL B 327 9.45 -40.84 -6.65
CA VAL B 327 9.59 -41.55 -5.38
C VAL B 327 10.08 -40.60 -4.29
N GLY B 328 9.71 -40.91 -3.05
CA GLY B 328 10.15 -40.16 -1.89
C GLY B 328 9.41 -38.85 -1.66
N ARG B 329 9.84 -38.12 -0.64
CA ARG B 329 9.18 -36.89 -0.19
C ARG B 329 9.95 -35.67 -0.63
N ALA B 330 9.42 -34.49 -0.28
CA ALA B 330 10.06 -33.22 -0.63
C ALA B 330 11.32 -32.94 0.20
N TRP B 331 11.30 -33.35 1.47
CA TRP B 331 12.43 -33.14 2.37
C TRP B 331 13.57 -34.14 2.11
N GLU B 332 13.27 -35.16 1.31
CA GLU B 332 14.27 -36.15 0.90
C GLU B 332 14.89 -35.77 -0.44
N ASN B 333 14.04 -35.31 -1.37
CA ASN B 333 14.48 -34.93 -2.71
C ASN B 333 15.27 -33.62 -2.75
N THR B 334 15.33 -32.92 -1.61
CA THR B 334 16.11 -31.70 -1.50
C THR B 334 16.90 -31.66 -0.20
N VAL B 335 18.22 -31.52 -0.33
CA VAL B 335 19.11 -31.43 0.82
C VAL B 335 19.74 -30.04 0.94
N VAL B 336 19.99 -29.63 2.17
CA VAL B 336 20.60 -28.33 2.46
C VAL B 336 22.07 -28.57 2.85
N ASP B 337 22.97 -27.86 2.16
CA ASP B 337 24.41 -28.02 2.37
C ASP B 337 24.99 -26.85 3.18
N LEU B 338 25.17 -27.07 4.48
CA LEU B 338 25.69 -26.02 5.38
C LEU B 338 27.02 -26.36 6.02
N GLY B 364 18.80 -32.80 21.67
CA GLY B 364 17.81 -33.88 21.66
C GLY B 364 16.89 -33.79 20.46
N LEU B 365 15.62 -34.11 20.68
CA LEU B 365 14.60 -34.04 19.64
C LEU B 365 13.97 -32.65 19.59
N THR B 366 13.78 -32.13 18.37
CA THR B 366 13.12 -30.84 18.19
C THR B 366 11.65 -30.96 18.57
N TYR B 367 11.09 -29.84 19.04
CA TYR B 367 9.67 -29.77 19.37
C TYR B 367 8.81 -30.41 18.28
N SER B 368 9.19 -30.19 17.03
CA SER B 368 8.50 -30.75 15.87
C SER B 368 8.62 -32.27 15.78
N GLN B 369 9.83 -32.79 15.98
CA GLN B 369 10.09 -34.24 16.03
C GLN B 369 9.34 -34.91 17.18
N LEU B 370 9.35 -34.26 18.34
CA LEU B 370 8.62 -34.71 19.52
C LEU B 370 7.14 -34.92 19.25
N MET B 371 6.56 -34.01 18.46
CA MET B 371 5.14 -34.09 18.08
C MET B 371 4.84 -35.30 17.20
N THR B 372 5.67 -35.49 16.17
CA THR B 372 5.54 -36.62 15.25
C THR B 372 5.67 -37.95 16.00
N LEU B 373 6.64 -38.02 16.91
CA LEU B 373 6.87 -39.21 17.73
C LEU B 373 5.67 -39.53 18.61
N LYS B 374 5.11 -38.50 19.24
CA LYS B 374 3.94 -38.62 20.12
C LYS B 374 2.67 -39.03 19.37
N ASP B 375 2.57 -38.65 18.11
CA ASP B 375 1.44 -39.06 17.26
C ASP B 375 1.60 -40.47 16.70
N ALA B 376 2.84 -40.85 16.37
CA ALA B 376 3.13 -42.18 15.84
C ALA B 376 2.90 -43.29 16.87
N MET B 377 3.01 -42.95 18.14
CA MET B 377 2.91 -43.94 19.22
C MET B 377 1.48 -44.23 19.65
N LEU B 378 0.52 -43.45 19.16
CA LEU B 378 -0.91 -43.71 19.36
C LEU B 378 -1.35 -44.99 18.64
N GLN B 379 -0.42 -45.60 17.92
CA GLN B 379 -0.66 -46.85 17.21
C GLN B 379 -0.64 -48.03 18.18
N LEU B 380 0.02 -47.83 19.32
CA LEU B 380 0.14 -48.88 20.32
C LEU B 380 -1.16 -49.10 21.08
N ASP B 381 -1.56 -50.36 21.17
CA ASP B 381 -2.57 -50.82 22.12
C ASP B 381 -1.83 -51.01 23.44
N PRO B 382 -2.17 -50.19 24.45
CA PRO B 382 -1.54 -50.28 25.78
C PRO B 382 -1.96 -51.55 26.53
N ASN B 383 -3.07 -52.14 26.14
CA ASN B 383 -3.61 -53.33 26.78
C ASN B 383 -3.04 -54.63 26.20
N ALA B 384 -2.40 -54.53 25.04
CA ALA B 384 -1.82 -55.69 24.36
C ALA B 384 -0.52 -56.13 25.02
N LYS B 385 -0.13 -57.38 24.81
CA LYS B 385 1.13 -57.88 25.36
C LYS B 385 2.29 -57.26 24.60
N THR B 386 3.26 -56.77 25.35
CA THR B 386 4.36 -56.01 24.76
C THR B 386 5.70 -56.55 25.24
N TRP B 387 6.57 -56.87 24.28
CA TRP B 387 7.92 -57.29 24.58
C TRP B 387 8.85 -56.07 24.55
N MET B 388 9.99 -56.20 25.22
CA MET B 388 11.05 -55.20 25.15
C MET B 388 12.40 -55.88 25.34
N ASP B 389 13.37 -55.48 24.51
CA ASP B 389 14.74 -55.99 24.59
C ASP B 389 15.73 -54.90 24.19
N ILE B 390 16.91 -54.94 24.80
CA ILE B 390 17.97 -53.98 24.52
C ILE B 390 19.31 -54.68 24.32
N GLU B 391 20.18 -54.05 23.55
CA GLU B 391 21.57 -54.45 23.49
C GLU B 391 22.41 -53.35 24.11
N GLY B 392 23.52 -53.73 24.73
CA GLY B 392 24.30 -52.82 25.56
C GLY B 392 23.78 -52.85 26.99
N ARG B 393 24.62 -52.43 27.94
CA ARG B 393 24.25 -52.38 29.33
C ARG B 393 23.18 -51.31 29.56
N PRO B 394 22.23 -51.55 30.50
CA PRO B 394 21.05 -50.69 30.72
C PRO B 394 21.35 -49.21 30.93
N GLU B 395 22.60 -48.90 31.29
CA GLU B 395 22.99 -47.51 31.54
C GLU B 395 23.77 -46.90 30.36
N ASP B 396 23.95 -47.69 29.31
CA ASP B 396 24.64 -47.27 28.09
C ASP B 396 24.09 -48.05 26.90
N PRO B 397 22.76 -47.96 26.65
CA PRO B 397 22.12 -48.74 25.60
C PRO B 397 22.47 -48.28 24.20
N VAL B 398 22.62 -49.23 23.28
CA VAL B 398 22.98 -48.92 21.90
C VAL B 398 21.90 -49.33 20.91
N GLU B 399 21.04 -50.25 21.33
CA GLU B 399 19.89 -50.68 20.54
C GLU B 399 18.71 -50.96 21.46
N VAL B 400 17.54 -50.44 21.09
CA VAL B 400 16.33 -50.59 21.90
C VAL B 400 15.19 -51.05 21.01
N ALA B 401 14.43 -52.04 21.49
CA ALA B 401 13.28 -52.56 20.76
C ALA B 401 12.09 -52.89 21.66
N LEU B 402 10.89 -52.76 21.09
CA LEU B 402 9.64 -53.20 21.70
C LEU B 402 8.77 -53.85 20.64
N TYR B 403 7.99 -54.86 21.01
CA TYR B 403 7.26 -55.67 20.03
C TYR B 403 5.89 -56.14 20.54
N GLN B 404 4.84 -55.75 19.82
CA GLN B 404 3.48 -56.22 20.09
C GLN B 404 3.08 -57.24 19.01
N PRO B 405 3.10 -58.54 19.36
CA PRO B 405 2.97 -59.68 18.45
C PRO B 405 1.63 -59.82 17.73
N ILE B 406 0.54 -59.42 18.38
CA ILE B 406 -0.80 -59.61 17.84
C ILE B 406 -1.12 -58.63 16.70
N SER B 407 -0.74 -57.37 16.86
CA SER B 407 -0.89 -56.37 15.81
C SER B 407 0.29 -56.37 14.84
N GLY B 408 1.38 -57.01 15.25
CA GLY B 408 2.63 -57.03 14.49
C GLY B 408 3.27 -55.65 14.36
N CYS B 409 3.14 -54.83 15.41
CA CYS B 409 3.73 -53.51 15.43
C CYS B 409 4.89 -53.44 16.42
N TYR B 410 5.93 -52.70 16.05
CA TYR B 410 7.17 -52.66 16.83
C TYR B 410 7.83 -51.29 16.89
N ILE B 411 8.54 -51.05 17.99
CA ILE B 411 9.43 -49.90 18.13
C ILE B 411 10.87 -50.39 17.97
N HIS B 412 11.66 -49.71 17.14
CA HIS B 412 13.06 -50.05 16.92
C HIS B 412 13.91 -48.80 16.68
N PHE B 413 14.99 -48.65 17.44
CA PHE B 413 15.92 -47.50 17.29
C PHE B 413 17.32 -47.73 17.92
N PHE B 414 18.20 -46.74 17.75
CA PHE B 414 19.62 -46.87 18.13
C PHE B 414 20.18 -45.66 18.90
N ARG B 415 21.34 -45.85 19.53
CA ARG B 415 22.02 -44.80 20.29
C ARG B 415 23.55 -44.97 20.29
N GLU B 416 24.26 -43.85 20.24
CA GLU B 416 25.72 -43.83 20.46
C GLU B 416 26.05 -44.20 21.89
N PRO B 417 27.10 -45.02 22.09
CA PRO B 417 27.52 -45.33 23.47
C PRO B 417 28.29 -44.20 24.15
N THR B 418 28.40 -44.27 25.47
CA THR B 418 29.32 -43.42 26.23
C THR B 418 30.60 -44.20 26.51
N ASP B 419 30.45 -45.41 27.05
CA ASP B 419 31.58 -46.28 27.37
C ASP B 419 32.00 -47.09 26.15
N LEU B 420 32.75 -46.43 25.27
CA LEU B 420 33.29 -47.04 24.05
C LEU B 420 34.19 -48.25 24.35
N LYS B 421 34.93 -48.19 25.45
CA LYS B 421 35.82 -49.27 25.87
C LYS B 421 35.04 -50.53 26.25
N GLN B 422 33.81 -50.34 26.73
CA GLN B 422 32.90 -51.45 26.99
C GLN B 422 32.08 -51.80 25.74
N PHE B 423 31.95 -50.84 24.83
CA PHE B 423 31.21 -51.06 23.59
C PHE B 423 31.91 -52.06 22.67
N LYS B 424 33.24 -52.09 22.71
CA LYS B 424 34.05 -52.98 21.88
C LYS B 424 33.91 -54.43 22.36
N GLN B 425 33.77 -54.57 23.67
CA GLN B 425 33.53 -55.87 24.30
C GLN B 425 32.21 -56.46 23.87
N ASP B 426 31.16 -55.64 23.86
CA ASP B 426 29.82 -56.09 23.47
C ASP B 426 29.71 -56.26 21.95
N ALA B 427 30.52 -55.53 21.21
CA ALA B 427 30.66 -55.72 19.76
C ALA B 427 31.29 -57.09 19.47
N LYS B 428 32.27 -57.46 20.29
CA LYS B 428 32.93 -58.76 20.18
C LYS B 428 31.97 -59.90 20.55
N TYR B 429 31.34 -59.78 21.71
CA TYR B 429 30.66 -60.92 22.34
C TYR B 429 29.13 -60.90 22.30
N SER B 430 28.52 -59.82 21.80
CA SER B 430 27.06 -59.73 21.80
C SER B 430 26.43 -59.23 20.50
N HIS B 431 26.49 -57.93 20.25
CA HIS B 431 25.66 -57.29 19.22
C HIS B 431 26.32 -57.10 17.84
N GLY B 432 27.65 -57.17 17.80
CA GLY B 432 28.40 -56.99 16.55
C GLY B 432 28.13 -55.69 15.81
N ILE B 433 27.85 -54.63 16.58
CA ILE B 433 27.62 -53.31 16.00
C ILE B 433 28.92 -52.52 15.96
N ASP B 434 29.18 -51.90 14.80
CA ASP B 434 30.29 -50.97 14.60
C ASP B 434 29.79 -49.56 14.93
N ILE B 435 30.51 -48.87 15.81
CA ILE B 435 30.09 -47.54 16.30
C ILE B 435 29.93 -46.50 15.20
N ALA B 436 30.75 -46.63 14.14
CA ALA B 436 30.74 -45.70 13.02
C ALA B 436 29.38 -45.68 12.29
N ASP B 437 28.55 -46.67 12.60
CA ASP B 437 27.21 -46.76 12.04
C ASP B 437 26.15 -46.26 13.02
N LEU B 438 26.58 -45.94 14.24
CA LEU B 438 25.70 -45.40 15.27
C LEU B 438 25.83 -43.87 15.35
N PHE B 439 26.93 -43.36 14.79
CA PHE B 439 27.14 -41.92 14.66
C PHE B 439 25.93 -41.22 14.05
N ALA B 440 25.28 -41.90 13.10
CA ALA B 440 24.15 -41.36 12.37
C ALA B 440 22.81 -41.50 13.10
N ALA B 441 22.80 -42.16 14.25
CA ALA B 441 21.57 -42.32 15.03
C ALA B 441 21.13 -41.00 15.64
N GLN B 442 19.86 -40.67 15.44
CA GLN B 442 19.26 -39.43 15.96
C GLN B 442 19.28 -39.41 17.49
N PRO B 443 19.90 -38.39 18.09
CA PRO B 443 20.03 -38.33 19.55
C PRO B 443 18.75 -37.89 20.26
N GLY B 444 18.60 -38.34 21.51
CA GLY B 444 17.44 -38.00 22.33
C GLY B 444 16.32 -39.03 22.29
N LEU B 445 16.43 -39.97 21.36
CA LEU B 445 15.38 -40.96 21.10
C LEU B 445 15.06 -41.88 22.28
N THR B 446 16.06 -42.17 23.10
CA THR B 446 15.91 -43.11 24.20
C THR B 446 14.91 -42.60 25.24
N SER B 447 15.13 -41.37 25.71
CA SER B 447 14.25 -40.76 26.70
C SER B 447 12.87 -40.45 26.15
N ALA B 448 12.80 -39.98 24.90
CA ALA B 448 11.53 -39.53 24.31
C ALA B 448 10.52 -40.66 24.10
N VAL B 449 11.01 -41.88 23.84
CA VAL B 449 10.14 -43.04 23.66
C VAL B 449 9.65 -43.60 25.00
N ILE B 450 10.58 -43.72 25.96
CA ILE B 450 10.26 -44.25 27.28
C ILE B 450 9.36 -43.28 28.07
N GLU B 451 9.52 -41.98 27.82
CA GLU B 451 8.59 -40.97 28.34
C GLU B 451 7.19 -41.12 27.78
N ALA B 452 7.11 -41.40 26.48
CA ALA B 452 5.84 -41.42 25.75
C ALA B 452 5.07 -42.75 25.84
N LEU B 453 5.73 -43.78 26.40
CA LEU B 453 5.11 -45.09 26.54
C LEU B 453 3.75 -45.00 27.24
N PRO B 454 2.78 -45.84 26.81
CA PRO B 454 1.49 -45.87 27.48
C PRO B 454 1.63 -46.13 28.96
N ARG B 455 0.95 -45.35 29.78
CA ARG B 455 0.96 -45.56 31.22
C ARG B 455 0.12 -46.78 31.57
N ASN B 456 0.60 -47.54 32.56
CA ASN B 456 -0.05 -48.77 33.03
C ASN B 456 0.06 -49.95 32.05
N MET B 457 0.84 -49.76 30.98
CA MET B 457 1.25 -50.84 30.09
C MET B 457 2.06 -51.86 30.86
N VAL B 458 1.97 -53.13 30.45
CA VAL B 458 2.76 -54.20 31.03
C VAL B 458 3.75 -54.69 29.99
N ILE B 459 5.04 -54.58 30.33
CA ILE B 459 6.13 -55.01 29.45
C ILE B 459 6.66 -56.37 29.86
N THR B 460 6.83 -57.25 28.88
CA THR B 460 7.34 -58.59 29.10
C THR B 460 8.77 -58.69 28.56
N CYS B 461 9.65 -59.34 29.32
CA CYS B 461 11.07 -59.40 28.95
C CYS B 461 11.80 -60.65 29.45
N GLN B 462 12.75 -61.11 28.63
CA GLN B 462 13.63 -62.21 29.02
C GLN B 462 14.71 -61.65 29.95
N GLY B 463 14.39 -61.63 31.24
CA GLY B 463 15.26 -61.02 32.23
C GLY B 463 14.85 -59.58 32.52
N SER B 464 13.98 -59.41 33.53
CA SER B 464 13.50 -58.09 33.94
C SER B 464 14.61 -57.19 34.48
N GLU B 465 15.75 -57.80 34.82
CA GLU B 465 16.88 -57.12 35.47
C GLU B 465 17.25 -55.77 34.88
N ASP B 466 17.81 -55.78 33.67
CA ASP B 466 18.32 -54.57 33.01
C ASP B 466 17.23 -53.62 32.49
N ILE B 467 16.15 -54.21 31.97
CA ILE B 467 14.98 -53.45 31.51
C ILE B 467 14.44 -52.58 32.66
N LYS B 468 14.39 -53.17 33.86
CA LYS B 468 13.92 -52.46 35.06
C LYS B 468 14.83 -51.27 35.37
N LYS B 469 16.12 -51.52 35.53
CA LYS B 469 17.11 -50.46 35.78
C LYS B 469 17.18 -49.40 34.68
N LEU B 470 16.57 -49.68 33.53
CA LEU B 470 16.55 -48.73 32.43
C LEU B 470 15.34 -47.79 32.51
N LEU B 471 14.15 -48.36 32.59
CA LEU B 471 12.92 -47.58 32.66
C LEU B 471 12.89 -46.74 33.94
N GLU B 472 13.37 -47.33 35.03
CA GLU B 472 13.47 -46.62 36.31
C GLU B 472 14.39 -45.41 36.19
N SER B 473 15.48 -45.58 35.43
CA SER B 473 16.44 -44.50 35.24
C SER B 473 15.86 -43.38 34.37
N GLN B 474 15.20 -43.76 33.28
CA GLN B 474 14.58 -42.80 32.37
C GLN B 474 13.29 -42.20 32.95
N GLY B 475 13.08 -42.38 34.25
CA GLY B 475 11.98 -41.73 34.97
C GLY B 475 10.70 -42.53 35.13
N ARG B 476 10.59 -43.65 34.44
CA ARG B 476 9.36 -44.44 34.44
C ARG B 476 9.51 -45.70 35.28
N LYS B 477 9.28 -45.57 36.58
CA LYS B 477 9.32 -46.71 37.49
C LYS B 477 8.00 -47.46 37.40
N ASP B 478 6.94 -46.70 37.12
CA ASP B 478 5.55 -47.20 37.11
C ASP B 478 5.31 -48.42 36.24
N ILE B 479 5.92 -48.44 35.05
CA ILE B 479 5.69 -49.51 34.08
C ILE B 479 5.99 -50.89 34.69
N LYS B 480 4.96 -51.72 34.73
CA LYS B 480 5.04 -53.05 35.35
C LYS B 480 5.77 -54.02 34.42
N LEU B 481 6.60 -54.89 35.00
CA LEU B 481 7.39 -55.85 34.22
C LEU B 481 7.16 -57.30 34.63
N ILE B 482 6.99 -58.16 33.62
CA ILE B 482 6.97 -59.61 33.80
C ILE B 482 8.35 -60.17 33.49
N ASP B 483 8.74 -61.24 34.19
CA ASP B 483 9.95 -61.98 33.83
C ASP B 483 9.54 -63.37 33.34
N ILE B 484 9.82 -63.62 32.06
CA ILE B 484 9.49 -64.90 31.42
C ILE B 484 10.39 -66.03 31.95
N ALA B 485 11.66 -65.70 32.17
CA ALA B 485 12.68 -66.65 32.64
C ALA B 485 12.73 -67.95 31.84
N LEU B 486 13.28 -67.86 30.63
CA LEU B 486 13.55 -69.02 29.81
C LEU B 486 14.96 -69.51 30.07
N SER B 487 15.29 -70.68 29.55
CA SER B 487 16.66 -71.18 29.55
C SER B 487 17.34 -70.74 28.27
N LYS B 488 18.68 -70.78 28.24
CA LYS B 488 19.47 -70.30 27.11
C LYS B 488 19.15 -71.05 25.81
N ILE B 489 18.92 -72.35 25.93
CA ILE B 489 18.63 -73.21 24.77
C ILE B 489 17.24 -72.93 24.21
N ASP B 490 16.30 -72.61 25.09
CA ASP B 490 14.89 -72.44 24.72
C ASP B 490 14.53 -71.02 24.31
N SER B 491 15.36 -70.06 24.69
CA SER B 491 15.21 -68.67 24.28
C SER B 491 15.61 -68.50 22.81
N ARG B 492 16.68 -69.17 22.41
CA ARG B 492 17.21 -69.06 21.04
C ARG B 492 16.81 -70.25 20.17
N LYS B 493 15.60 -70.76 20.40
CA LYS B 493 15.07 -71.90 19.66
C LYS B 493 14.61 -71.50 18.26
N PHE B 494 14.04 -70.30 18.17
CA PHE B 494 13.53 -69.77 16.91
C PHE B 494 14.42 -68.67 16.34
N GLU B 495 15.70 -68.70 16.73
CA GLU B 495 16.67 -67.71 16.32
C GLU B 495 16.88 -67.74 14.80
N ASN B 496 17.07 -68.94 14.26
CA ASN B 496 17.22 -69.13 12.82
C ASN B 496 15.97 -68.75 12.05
N ALA B 497 14.80 -69.15 12.56
CA ALA B 497 13.52 -68.87 11.90
C ALA B 497 13.25 -67.37 11.77
N VAL B 498 13.55 -66.62 12.83
CA VAL B 498 13.31 -65.17 12.87
C VAL B 498 14.20 -64.39 11.91
N TRP B 499 15.48 -64.76 11.84
CA TRP B 499 16.43 -64.10 10.92
C TRP B 499 16.16 -64.41 9.44
N ASP B 500 15.50 -65.54 9.16
CA ASP B 500 15.17 -65.89 7.77
C ASP B 500 14.03 -65.03 7.23
N GLN B 501 13.05 -64.76 8.09
CA GLN B 501 11.85 -64.02 7.72
C GLN B 501 12.02 -62.50 7.87
N TYR B 502 12.81 -62.07 8.86
CA TYR B 502 12.85 -60.67 9.28
C TYR B 502 14.20 -59.95 9.17
N LYS B 503 15.20 -60.60 8.55
CA LYS B 503 16.54 -60.02 8.37
C LYS B 503 16.53 -58.58 7.86
N ASP B 504 15.59 -58.27 6.96
CA ASP B 504 15.46 -56.97 6.32
C ASP B 504 15.18 -55.81 7.28
N LEU B 505 14.68 -56.12 8.47
CA LEU B 505 14.24 -55.10 9.42
C LEU B 505 15.34 -54.49 10.30
N CYS B 506 16.50 -55.15 10.35
CA CYS B 506 17.69 -54.59 11.00
C CYS B 506 18.97 -54.93 10.24
N HIS B 507 19.75 -53.91 9.91
CA HIS B 507 21.00 -54.06 9.17
C HIS B 507 22.21 -53.60 9.99
N MET B 508 22.04 -53.53 11.31
CA MET B 508 23.03 -52.91 12.18
C MET B 508 24.17 -53.84 12.57
N HIS B 509 23.92 -55.15 12.49
CA HIS B 509 24.84 -56.14 13.02
C HIS B 509 25.74 -56.72 11.93
N THR B 510 26.99 -56.27 11.94
CA THR B 510 27.95 -56.64 10.90
C THR B 510 29.11 -57.48 11.46
N GLY B 511 29.53 -57.16 12.68
CA GLY B 511 30.70 -57.79 13.31
C GLY B 511 30.55 -59.26 13.66
N VAL B 512 31.68 -59.97 13.63
CA VAL B 512 31.73 -61.39 13.98
C VAL B 512 31.64 -61.55 15.49
N VAL B 513 30.68 -62.36 15.93
CA VAL B 513 30.41 -62.58 17.35
C VAL B 513 30.89 -63.98 17.76
N VAL B 514 31.56 -64.05 18.92
CA VAL B 514 32.17 -65.29 19.41
C VAL B 514 31.63 -65.72 20.79
N GLU B 515 31.89 -66.96 21.15
CA GLU B 515 31.38 -67.55 22.40
C GLU B 515 32.42 -68.50 23.03
N LYS B 516 33.23 -67.94 23.93
CA LYS B 516 34.33 -68.68 24.59
C LYS B 516 33.94 -70.07 25.09
N LYS B 517 34.87 -71.01 24.94
CA LYS B 517 34.69 -72.41 25.34
C LYS B 517 35.58 -72.73 26.53
N LYS B 522 37.43 -70.13 20.86
CA LYS B 522 36.42 -69.23 20.29
C LYS B 522 35.76 -69.80 19.04
N GLU B 523 34.47 -69.50 18.89
CA GLU B 523 33.69 -69.92 17.73
C GLU B 523 32.54 -68.96 17.45
N GLU B 524 32.21 -68.80 16.17
CA GLU B 524 31.22 -67.82 15.73
C GLU B 524 29.80 -68.21 16.11
N ILE B 525 29.02 -67.22 16.54
CA ILE B 525 27.58 -67.39 16.74
C ILE B 525 26.80 -66.28 16.05
N THR B 526 25.48 -66.43 16.01
CA THR B 526 24.61 -65.39 15.46
C THR B 526 24.61 -64.17 16.38
N PRO B 527 24.89 -62.98 15.81
CA PRO B 527 24.82 -61.72 16.53
C PRO B 527 23.41 -61.45 17.05
N HIS B 528 23.32 -60.83 18.22
CA HIS B 528 22.04 -60.57 18.86
C HIS B 528 21.50 -59.17 18.53
N CYS B 529 20.34 -59.18 17.86
CA CYS B 529 19.57 -57.97 17.62
C CYS B 529 18.53 -57.83 18.72
N ALA B 530 18.25 -56.60 19.12
CA ALA B 530 17.25 -56.33 20.15
C ALA B 530 15.85 -56.66 19.64
N LEU B 531 15.62 -56.35 18.36
CA LEU B 531 14.33 -56.61 17.72
C LEU B 531 14.11 -58.10 17.48
N MET B 532 15.11 -58.78 16.93
CA MET B 532 14.99 -60.20 16.63
C MET B 532 14.87 -61.04 17.91
N ASP B 533 15.45 -60.54 19.00
CA ASP B 533 15.29 -61.14 20.32
C ASP B 533 13.82 -61.17 20.75
N CYS B 534 13.15 -60.02 20.67
CA CYS B 534 11.73 -59.89 21.02
C CYS B 534 10.84 -60.90 20.28
N ILE B 535 10.98 -60.93 18.96
CA ILE B 535 10.20 -61.83 18.09
C ILE B 535 10.42 -63.31 18.44
N MET B 536 11.67 -63.69 18.70
CA MET B 536 12.01 -65.10 18.98
C MET B 536 11.62 -65.53 20.39
N PHE B 537 11.58 -64.57 21.32
CA PHE B 537 11.13 -64.83 22.69
C PHE B 537 9.61 -64.97 22.76
N ASP B 538 8.90 -64.29 21.86
CA ASP B 538 7.46 -64.47 21.72
C ASP B 538 7.14 -65.82 21.06
N ALA B 539 8.01 -66.24 20.14
CA ALA B 539 7.88 -67.52 19.46
C ALA B 539 8.18 -68.68 20.41
N ALA B 540 9.17 -68.48 21.28
CA ALA B 540 9.53 -69.47 22.29
C ALA B 540 8.35 -69.80 23.20
N VAL B 541 7.61 -68.76 23.60
CA VAL B 541 6.42 -68.93 24.43
C VAL B 541 5.25 -69.49 23.62
N SER B 542 5.03 -68.96 22.41
CA SER B 542 3.96 -69.41 21.51
C SER B 542 4.09 -70.87 21.04
N GLY B 543 5.33 -71.33 20.89
CA GLY B 543 5.63 -72.68 20.41
C GLY B 543 5.89 -72.74 18.91
N GLY B 544 5.80 -71.57 18.25
CA GLY B 544 5.98 -71.47 16.82
C GLY B 544 6.04 -70.02 16.37
N LEU B 545 6.23 -69.82 15.07
CA LEU B 545 6.33 -68.48 14.49
C LEU B 545 5.46 -68.37 13.24
N ASN B 546 4.58 -67.38 13.24
CA ASN B 546 3.71 -67.14 12.09
C ASN B 546 4.33 -66.18 11.07
N THR B 547 3.74 -66.15 9.88
CA THR B 547 4.10 -65.21 8.85
C THR B 547 3.22 -63.97 9.03
N LEU B 548 3.82 -62.90 9.55
CA LEU B 548 3.11 -61.64 9.79
C LEU B 548 3.94 -60.47 9.27
N VAL B 549 3.32 -59.61 8.47
CA VAL B 549 3.99 -58.40 7.96
C VAL B 549 4.06 -57.36 9.05
N LEU B 550 5.28 -57.14 9.56
CA LEU B 550 5.50 -56.24 10.67
C LEU B 550 5.37 -54.77 10.25
N ARG B 551 4.86 -53.95 11.16
CA ARG B 551 4.65 -52.54 10.92
C ARG B 551 5.45 -51.74 11.94
N ALA B 552 6.26 -50.80 11.45
CA ALA B 552 7.10 -49.99 12.32
C ALA B 552 6.30 -48.82 12.90
N VAL B 553 6.37 -48.68 14.23
CA VAL B 553 5.73 -47.57 14.93
C VAL B 553 6.43 -46.26 14.59
N LEU B 554 7.75 -46.23 14.74
CA LEU B 554 8.54 -45.06 14.40
C LEU B 554 8.67 -44.91 12.88
N PRO B 555 8.65 -43.65 12.39
CA PRO B 555 9.03 -43.39 10.99
C PRO B 555 10.52 -43.67 10.78
N ARG B 556 10.89 -44.19 9.60
CA ARG B 556 12.30 -44.45 9.29
C ARG B 556 13.15 -43.17 9.26
N ASP B 557 12.49 -42.03 9.02
CA ASP B 557 13.17 -40.74 8.97
C ASP B 557 13.67 -40.28 10.34
N MET B 558 13.17 -40.94 11.38
CA MET B 558 13.43 -40.54 12.76
C MET B 558 14.62 -41.25 13.39
N VAL B 559 14.91 -42.47 12.93
CA VAL B 559 15.99 -43.28 13.48
C VAL B 559 17.36 -42.64 13.21
N PHE B 560 17.55 -42.20 11.97
CA PHE B 560 18.82 -41.63 11.54
C PHE B 560 18.71 -40.13 11.25
N ARG B 561 19.88 -39.49 11.09
CA ARG B 561 19.95 -38.06 10.76
C ARG B 561 20.61 -37.83 9.40
N LYS C 8 29.11 1.61 -13.20
CA LYS C 8 28.16 2.71 -13.60
C LYS C 8 28.32 3.98 -12.78
N SER C 9 29.02 3.89 -11.65
CA SER C 9 29.38 5.09 -10.88
C SER C 9 30.86 5.39 -11.04
N PHE C 10 31.64 4.35 -11.35
CA PHE C 10 33.04 4.53 -11.71
C PHE C 10 33.16 4.97 -13.16
N LEU C 11 32.14 4.65 -13.96
CA LEU C 11 32.00 5.18 -15.32
C LEU C 11 31.87 6.70 -15.25
N TRP C 12 30.99 7.15 -14.35
CA TRP C 12 30.73 8.57 -14.15
C TRP C 12 31.97 9.28 -13.62
N THR C 13 32.70 8.59 -12.74
CA THR C 13 33.98 9.06 -12.26
C THR C 13 34.90 9.27 -13.46
N GLN C 14 35.27 8.16 -14.12
CA GLN C 14 36.15 8.16 -15.29
C GLN C 14 35.85 9.27 -16.30
N SER C 15 34.59 9.40 -16.68
CA SER C 15 34.13 10.40 -17.65
C SER C 15 34.33 11.83 -17.18
N LEU C 16 34.10 12.06 -15.90
CA LEU C 16 34.37 13.35 -15.26
C LEU C 16 35.88 13.67 -15.25
N ARG C 17 36.69 12.63 -15.07
CA ARG C 17 38.15 12.76 -15.00
C ARG C 17 38.77 13.32 -16.28
N ARG C 18 38.27 12.85 -17.43
CA ARG C 18 38.81 13.23 -18.73
C ARG C 18 38.42 14.65 -19.14
N GLU C 19 37.17 15.02 -18.83
CA GLU C 19 36.61 16.33 -19.15
C GLU C 19 37.10 17.44 -18.21
N LEU C 20 37.59 17.06 -17.04
CA LEU C 20 38.06 18.03 -16.04
C LEU C 20 39.56 17.94 -15.82
N SER C 21 40.24 17.39 -16.81
CA SER C 21 41.68 17.12 -16.80
C SER C 21 42.57 18.33 -16.51
N GLY C 22 42.11 19.53 -16.93
CA GLY C 22 42.94 20.73 -16.91
C GLY C 22 42.75 21.68 -15.74
N TYR C 23 41.89 21.30 -14.81
CA TYR C 23 41.70 22.03 -13.55
C TYR C 23 42.41 21.28 -12.43
N CYS C 24 42.92 20.09 -12.79
CA CYS C 24 43.70 19.26 -11.89
C CYS C 24 45.19 19.63 -12.01
N SER C 25 45.95 19.34 -10.96
CA SER C 25 47.40 19.56 -10.98
C SER C 25 48.15 18.29 -10.58
N ASN C 26 48.84 18.31 -9.44
CA ASN C 26 49.59 17.15 -8.95
C ASN C 26 49.42 16.93 -7.45
N ILE C 27 49.71 17.98 -6.67
CA ILE C 27 49.73 17.93 -5.20
C ILE C 27 50.18 16.57 -4.61
N LYS C 28 51.48 16.33 -4.66
CA LYS C 28 52.11 15.18 -4.01
C LYS C 28 53.16 15.74 -3.05
N LEU C 29 53.46 17.03 -3.22
CA LEU C 29 54.35 17.75 -2.33
C LEU C 29 53.61 18.28 -1.11
N GLN C 30 52.58 19.08 -1.35
CA GLN C 30 51.84 19.77 -0.29
C GLN C 30 51.04 18.82 0.61
N VAL C 31 50.63 17.69 0.05
CA VAL C 31 49.89 16.67 0.81
C VAL C 31 50.78 16.06 1.89
N VAL C 32 52.01 15.74 1.53
CA VAL C 32 53.00 15.18 2.47
C VAL C 32 53.52 16.27 3.41
N LYS C 33 53.77 17.46 2.86
CA LYS C 33 54.18 18.64 3.63
C LYS C 33 53.23 18.91 4.80
N ASP C 34 51.94 19.01 4.50
CA ASP C 34 50.92 19.23 5.53
C ASP C 34 50.77 18.02 6.46
N ALA C 35 50.96 16.82 5.92
CA ALA C 35 50.96 15.60 6.73
C ALA C 35 52.16 15.58 7.69
N GLN C 36 53.29 16.14 7.25
CA GLN C 36 54.46 16.31 8.10
C GLN C 36 54.26 17.40 9.15
N ALA C 37 53.71 18.53 8.72
CA ALA C 37 53.38 19.64 9.64
C ALA C 37 52.31 19.23 10.65
N LEU C 38 51.64 18.10 10.40
CA LEU C 38 50.72 17.49 11.35
C LEU C 38 51.45 16.54 12.30
N LEU C 39 52.42 15.80 11.77
CA LEU C 39 53.19 14.85 12.58
C LEU C 39 53.94 15.55 13.72
N HIS C 40 54.49 16.72 13.41
CA HIS C 40 55.25 17.51 14.38
C HIS C 40 54.36 18.21 15.41
N GLY C 41 53.26 18.81 14.95
CA GLY C 41 52.48 19.71 15.80
C GLY C 41 51.02 19.39 16.01
N LEU C 42 50.71 18.12 16.25
CA LEU C 42 49.35 17.71 16.59
C LEU C 42 49.35 16.53 17.56
N ASP C 43 48.56 16.63 18.63
CA ASP C 43 48.46 15.52 19.58
C ASP C 43 47.48 14.45 19.08
N PHE C 44 47.98 13.23 18.93
CA PHE C 44 47.20 12.12 18.39
C PHE C 44 46.49 11.33 19.49
N SER C 45 46.59 11.84 20.71
CA SER C 45 45.85 11.31 21.84
C SER C 45 44.44 11.89 21.81
N GLU C 46 44.34 13.17 21.46
CA GLU C 46 43.06 13.84 21.26
C GLU C 46 42.39 13.32 19.98
N VAL C 47 43.21 12.85 19.04
CA VAL C 47 42.71 12.21 17.80
C VAL C 47 42.11 10.85 18.13
N SER C 48 42.78 10.09 19.00
CA SER C 48 42.24 8.83 19.51
C SER C 48 41.06 9.07 20.46
N ASN C 49 41.06 10.22 21.13
CA ASN C 49 39.92 10.64 21.95
C ASN C 49 38.70 10.94 21.07
N VAL C 50 38.94 11.52 19.90
CA VAL C 50 37.86 11.79 18.93
C VAL C 50 37.30 10.48 18.37
N GLN C 51 38.18 9.53 18.08
CA GLN C 51 37.79 8.21 17.60
C GLN C 51 36.94 7.47 18.63
N ARG C 52 37.24 7.70 19.91
CA ARG C 52 36.47 7.18 21.02
C ARG C 52 35.06 7.77 21.06
N LEU C 53 34.98 9.09 20.85
CA LEU C 53 33.72 9.83 20.86
C LEU C 53 32.83 9.41 19.70
N MET C 54 33.44 9.15 18.54
CA MET C 54 32.72 8.69 17.37
C MET C 54 32.37 7.20 17.46
N ARG C 55 32.95 6.53 18.47
CA ARG C 55 32.60 5.15 18.80
C ARG C 55 31.43 5.10 19.77
N LYS C 56 31.15 6.23 20.41
CA LYS C 56 29.97 6.36 21.28
C LYS C 56 28.70 6.33 20.43
N GLN C 57 27.68 5.65 20.96
CA GLN C 57 26.39 5.53 20.29
C GLN C 57 25.53 6.79 20.48
N ARG C 58 25.79 7.55 21.55
CA ARG C 58 25.18 8.87 21.76
C ARG C 58 26.24 9.93 22.05
N ARG C 59 26.07 11.11 21.48
CA ARG C 59 27.07 12.19 21.54
C ARG C 59 26.40 13.54 21.82
N ASP C 60 27.10 14.43 22.52
CA ASP C 60 26.53 15.72 22.88
C ASP C 60 27.45 16.92 22.61
N ASP C 61 27.14 18.06 23.22
CA ASP C 61 27.86 19.31 23.01
C ASP C 61 29.33 19.27 23.42
N SER C 62 29.62 18.52 24.47
CA SER C 62 30.99 18.40 24.99
C SER C 62 31.86 17.51 24.11
N ASP C 63 31.22 16.57 23.42
CA ASP C 63 31.92 15.70 22.48
C ASP C 63 32.13 16.43 21.15
N LEU C 64 31.15 17.24 20.75
CA LEU C 64 31.27 18.09 19.56
C LEU C 64 32.30 19.22 19.78
N LYS C 65 32.43 19.68 21.03
CA LYS C 65 33.48 20.64 21.37
C LYS C 65 34.87 20.03 21.17
N ARG C 66 35.05 18.81 21.66
CA ARG C 66 36.33 18.09 21.52
C ARG C 66 36.66 17.75 20.06
N LEU C 67 35.63 17.56 19.24
CA LEU C 67 35.82 17.40 17.80
C LEU C 67 36.18 18.73 17.12
N ARG C 68 35.33 19.74 17.29
CA ARG C 68 35.50 21.05 16.65
C ARG C 68 36.80 21.76 16.97
N ASP C 69 37.31 21.58 18.19
CA ASP C 69 38.62 22.09 18.59
C ASP C 69 39.75 21.37 17.86
N LEU C 70 39.57 20.08 17.59
CA LEU C 70 40.55 19.31 16.84
C LEU C 70 40.43 19.58 15.33
N ASN C 71 39.23 19.94 14.88
CA ASN C 71 39.03 20.41 13.52
C ASN C 71 39.57 21.84 13.34
N GLN C 72 39.79 22.52 14.47
CA GLN C 72 40.44 23.83 14.46
C GLN C 72 41.95 23.66 14.40
N ALA C 73 42.49 22.81 15.28
CA ALA C 73 43.93 22.61 15.43
C ALA C 73 44.61 22.06 14.16
N VAL C 74 43.93 21.15 13.47
CA VAL C 74 44.38 20.63 12.17
C VAL C 74 44.31 21.74 11.10
N ASN C 75 43.23 22.52 11.13
CA ASN C 75 43.04 23.65 10.22
C ASN C 75 44.09 24.75 10.41
N ASN C 76 44.63 24.84 11.63
CA ASN C 76 45.60 25.89 11.97
C ASN C 76 47.00 25.62 11.44
N LEU C 77 47.28 24.36 11.15
CA LEU C 77 48.62 23.93 10.73
C LEU C 77 48.75 23.81 9.20
N VAL C 78 47.73 23.26 8.56
CA VAL C 78 47.79 22.92 7.14
C VAL C 78 47.68 24.14 6.22
N GLU C 79 48.32 24.06 5.06
CA GLU C 79 48.33 25.15 4.11
C GLU C 79 47.50 24.83 2.85
N LEU C 80 46.81 23.67 2.89
CA LEU C 80 45.81 23.29 1.89
C LEU C 80 44.41 23.44 2.50
N LYS C 81 43.84 24.63 2.40
CA LYS C 81 42.55 24.94 3.03
C LYS C 81 41.58 25.61 2.08
N SER C 82 40.28 25.47 2.35
CA SER C 82 39.23 26.25 1.70
C SER C 82 38.84 27.41 2.61
N THR C 83 38.55 28.55 2.00
CA THR C 83 38.20 29.76 2.75
C THR C 83 36.80 30.21 2.37
N GLN C 84 36.19 31.05 3.21
CA GLN C 84 34.81 31.50 2.98
C GLN C 84 34.70 32.33 1.70
N GLN C 85 34.00 31.77 0.72
CA GLN C 85 33.74 32.44 -0.56
C GLN C 85 32.35 32.10 -1.11
N LYS C 86 31.46 33.09 -1.11
CA LYS C 86 30.14 32.95 -1.70
C LYS C 86 30.23 33.10 -3.22
N SER C 87 29.39 32.36 -3.94
CA SER C 87 29.31 32.42 -5.40
C SER C 87 27.91 32.84 -5.86
N VAL C 88 27.85 33.75 -6.84
CA VAL C 88 26.58 34.15 -7.44
C VAL C 88 26.60 33.83 -8.93
N LEU C 89 25.91 32.75 -9.30
CA LEU C 89 25.89 32.29 -10.70
C LEU C 89 25.07 33.18 -11.61
N ARG C 90 25.75 33.76 -12.60
CA ARG C 90 25.11 34.54 -13.64
C ARG C 90 25.36 33.90 -15.00
N VAL C 91 24.58 34.28 -16.01
CA VAL C 91 24.64 33.67 -17.35
C VAL C 91 26.10 33.54 -17.84
N GLY C 92 26.58 34.52 -18.60
CA GLY C 92 27.97 34.52 -19.09
C GLY C 92 28.45 33.23 -19.72
N THR C 93 29.23 32.45 -18.96
CA THR C 93 29.81 31.20 -19.45
C THR C 93 28.79 30.06 -19.38
N LEU C 94 27.92 30.11 -18.36
CA LEU C 94 26.86 29.12 -18.20
C LEU C 94 25.55 29.65 -18.75
N SER C 95 25.13 29.11 -19.89
CA SER C 95 23.89 29.50 -20.57
C SER C 95 22.68 29.45 -19.63
N SER C 96 21.67 30.27 -19.93
CA SER C 96 20.45 30.36 -19.12
C SER C 96 19.72 29.02 -18.95
N ASP C 97 20.18 28.00 -19.68
CA ASP C 97 19.62 26.66 -19.65
C ASP C 97 20.46 25.78 -18.71
N ASP C 98 21.74 26.14 -18.55
CA ASP C 98 22.61 25.48 -17.58
C ASP C 98 22.27 25.91 -16.15
N LEU C 99 21.92 27.19 -15.99
CA LEU C 99 21.54 27.76 -14.70
C LEU C 99 20.29 27.10 -14.13
N LEU C 100 19.28 26.91 -14.98
CA LEU C 100 18.01 26.28 -14.61
C LEU C 100 18.14 24.81 -14.25
N THR C 101 19.09 24.13 -14.90
CA THR C 101 19.39 22.73 -14.61
C THR C 101 20.22 22.62 -13.33
N LEU C 102 21.04 23.64 -13.07
CA LEU C 102 21.84 23.72 -11.85
C LEU C 102 21.01 24.13 -10.63
N ALA C 103 19.97 24.93 -10.86
CA ALA C 103 19.07 25.37 -9.78
C ALA C 103 18.09 24.26 -9.36
N ALA C 104 17.74 23.40 -10.30
CA ALA C 104 16.82 22.30 -10.05
C ALA C 104 17.52 21.11 -9.40
N ASP C 105 18.82 20.96 -9.69
CA ASP C 105 19.62 19.87 -9.16
C ASP C 105 20.11 20.13 -7.74
N LEU C 106 20.52 21.37 -7.48
CA LEU C 106 20.84 21.82 -6.12
C LEU C 106 19.64 21.71 -5.18
N GLU C 107 18.44 21.82 -5.74
CA GLU C 107 17.19 21.67 -5.00
C GLU C 107 16.91 20.22 -4.64
N LYS C 108 17.20 19.34 -5.59
CA LYS C 108 17.17 17.90 -5.37
C LYS C 108 18.22 17.52 -4.34
N LEU C 109 19.44 18.01 -4.56
CA LEU C 109 20.59 17.77 -3.68
C LEU C 109 20.32 18.22 -2.26
N LYS C 110 19.63 19.34 -2.10
CA LYS C 110 19.17 19.80 -0.81
C LYS C 110 18.36 18.71 -0.10
N SER C 111 17.44 18.10 -0.85
CA SER C 111 16.51 17.09 -0.31
C SER C 111 17.18 15.75 0.05
N LYS C 112 18.26 15.41 -0.66
CA LYS C 112 18.96 14.15 -0.41
C LYS C 112 19.88 14.27 0.81
N VAL C 113 20.68 15.34 0.83
CA VAL C 113 21.65 15.58 1.90
C VAL C 113 20.98 15.82 3.26
N THR C 114 19.83 16.50 3.22
CA THR C 114 19.03 16.75 4.42
C THR C 114 18.46 15.46 5.01
N ARG C 115 17.97 14.57 4.14
CA ARG C 115 17.35 13.31 4.59
C ARG C 115 18.36 12.28 5.09
N THR C 116 19.64 12.49 4.76
CA THR C 116 20.71 11.58 5.19
C THR C 116 21.39 12.06 6.47
N GLU C 117 21.68 13.35 6.55
CA GLU C 117 22.53 13.90 7.60
C GLU C 117 21.78 14.51 8.78
N ARG C 118 20.59 15.04 8.52
CA ARG C 118 19.78 15.70 9.56
C ARG C 118 19.20 14.75 10.63
N PRO C 119 18.76 13.53 10.24
CA PRO C 119 18.12 12.65 11.23
C PRO C 119 19.01 12.26 12.40
N LEU C 120 20.33 12.31 12.19
CA LEU C 120 21.31 12.01 13.23
C LEU C 120 21.13 12.95 14.41
N SER C 121 20.89 14.22 14.10
CA SER C 121 20.70 15.25 15.11
C SER C 121 19.26 15.29 15.61
N SER C 122 18.32 15.47 14.68
CA SER C 122 16.90 15.64 15.03
C SER C 122 16.21 14.42 15.64
N GLY C 123 16.60 13.23 15.17
CA GLY C 123 16.08 11.98 15.73
C GLY C 123 14.85 11.43 15.05
N VAL C 124 14.68 10.11 15.16
CA VAL C 124 13.51 9.42 14.62
C VAL C 124 12.88 8.59 15.74
N TYR C 125 11.57 8.75 15.91
CA TYR C 125 10.83 8.05 16.96
C TYR C 125 10.66 6.57 16.63
N MET C 126 11.31 5.71 17.41
CA MET C 126 11.19 4.27 17.26
C MET C 126 10.65 3.64 18.55
N GLY C 127 9.47 4.11 18.98
CA GLY C 127 8.83 3.61 20.20
C GLY C 127 7.55 2.83 19.94
N ASN C 128 6.42 3.41 20.30
CA ASN C 128 5.12 2.77 20.07
C ASN C 128 4.57 3.05 18.68
N LEU C 129 4.84 2.12 17.76
CA LEU C 129 4.38 2.22 16.38
C LEU C 129 4.01 0.85 15.83
N SER C 130 3.31 0.85 14.70
CA SER C 130 3.01 -0.39 13.99
C SER C 130 4.29 -0.99 13.44
N SER C 131 4.33 -2.33 13.38
CA SER C 131 5.47 -3.06 12.83
C SER C 131 5.94 -2.49 11.49
N GLN C 132 5.00 -2.26 10.59
CA GLN C 132 5.26 -1.72 9.25
C GLN C 132 5.95 -0.35 9.30
N GLN C 133 5.52 0.50 10.23
CA GLN C 133 6.15 1.79 10.46
C GLN C 133 7.59 1.57 10.96
N LEU C 134 7.73 0.66 11.91
CA LEU C 134 9.03 0.26 12.43
C LEU C 134 9.90 -0.40 11.35
N ASP C 135 9.27 -0.92 10.30
CA ASP C 135 9.98 -1.42 9.11
C ASP C 135 10.37 -0.26 8.20
N GLN C 136 9.37 0.52 7.77
CA GLN C 136 9.58 1.68 6.90
C GLN C 136 10.55 2.72 7.46
N ARG C 137 10.71 2.75 8.79
CA ARG C 137 11.57 3.73 9.44
C ARG C 137 12.97 3.23 9.78
N ARG C 138 13.11 1.91 9.99
CA ARG C 138 14.42 1.28 10.21
C ARG C 138 15.15 1.06 8.91
N ALA C 139 14.38 0.78 7.84
CA ALA C 139 14.92 0.73 6.50
C ALA C 139 15.68 2.03 6.24
N LEU C 140 14.99 3.15 6.47
CA LEU C 140 15.54 4.50 6.38
C LEU C 140 16.86 4.68 7.15
N LEU C 141 16.92 4.18 8.39
CA LEU C 141 18.11 4.34 9.25
C LEU C 141 19.34 3.57 8.74
N ASN C 142 19.13 2.36 8.25
CA ASN C 142 20.23 1.54 7.73
C ASN C 142 20.72 2.02 6.36
N LEU C 143 20.02 3.00 5.79
CA LEU C 143 20.42 3.61 4.53
C LEU C 143 21.35 4.79 4.79
N ILE C 144 21.07 5.52 5.88
CA ILE C 144 21.79 6.75 6.22
C ILE C 144 22.83 6.55 7.33
N GLY C 145 22.86 5.33 7.88
CA GLY C 145 23.89 4.95 8.85
C GLY C 145 23.59 5.21 10.32
N MET C 146 22.32 5.11 10.70
CA MET C 146 21.93 5.18 12.12
C MET C 146 21.69 3.80 12.72
N ASP C 158 9.74 8.04 25.32
CA ASP C 158 11.06 8.27 24.73
C ASP C 158 11.04 7.90 23.24
N GLY C 159 11.52 6.69 22.92
CA GLY C 159 11.47 6.18 21.55
C GLY C 159 12.46 6.81 20.59
N VAL C 160 12.53 8.14 20.59
CA VAL C 160 13.38 8.92 19.67
C VAL C 160 14.85 8.54 19.73
N VAL C 161 15.37 7.95 18.65
CA VAL C 161 16.78 7.60 18.54
C VAL C 161 17.55 8.68 17.76
N ARG C 162 18.60 9.22 18.36
CA ARG C 162 19.51 10.17 17.70
C ARG C 162 20.96 9.97 18.14
N VAL C 163 21.89 10.33 17.25
CA VAL C 163 23.32 10.20 17.52
C VAL C 163 23.89 11.48 18.14
N TRP C 164 23.58 12.62 17.53
CA TRP C 164 24.00 13.91 18.06
C TRP C 164 22.84 14.60 18.79
N ASP C 165 23.01 14.78 20.09
CA ASP C 165 22.08 15.56 20.90
C ASP C 165 22.75 16.88 21.27
N VAL C 166 22.57 17.88 20.41
CA VAL C 166 23.26 19.18 20.53
C VAL C 166 22.27 20.35 20.53
N LYS C 167 22.62 21.41 21.25
CA LYS C 167 21.79 22.60 21.35
C LYS C 167 21.83 23.42 20.06
N ASN C 168 22.98 23.45 19.40
CA ASN C 168 23.11 24.07 18.09
C ASN C 168 23.59 23.08 17.04
N ALA C 169 22.70 22.75 16.10
CA ALA C 169 22.98 21.74 15.08
C ALA C 169 23.70 22.30 13.85
N GLU C 170 23.84 23.63 13.81
CA GLU C 170 24.62 24.30 12.76
C GLU C 170 26.12 24.21 13.05
N LEU C 171 26.48 23.80 14.27
CA LEU C 171 27.88 23.59 14.63
C LEU C 171 28.38 22.25 14.12
N LEU C 172 27.45 21.41 13.67
CA LEU C 172 27.76 20.10 13.11
C LEU C 172 28.28 20.17 11.67
N ASN C 173 27.79 21.14 10.89
CA ASN C 173 28.11 21.26 9.46
C ASN C 173 29.60 21.47 9.18
N ASN C 174 30.11 20.74 8.18
CA ASN C 174 31.50 20.81 7.75
C ASN C 174 32.50 20.48 8.85
N GLN C 175 32.34 19.31 9.47
CA GLN C 175 33.20 18.86 10.57
C GLN C 175 33.59 17.40 10.42
N PHE C 176 32.95 16.72 9.47
CA PHE C 176 33.15 15.29 9.24
C PHE C 176 33.97 15.02 7.97
N GLY C 177 34.50 16.08 7.37
CA GLY C 177 35.25 16.00 6.11
C GLY C 177 36.50 15.15 6.19
N THR C 178 36.94 14.66 5.04
CA THR C 178 38.11 13.77 4.91
C THR C 178 39.23 14.44 4.10
N MET C 179 40.43 14.50 4.67
CA MET C 179 41.59 15.07 4.00
C MET C 179 42.76 14.09 4.02
N PRO C 180 43.37 13.85 2.84
CA PRO C 180 44.48 12.90 2.65
C PRO C 180 45.63 13.08 3.63
N SER C 181 46.06 14.33 3.82
CA SER C 181 47.16 14.64 4.73
C SER C 181 46.81 14.23 6.16
N LEU C 182 45.55 14.41 6.52
CA LEU C 182 45.05 14.03 7.85
C LEU C 182 44.97 12.51 7.98
N THR C 183 44.69 11.84 6.86
CA THR C 183 44.71 10.38 6.79
C THR C 183 46.14 9.86 6.82
N LEU C 184 47.03 10.57 6.13
CA LEU C 184 48.45 10.20 6.04
C LEU C 184 49.08 10.22 7.43
N ALA C 185 49.00 11.38 8.08
CA ALA C 185 49.55 11.60 9.43
C ALA C 185 48.94 10.68 10.50
N CYS C 186 47.70 10.22 10.25
CA CYS C 186 47.02 9.31 11.17
C CYS C 186 47.49 7.86 11.02
N LEU C 187 47.71 7.43 9.78
CA LEU C 187 48.21 6.08 9.49
C LEU C 187 49.65 5.89 9.96
N THR C 188 50.40 6.97 9.94
CA THR C 188 51.82 6.98 10.29
C THR C 188 52.03 6.79 11.79
N LYS C 189 51.43 7.67 12.59
CA LYS C 189 51.60 7.67 14.04
C LYS C 189 50.82 6.55 14.73
N GLN C 190 49.56 6.38 14.37
CA GLN C 190 48.69 5.37 14.98
C GLN C 190 49.02 3.94 14.54
N GLY C 191 49.61 3.80 13.36
CA GLY C 191 50.01 2.51 12.81
C GLY C 191 51.45 2.16 13.09
N GLN C 192 52.21 3.17 13.52
CA GLN C 192 53.61 3.02 13.96
C GLN C 192 54.56 2.55 12.86
N VAL C 193 54.33 3.06 11.65
CA VAL C 193 55.24 2.85 10.53
C VAL C 193 55.84 4.19 10.13
N ASP C 194 56.94 4.15 9.36
CA ASP C 194 57.61 5.35 8.89
C ASP C 194 56.74 6.06 7.85
N LEU C 195 56.86 7.38 7.78
CA LEU C 195 56.05 8.20 6.88
C LEU C 195 56.05 7.69 5.43
N ASN C 196 57.22 7.35 4.93
CA ASN C 196 57.39 6.82 3.57
C ASN C 196 56.55 5.57 3.31
N ASP C 197 56.51 4.66 4.28
CA ASP C 197 55.76 3.40 4.17
C ASP C 197 54.25 3.59 4.04
N VAL C 198 53.75 4.73 4.52
CA VAL C 198 52.34 5.11 4.34
C VAL C 198 52.12 5.61 2.91
N VAL C 199 53.10 6.35 2.39
CA VAL C 199 53.07 6.86 1.02
C VAL C 199 53.22 5.71 0.03
N GLN C 200 54.14 4.79 0.31
CA GLN C 200 54.38 3.62 -0.53
C GLN C 200 53.11 2.75 -0.60
N ALA C 201 52.43 2.59 0.53
CA ALA C 201 51.22 1.78 0.64
C ALA C 201 50.00 2.37 -0.07
N LEU C 202 49.80 3.68 0.04
CA LEU C 202 48.61 4.33 -0.52
C LEU C 202 48.72 4.65 -2.01
N THR C 203 49.94 4.83 -2.50
CA THR C 203 50.19 4.98 -3.93
C THR C 203 49.78 3.73 -4.70
N ASP C 204 50.15 2.56 -4.17
CA ASP C 204 49.83 1.27 -4.77
C ASP C 204 48.32 1.01 -4.82
N LEU C 205 47.59 1.62 -3.90
CA LEU C 205 46.13 1.60 -3.88
C LEU C 205 45.56 2.62 -4.86
N GLY C 206 46.33 3.68 -5.12
CA GLY C 206 45.94 4.74 -6.04
C GLY C 206 46.03 4.35 -7.49
N LEU C 207 46.97 3.45 -7.80
CA LEU C 207 47.12 2.88 -9.15
C LEU C 207 45.97 1.95 -9.52
N ILE C 208 45.30 1.43 -8.49
CA ILE C 208 44.08 0.64 -8.70
C ILE C 208 42.91 1.59 -8.98
N TYR C 209 42.96 2.78 -8.41
CA TYR C 209 41.89 3.77 -8.55
C TYR C 209 41.79 4.36 -9.96
N THR C 210 42.86 4.22 -10.75
CA THR C 210 42.90 4.66 -12.15
C THR C 210 42.16 3.69 -13.07
N ALA C 211 41.92 2.48 -12.57
CA ALA C 211 41.38 1.38 -13.39
C ALA C 211 40.01 0.87 -12.93
N LYS C 212 39.79 0.84 -11.61
CA LYS C 212 38.50 0.46 -11.03
C LYS C 212 38.40 1.01 -9.62
N TYR C 213 37.22 0.92 -9.00
CA TYR C 213 37.09 1.28 -7.58
C TYR C 213 37.42 0.07 -6.70
N PRO C 214 38.55 0.14 -5.95
CA PRO C 214 39.00 -0.94 -5.08
C PRO C 214 37.91 -1.49 -4.16
N ASN C 215 37.97 -2.79 -3.88
CA ASN C 215 36.97 -3.47 -3.08
C ASN C 215 37.58 -4.26 -1.92
N THR C 216 36.84 -5.23 -1.40
CA THR C 216 37.29 -6.10 -0.32
C THR C 216 38.68 -6.70 -0.58
N SER C 217 38.83 -7.38 -1.71
CA SER C 217 40.05 -8.14 -2.01
C SER C 217 41.23 -7.31 -2.54
N ASP C 218 40.91 -6.18 -3.20
CA ASP C 218 41.94 -5.23 -3.64
C ASP C 218 42.88 -4.86 -2.49
N LEU C 219 42.30 -4.42 -1.38
CA LEU C 219 43.06 -3.98 -0.23
C LEU C 219 43.61 -5.14 0.59
N ASP C 220 42.93 -6.29 0.50
CA ASP C 220 43.36 -7.52 1.20
C ASP C 220 44.69 -8.05 0.69
N ARG C 221 44.94 -7.90 -0.61
CA ARG C 221 46.19 -8.34 -1.23
C ARG C 221 47.27 -7.28 -1.10
N LEU C 222 46.87 -6.02 -1.18
CA LEU C 222 47.77 -4.91 -0.90
C LEU C 222 48.37 -5.04 0.50
N THR C 223 47.52 -5.39 1.47
CA THR C 223 47.94 -5.59 2.86
C THR C 223 49.01 -6.67 3.00
N GLN C 224 49.06 -7.59 2.04
CA GLN C 224 50.07 -8.66 2.05
C GLN C 224 51.50 -8.12 1.86
N SER C 225 51.62 -7.03 1.10
CA SER C 225 52.89 -6.31 0.99
C SER C 225 52.89 -5.07 1.88
N HIS C 226 51.71 -4.51 2.12
CA HIS C 226 51.56 -3.29 2.92
C HIS C 226 50.71 -3.54 4.18
N PRO C 227 51.34 -4.09 5.25
CA PRO C 227 50.60 -4.52 6.46
C PRO C 227 49.96 -3.36 7.23
N ILE C 228 50.37 -2.13 6.88
CA ILE C 228 49.82 -0.92 7.46
C ILE C 228 48.36 -0.70 7.01
N LEU C 229 47.99 -1.29 5.87
CA LEU C 229 46.64 -1.15 5.33
C LEU C 229 45.59 -2.05 6.00
N ASN C 230 45.91 -2.61 7.16
CA ASN C 230 44.96 -3.45 7.90
C ASN C 230 44.02 -2.66 8.82
N MET C 231 44.39 -1.41 9.10
CA MET C 231 43.61 -0.51 9.95
C MET C 231 42.34 -0.03 9.26
N ILE C 232 42.20 -0.39 7.99
CA ILE C 232 41.18 0.18 7.10
C ILE C 232 39.99 -0.77 6.92
N ASP C 233 38.78 -0.21 6.99
CA ASP C 233 37.53 -0.95 6.81
C ASP C 233 37.05 -0.92 5.36
N THR C 234 36.43 -2.02 4.92
CA THR C 234 35.69 -2.03 3.66
C THR C 234 34.23 -1.65 3.94
N LYS C 235 33.67 -2.26 4.99
CA LYS C 235 32.36 -1.93 5.53
C LYS C 235 32.55 -1.71 7.03
N LYS C 236 32.10 -0.58 7.59
CA LYS C 236 31.33 0.48 6.93
C LYS C 236 31.60 1.80 7.68
N SER C 237 31.36 2.97 7.08
CA SER C 237 30.84 3.18 5.72
C SER C 237 31.58 4.39 5.16
N SER C 238 30.83 5.43 4.81
CA SER C 238 31.39 6.75 4.50
C SER C 238 30.38 7.80 4.94
N LEU C 239 29.67 7.52 6.03
CA LEU C 239 28.59 8.38 6.51
C LEU C 239 28.86 8.95 7.91
N ASN C 240 28.29 8.35 8.96
CA ASN C 240 28.48 8.86 10.33
C ASN C 240 29.92 8.69 10.83
N ILE C 241 30.86 8.66 9.89
CA ILE C 241 32.28 8.66 10.20
C ILE C 241 32.83 10.09 10.20
N SER C 242 34.03 10.25 10.73
CA SER C 242 34.78 11.50 10.62
C SER C 242 36.09 11.22 9.88
N GLY C 243 36.78 12.28 9.46
CA GLY C 243 38.06 12.15 8.75
C GLY C 243 39.16 11.51 9.58
N TYR C 244 38.94 11.43 10.89
CA TYR C 244 39.86 10.80 11.82
C TYR C 244 39.73 9.27 11.82
N ASN C 245 38.66 8.78 11.20
CA ASN C 245 38.44 7.35 11.03
C ASN C 245 39.20 6.80 9.83
N PHE C 246 39.22 5.47 9.71
CA PHE C 246 39.89 4.82 8.60
C PHE C 246 38.89 4.07 7.73
N SER C 247 38.23 4.82 6.86
CA SER C 247 37.26 4.29 5.92
C SER C 247 37.98 3.83 4.66
N LEU C 248 37.23 3.27 3.72
CA LEU C 248 37.75 2.91 2.41
C LEU C 248 38.06 4.17 1.59
N GLY C 249 37.13 5.12 1.58
CA GLY C 249 37.22 6.34 0.77
C GLY C 249 38.38 7.25 1.14
N ALA C 250 38.59 7.41 2.45
CA ALA C 250 39.69 8.22 2.97
C ALA C 250 41.04 7.74 2.43
N ALA C 251 41.24 6.43 2.40
CA ALA C 251 42.45 5.81 1.88
C ALA C 251 42.55 5.95 0.35
N VAL C 252 41.40 5.82 -0.32
CA VAL C 252 41.31 5.96 -1.78
C VAL C 252 41.68 7.38 -2.25
N LYS C 253 41.07 8.38 -1.62
CA LYS C 253 41.33 9.80 -1.91
C LYS C 253 42.80 10.15 -1.68
N ALA C 254 43.38 9.61 -0.60
CA ALA C 254 44.77 9.82 -0.25
C ALA C 254 45.72 9.20 -1.27
N GLY C 255 45.35 8.03 -1.78
CA GLY C 255 46.15 7.30 -2.76
C GLY C 255 46.13 7.94 -4.14
N ALA C 256 45.13 8.79 -4.36
CA ALA C 256 45.01 9.53 -5.62
C ALA C 256 45.99 10.70 -5.62
N CYS C 257 46.10 11.36 -4.47
CA CYS C 257 46.96 12.53 -4.30
C CYS C 257 48.42 12.14 -4.10
N MET C 258 48.77 10.92 -4.48
CA MET C 258 50.13 10.38 -4.33
C MET C 258 50.80 10.14 -5.67
N LEU C 259 50.00 10.07 -6.73
CA LEU C 259 50.48 9.80 -8.08
C LEU C 259 50.94 11.10 -8.77
N ASP C 260 51.62 10.94 -9.91
CA ASP C 260 52.00 12.05 -10.77
C ASP C 260 51.02 12.13 -11.93
N GLY C 261 50.35 13.27 -12.08
CA GLY C 261 49.41 13.51 -13.18
C GLY C 261 48.22 12.57 -13.23
N GLY C 262 47.80 12.23 -14.44
CA GLY C 262 46.72 11.25 -14.67
C GLY C 262 45.31 11.81 -14.63
N ASN C 263 45.19 13.13 -14.49
CA ASN C 263 43.89 13.82 -14.44
C ASN C 263 43.02 13.35 -13.26
N MET C 264 43.58 13.43 -12.06
CA MET C 264 42.92 12.90 -10.86
C MET C 264 41.94 13.90 -10.24
N LEU C 265 40.68 13.49 -10.15
CA LEU C 265 39.59 14.36 -9.67
C LEU C 265 39.86 15.01 -8.33
N GLU C 266 40.41 14.22 -7.41
CA GLU C 266 40.70 14.66 -6.05
C GLU C 266 41.56 15.92 -5.97
N THR C 267 42.35 16.14 -7.02
CA THR C 267 43.36 17.20 -7.06
C THR C 267 42.79 18.58 -7.47
N ILE C 268 41.50 18.62 -7.82
CA ILE C 268 40.86 19.84 -8.31
C ILE C 268 40.96 21.01 -7.33
N LYS C 269 41.46 22.13 -7.83
CA LYS C 269 41.48 23.40 -7.11
C LYS C 269 40.54 24.35 -7.85
N VAL C 270 39.68 25.02 -7.09
CA VAL C 270 38.72 25.95 -7.66
C VAL C 270 39.13 27.41 -7.39
N SER C 271 38.72 28.29 -8.29
CA SER C 271 38.94 29.73 -8.12
C SER C 271 37.70 30.52 -8.54
N PRO C 272 37.60 31.81 -8.13
CA PRO C 272 36.52 32.67 -8.61
C PRO C 272 36.56 32.92 -10.12
N GLN C 273 37.66 32.54 -10.77
CA GLN C 273 37.80 32.68 -12.22
C GLN C 273 37.50 31.38 -12.95
N SER C 274 37.55 30.26 -12.23
CA SER C 274 37.43 28.94 -12.85
C SER C 274 36.17 28.15 -12.47
N MET C 275 35.39 28.67 -11.53
CA MET C 275 34.24 27.93 -10.97
C MET C 275 33.13 27.68 -11.98
N ASP C 276 32.97 28.59 -12.94
CA ASP C 276 31.92 28.46 -13.95
C ASP C 276 32.22 27.38 -14.98
N GLY C 277 33.46 27.36 -15.46
CA GLY C 277 33.90 26.38 -16.45
C GLY C 277 33.92 24.95 -15.94
N ILE C 278 34.24 24.79 -14.65
CA ILE C 278 34.20 23.48 -14.00
C ILE C 278 32.75 22.99 -13.89
N LEU C 279 31.85 23.93 -13.62
CA LEU C 279 30.42 23.67 -13.58
C LEU C 279 29.87 23.41 -14.98
N LYS C 280 30.38 24.17 -15.95
CA LYS C 280 30.05 23.99 -17.36
C LYS C 280 30.44 22.59 -17.81
N SER C 281 31.61 22.14 -17.35
CA SER C 281 32.14 20.81 -17.68
C SER C 281 31.27 19.67 -17.14
N ILE C 282 30.86 19.79 -15.87
CA ILE C 282 30.05 18.77 -15.19
C ILE C 282 28.73 18.51 -15.90
N LEU C 283 28.05 19.58 -16.30
CA LEU C 283 26.71 19.50 -16.90
C LEU C 283 26.71 18.87 -18.29
N LYS C 284 27.86 18.89 -18.96
CA LYS C 284 28.02 18.23 -20.25
C LYS C 284 28.04 16.72 -20.04
N VAL C 285 28.84 16.28 -19.07
CA VAL C 285 29.02 14.86 -18.75
C VAL C 285 27.72 14.25 -18.23
N LYS C 286 27.03 15.00 -17.37
CA LYS C 286 25.70 14.60 -16.88
C LYS C 286 24.77 14.33 -18.05
N ARG C 287 24.65 15.34 -18.91
CA ARG C 287 23.84 15.29 -20.13
C ARG C 287 24.26 14.10 -20.99
N ALA C 288 25.57 13.93 -21.18
CA ALA C 288 26.12 12.91 -22.07
C ALA C 288 25.95 11.48 -21.56
N LEU C 289 25.90 11.32 -20.25
CA LEU C 289 25.84 9.99 -19.64
C LEU C 289 24.45 9.61 -19.16
N GLY C 290 23.79 10.54 -18.48
CA GLY C 290 22.54 10.27 -17.79
C GLY C 290 22.74 10.40 -16.29
N MET C 291 23.56 11.37 -15.89
CA MET C 291 23.77 11.65 -14.47
C MET C 291 22.60 12.48 -13.93
N PHE C 292 22.42 12.41 -12.62
CA PHE C 292 21.29 13.03 -11.94
C PHE C 292 21.45 12.90 -10.44
N VAL C 293 20.76 13.77 -9.69
CA VAL C 293 20.76 13.71 -8.24
C VAL C 293 19.72 12.68 -7.78
N SER C 294 20.18 11.63 -7.12
CA SER C 294 19.28 10.62 -6.57
C SER C 294 18.38 11.25 -5.50
N ASP C 295 17.10 10.88 -5.52
CA ASP C 295 16.12 11.34 -4.54
C ASP C 295 15.97 10.32 -3.40
N THR C 296 16.83 9.30 -3.43
CA THR C 296 16.86 8.26 -2.41
C THR C 296 18.06 8.49 -1.48
N PRO C 297 17.83 8.53 -0.15
CA PRO C 297 18.87 8.85 0.84
C PRO C 297 19.97 7.79 0.96
N GLY C 298 21.16 8.23 1.36
CA GLY C 298 22.32 7.35 1.53
C GLY C 298 23.63 7.98 1.14
N GLU C 299 24.49 7.19 0.49
CA GLU C 299 25.79 7.67 0.05
C GLU C 299 25.70 8.43 -1.27
N ARG C 300 26.58 9.41 -1.44
CA ARG C 300 26.63 10.22 -2.64
C ARG C 300 27.14 9.45 -3.86
N ASN C 301 26.40 9.54 -4.97
CA ASN C 301 26.93 9.13 -6.26
C ASN C 301 27.97 10.16 -6.69
N PRO C 302 28.92 9.78 -7.57
CA PRO C 302 29.97 10.75 -7.93
C PRO C 302 29.45 12.12 -8.41
N TYR C 303 28.22 12.17 -8.93
CA TYR C 303 27.64 13.43 -9.38
C TYR C 303 27.20 14.31 -8.21
N GLU C 304 26.52 13.70 -7.25
CA GLU C 304 26.11 14.40 -6.03
C GLU C 304 27.34 14.95 -5.31
N ASN C 305 28.39 14.12 -5.23
CA ASN C 305 29.60 14.49 -4.51
C ASN C 305 30.40 15.64 -5.12
N ILE C 306 30.49 15.66 -6.45
CA ILE C 306 31.21 16.74 -7.13
C ILE C 306 30.46 18.07 -7.03
N LEU C 307 29.14 18.02 -7.26
CA LEU C 307 28.30 19.20 -7.25
C LEU C 307 28.19 19.82 -5.85
N TYR C 308 28.26 18.97 -4.82
CA TYR C 308 28.23 19.41 -3.42
C TYR C 308 29.54 20.07 -2.97
N LYS C 309 30.66 19.41 -3.25
CA LYS C 309 31.99 19.87 -2.82
C LYS C 309 32.37 21.21 -3.46
N ILE C 310 31.90 21.42 -4.69
CA ILE C 310 32.18 22.64 -5.44
C ILE C 310 31.34 23.80 -4.93
N CYS C 311 30.04 23.57 -4.76
CA CYS C 311 29.14 24.65 -4.36
C CYS C 311 29.28 25.04 -2.88
N LEU C 312 30.08 24.27 -2.14
CA LEU C 312 30.42 24.64 -0.77
C LEU C 312 31.24 25.93 -0.72
N SER C 313 32.29 25.99 -1.54
CA SER C 313 33.18 27.15 -1.57
C SER C 313 33.73 27.40 -2.98
N GLY C 314 34.01 28.66 -3.28
CA GLY C 314 34.56 29.03 -4.59
C GLY C 314 36.05 29.27 -4.53
N ASP C 315 36.70 28.68 -3.53
CA ASP C 315 38.12 28.90 -3.27
C ASP C 315 38.71 27.70 -2.54
N GLY C 316 39.58 26.95 -3.23
CA GLY C 316 40.33 25.85 -2.61
C GLY C 316 40.19 24.52 -3.31
N TRP C 317 40.52 23.44 -2.59
CA TRP C 317 40.44 22.08 -3.13
C TRP C 317 39.22 21.35 -2.58
N PRO C 318 38.09 21.40 -3.30
CA PRO C 318 36.80 20.88 -2.82
C PRO C 318 36.86 19.45 -2.26
N TYR C 319 37.81 18.65 -2.76
CA TYR C 319 37.99 17.27 -2.30
C TYR C 319 38.97 17.14 -1.12
N ILE C 320 40.07 17.90 -1.15
CA ILE C 320 41.18 17.64 -0.22
C ILE C 320 41.60 18.80 0.71
N ALA C 321 40.81 19.86 0.75
CA ALA C 321 41.13 21.04 1.59
C ALA C 321 40.66 20.92 3.04
N SER C 322 40.94 21.95 3.84
CA SER C 322 40.53 22.00 5.24
C SER C 322 39.23 22.79 5.42
N ARG C 323 38.13 22.20 4.98
CA ARG C 323 36.82 22.83 4.98
C ARG C 323 36.16 22.84 6.36
N THR C 324 36.95 22.58 7.40
CA THR C 324 36.43 22.41 8.76
C THR C 324 35.95 23.72 9.42
N SER C 325 36.38 24.85 8.88
CA SER C 325 35.92 26.15 9.39
C SER C 325 34.95 26.85 8.45
N ILE C 326 34.45 26.10 7.46
CA ILE C 326 33.46 26.62 6.52
C ILE C 326 32.07 26.56 7.15
N VAL C 327 31.31 27.64 6.98
CA VAL C 327 29.99 27.76 7.58
C VAL C 327 28.88 27.86 6.53
N GLY C 328 27.81 27.11 6.74
CA GLY C 328 26.70 27.07 5.79
C GLY C 328 26.90 26.00 4.73
N ARG C 329 25.79 25.44 4.27
CA ARG C 329 25.81 24.36 3.27
C ARG C 329 26.03 24.87 1.83
N ALA C 330 26.06 23.94 0.89
CA ALA C 330 26.41 24.23 -0.52
C ALA C 330 25.35 24.97 -1.32
N TRP C 331 24.09 24.84 -0.90
CA TRP C 331 22.98 25.55 -1.53
C TRP C 331 22.75 26.90 -0.87
N GLU C 332 23.42 27.11 0.26
CA GLU C 332 23.41 28.40 0.96
C GLU C 332 24.62 29.22 0.51
N ASN C 333 25.79 28.58 0.49
CA ASN C 333 27.04 29.23 0.09
C ASN C 333 27.13 29.56 -1.40
N THR C 334 26.26 28.95 -2.19
CA THR C 334 26.23 29.18 -3.63
C THR C 334 24.79 29.32 -4.12
N VAL C 335 24.50 30.49 -4.72
CA VAL C 335 23.14 30.81 -5.19
C VAL C 335 23.12 31.21 -6.66
N VAL C 336 21.96 30.99 -7.29
CA VAL C 336 21.79 31.21 -8.72
C VAL C 336 20.98 32.49 -8.97
N ASP C 337 21.34 33.22 -10.03
CA ASP C 337 20.56 34.38 -10.46
C ASP C 337 20.06 34.17 -11.90
N LEU C 338 18.76 33.93 -12.02
CA LEU C 338 18.08 33.78 -13.32
C LEU C 338 18.04 35.10 -14.08
N GLY C 364 2.56 25.56 -3.26
CA GLY C 364 3.18 24.52 -4.06
C GLY C 364 4.60 24.21 -3.64
N LEU C 365 4.81 22.99 -3.13
CA LEU C 365 6.14 22.50 -2.79
C LEU C 365 6.66 21.57 -3.89
N THR C 366 7.98 21.46 -3.97
CA THR C 366 8.62 20.56 -4.93
C THR C 366 8.56 19.12 -4.46
N TYR C 367 8.28 18.21 -5.39
CA TYR C 367 8.31 16.77 -5.16
C TYR C 367 9.39 16.35 -4.16
N SER C 368 10.56 16.97 -4.27
CA SER C 368 11.71 16.69 -3.41
C SER C 368 11.53 17.15 -1.97
N GLN C 369 10.88 18.30 -1.77
CA GLN C 369 10.68 18.87 -0.45
C GLN C 369 9.59 18.17 0.36
N LEU C 370 8.66 17.53 -0.34
CA LEU C 370 7.57 16.81 0.31
C LEU C 370 8.06 15.54 0.99
N MET C 371 9.07 14.91 0.39
CA MET C 371 9.70 13.72 0.97
C MET C 371 10.65 14.09 2.11
N THR C 372 11.17 15.31 2.06
CA THR C 372 11.94 15.86 3.16
C THR C 372 11.02 16.10 4.34
N LEU C 373 9.84 16.66 4.06
CA LEU C 373 8.85 16.96 5.09
C LEU C 373 8.27 15.71 5.74
N LYS C 374 8.01 14.68 4.93
CA LYS C 374 7.44 13.42 5.44
C LYS C 374 8.42 12.66 6.32
N ASP C 375 9.72 12.87 6.09
CA ASP C 375 10.78 12.27 6.91
C ASP C 375 11.23 13.20 8.02
N ALA C 376 10.62 14.38 8.08
CA ALA C 376 10.81 15.33 9.18
C ALA C 376 9.73 15.12 10.24
N MET C 377 8.55 14.70 9.80
CA MET C 377 7.43 14.42 10.70
C MET C 377 7.58 13.08 11.43
N LEU C 378 8.61 12.31 11.08
CA LEU C 378 8.90 11.03 11.71
C LEU C 378 9.47 11.20 13.11
N GLN C 379 10.01 12.39 13.39
CA GLN C 379 10.58 12.72 14.70
C GLN C 379 9.54 12.69 15.80
N LEU C 380 8.32 13.10 15.45
CA LEU C 380 7.20 13.22 16.40
C LEU C 380 6.79 11.90 17.05
N ASP C 381 6.49 11.96 18.35
CA ASP C 381 5.90 10.83 19.06
C ASP C 381 4.38 11.00 19.02
N PRO C 382 3.70 10.24 18.14
CA PRO C 382 2.25 10.36 17.96
C PRO C 382 1.42 9.89 19.15
N ASN C 383 2.09 9.29 20.14
CA ASN C 383 1.41 8.71 21.31
C ASN C 383 1.56 9.59 22.55
N ALA C 384 1.90 10.87 22.33
CA ALA C 384 2.22 11.79 23.40
C ALA C 384 1.35 13.05 23.40
N LYS C 385 1.38 13.77 24.53
CA LYS C 385 0.61 15.01 24.71
C LYS C 385 1.09 16.11 23.74
N THR C 386 0.20 16.49 22.83
CA THR C 386 0.54 17.43 21.76
C THR C 386 -0.46 18.57 21.70
N TRP C 387 0.07 19.80 21.66
CA TRP C 387 -0.76 20.99 21.54
C TRP C 387 -0.84 21.47 20.09
N MET C 388 -1.80 22.35 19.81
CA MET C 388 -1.93 22.99 18.50
C MET C 388 -2.59 24.36 18.62
N ASP C 389 -2.05 25.34 17.90
CA ASP C 389 -2.52 26.72 17.96
C ASP C 389 -2.20 27.44 16.66
N ILE C 390 -3.13 28.29 16.22
CA ILE C 390 -2.95 29.09 15.01
C ILE C 390 -3.27 30.58 15.24
N GLU C 391 -2.80 31.42 14.31
CA GLU C 391 -3.19 32.82 14.29
C GLU C 391 -3.96 33.12 13.00
N GLY C 392 -4.98 33.96 13.13
CA GLY C 392 -5.90 34.24 12.02
C GLY C 392 -7.06 33.26 12.06
N ARG C 393 -7.98 33.41 11.11
CA ARG C 393 -9.17 32.56 11.01
C ARG C 393 -8.85 31.21 10.33
N PRO C 394 -9.55 30.13 10.75
CA PRO C 394 -9.28 28.76 10.29
C PRO C 394 -9.27 28.51 8.77
N GLU C 395 -9.91 29.40 8.01
CA GLU C 395 -9.97 29.29 6.55
C GLU C 395 -8.84 30.07 5.86
N ASP C 396 -8.03 30.74 6.68
CA ASP C 396 -6.90 31.52 6.19
C ASP C 396 -5.86 31.73 7.30
N PRO C 397 -5.28 30.62 7.81
CA PRO C 397 -4.26 30.72 8.86
C PRO C 397 -2.95 31.32 8.36
N VAL C 398 -2.38 32.24 9.13
CA VAL C 398 -1.12 32.91 8.77
C VAL C 398 0.09 32.41 9.57
N GLU C 399 -0.18 31.89 10.77
CA GLU C 399 0.86 31.25 11.59
C GLU C 399 0.28 29.95 12.14
N VAL C 400 1.09 28.89 12.12
CA VAL C 400 0.66 27.57 12.57
C VAL C 400 1.71 26.93 13.49
N ALA C 401 1.24 26.26 14.54
CA ALA C 401 2.14 25.65 15.52
C ALA C 401 1.61 24.35 16.11
N LEU C 402 2.52 23.43 16.39
CA LEU C 402 2.24 22.24 17.18
C LEU C 402 3.43 22.00 18.11
N TYR C 403 3.17 21.51 19.32
CA TYR C 403 4.22 21.39 20.33
C TYR C 403 4.07 20.16 21.23
N GLN C 404 5.16 19.42 21.37
CA GLN C 404 5.24 18.29 22.29
C GLN C 404 6.25 18.61 23.39
N PRO C 405 5.77 18.82 24.63
CA PRO C 405 6.58 19.25 25.77
C PRO C 405 7.58 18.21 26.30
N ILE C 406 7.11 16.98 26.52
CA ILE C 406 7.93 15.95 27.20
C ILE C 406 9.26 15.69 26.47
N SER C 407 9.21 15.65 25.14
CA SER C 407 10.41 15.56 24.33
C SER C 407 11.01 16.95 24.10
N GLY C 408 10.14 17.93 23.85
CA GLY C 408 10.56 19.31 23.66
C GLY C 408 10.71 19.72 22.21
N CYS C 409 9.90 19.14 21.33
CA CYS C 409 9.95 19.45 19.91
C CYS C 409 8.69 20.18 19.44
N TYR C 410 8.84 21.00 18.39
CA TYR C 410 7.75 21.83 17.90
C TYR C 410 7.67 21.91 16.37
N ILE C 411 6.49 22.28 15.87
CA ILE C 411 6.26 22.56 14.46
C ILE C 411 5.81 24.02 14.36
N HIS C 412 6.43 24.77 13.46
CA HIS C 412 6.22 26.21 13.38
C HIS C 412 6.50 26.73 11.98
N PHE C 413 5.45 27.27 11.34
CA PHE C 413 5.54 27.84 9.99
C PHE C 413 4.51 28.94 9.74
N PHE C 414 4.70 29.67 8.65
CA PHE C 414 3.86 30.81 8.32
C PHE C 414 3.23 30.66 6.94
N ARG C 415 2.10 31.35 6.72
CA ARG C 415 1.41 31.34 5.44
C ARG C 415 0.93 32.74 5.06
N GLU C 416 0.79 32.97 3.75
CA GLU C 416 0.22 34.21 3.24
C GLU C 416 -1.29 34.23 3.39
N PRO C 417 -1.85 35.36 3.90
CA PRO C 417 -3.30 35.53 4.00
C PRO C 417 -3.95 35.77 2.63
N THR C 418 -5.24 35.43 2.53
CA THR C 418 -6.02 35.64 1.32
C THR C 418 -6.96 36.83 1.46
N ASP C 419 -7.66 36.90 2.59
CA ASP C 419 -8.48 38.08 2.92
C ASP C 419 -7.64 39.04 3.75
N LEU C 420 -7.49 40.26 3.22
CA LEU C 420 -6.66 41.30 3.85
C LEU C 420 -7.46 42.14 4.84
N LYS C 421 -8.75 42.36 4.54
CA LYS C 421 -9.63 43.09 5.43
C LYS C 421 -9.62 42.42 6.81
N GLN C 422 -9.61 41.09 6.81
CA GLN C 422 -9.58 40.32 8.05
C GLN C 422 -8.19 40.18 8.64
N PHE C 423 -7.17 40.14 7.78
CA PHE C 423 -5.79 40.06 8.23
C PHE C 423 -5.32 41.36 8.90
N LYS C 424 -5.74 42.50 8.33
CA LYS C 424 -5.31 43.82 8.83
C LYS C 424 -6.02 44.22 10.13
N GLN C 425 -7.09 43.49 10.46
CA GLN C 425 -7.77 43.65 11.75
C GLN C 425 -7.19 42.72 12.80
N ASP C 426 -6.93 41.47 12.41
CA ASP C 426 -6.25 40.50 13.28
C ASP C 426 -4.86 40.96 13.70
N ALA C 427 -4.18 41.69 12.82
CA ALA C 427 -2.88 42.30 13.15
C ALA C 427 -3.01 43.33 14.26
N LYS C 428 -4.10 44.10 14.24
CA LYS C 428 -4.37 45.13 15.24
C LYS C 428 -4.77 44.58 16.60
N TYR C 429 -5.50 43.47 16.61
CA TYR C 429 -6.14 43.01 17.84
C TYR C 429 -5.77 41.58 18.29
N SER C 430 -4.89 40.90 17.54
CA SER C 430 -4.51 39.52 17.85
C SER C 430 -3.01 39.21 17.73
N HIS C 431 -2.47 39.23 16.50
CA HIS C 431 -1.09 38.77 16.30
C HIS C 431 -0.03 39.85 15.99
N GLY C 432 -0.39 40.82 15.16
CA GLY C 432 0.51 41.93 14.84
C GLY C 432 1.67 41.57 13.93
N ILE C 433 1.36 40.87 12.84
CA ILE C 433 2.36 40.49 11.85
C ILE C 433 2.25 41.39 10.61
N ASP C 434 3.38 41.92 10.16
CA ASP C 434 3.42 42.69 8.92
C ASP C 434 3.37 41.78 7.71
N ILE C 435 2.61 42.21 6.70
CA ILE C 435 2.31 41.42 5.50
C ILE C 435 3.54 41.16 4.59
N ALA C 436 4.53 42.04 4.68
CA ALA C 436 5.74 41.94 3.86
C ALA C 436 6.63 40.80 4.33
N ASP C 437 6.46 40.40 5.58
CA ASP C 437 7.20 39.30 6.18
C ASP C 437 6.64 37.94 5.78
N LEU C 438 5.41 37.93 5.25
CA LEU C 438 4.68 36.70 4.97
C LEU C 438 4.75 36.23 3.52
N PHE C 439 5.30 37.07 2.64
CA PHE C 439 5.51 36.70 1.24
C PHE C 439 6.57 35.60 1.10
N ALA C 440 7.64 35.70 1.89
CA ALA C 440 8.80 34.82 1.79
C ALA C 440 8.56 33.44 2.38
N ALA C 441 7.52 33.32 3.19
CA ALA C 441 7.09 32.04 3.73
C ALA C 441 6.88 31.03 2.61
N GLN C 442 7.18 29.77 2.88
CA GLN C 442 7.02 28.72 1.87
C GLN C 442 5.53 28.35 1.68
N PRO C 443 5.03 28.51 0.44
CA PRO C 443 3.62 28.25 0.14
C PRO C 443 3.32 26.77 -0.07
N GLY C 444 2.35 26.26 0.69
CA GLY C 444 1.93 24.86 0.58
C GLY C 444 2.17 24.04 1.83
N LEU C 445 3.00 24.56 2.73
CA LEU C 445 3.37 23.88 3.98
C LEU C 445 2.16 23.54 4.85
N THR C 446 1.10 24.33 4.74
CA THR C 446 -0.05 24.22 5.62
C THR C 446 -0.81 22.91 5.44
N SER C 447 -1.04 22.51 4.19
CA SER C 447 -1.71 21.26 3.88
C SER C 447 -0.73 20.09 3.94
N ALA C 448 0.51 20.35 3.56
CA ALA C 448 1.56 19.33 3.51
C ALA C 448 1.96 18.79 4.90
N VAL C 449 2.00 19.68 5.89
CA VAL C 449 2.24 19.28 7.28
C VAL C 449 1.05 18.51 7.85
N ILE C 450 -0.16 19.08 7.71
CA ILE C 450 -1.39 18.47 8.24
C ILE C 450 -1.62 17.03 7.76
N GLU C 451 -1.35 16.77 6.48
CA GLU C 451 -1.50 15.42 5.93
C GLU C 451 -0.44 14.45 6.40
N ALA C 452 0.74 14.98 6.74
CA ALA C 452 1.86 14.16 7.18
C ALA C 452 1.77 13.79 8.66
N LEU C 453 0.76 14.32 9.36
CA LEU C 453 0.53 14.00 10.76
C LEU C 453 0.27 12.51 10.94
N PRO C 454 0.73 11.94 12.07
CA PRO C 454 0.45 10.54 12.34
C PRO C 454 -1.04 10.29 12.51
N ARG C 455 -1.49 9.11 12.11
CA ARG C 455 -2.91 8.78 12.15
C ARG C 455 -3.29 8.23 13.54
N ASN C 456 -4.29 8.88 14.16
CA ASN C 456 -4.79 8.57 15.51
C ASN C 456 -4.31 9.50 16.62
N MET C 457 -3.31 10.32 16.30
CA MET C 457 -2.77 11.33 17.22
C MET C 457 -3.87 12.15 17.87
N VAL C 458 -3.66 12.51 19.14
CA VAL C 458 -4.64 13.29 19.90
C VAL C 458 -4.03 14.65 20.25
N ILE C 459 -4.74 15.71 19.88
CA ILE C 459 -4.30 17.08 20.12
C ILE C 459 -4.98 17.69 21.35
N THR C 460 -4.26 18.58 22.02
CA THR C 460 -4.78 19.36 23.13
C THR C 460 -4.75 20.82 22.68
N CYS C 461 -5.87 21.52 22.80
CA CYS C 461 -5.94 22.92 22.34
C CYS C 461 -6.80 23.86 23.17
N GLN C 462 -6.60 25.16 22.95
CA GLN C 462 -7.29 26.23 23.66
C GLN C 462 -7.64 27.33 22.65
N GLY C 463 -8.83 27.26 22.04
CA GLY C 463 -9.78 26.15 22.21
C GLY C 463 -9.91 25.34 20.94
N SER C 464 -10.89 24.44 20.90
CA SER C 464 -11.11 23.59 19.73
C SER C 464 -11.73 24.42 18.59
N GLU C 465 -12.90 23.99 18.12
CA GLU C 465 -13.73 24.73 17.15
C GLU C 465 -13.02 25.22 15.89
N ASP C 466 -12.07 26.14 16.04
CA ASP C 466 -11.28 26.67 14.92
C ASP C 466 -10.11 25.76 14.54
N ILE C 467 -9.71 24.89 15.47
CA ILE C 467 -8.74 23.84 15.19
C ILE C 467 -9.47 22.68 14.49
N LYS C 468 -10.74 22.52 14.87
CA LYS C 468 -11.62 21.54 14.27
C LYS C 468 -11.96 21.96 12.83
N LYS C 469 -12.27 23.24 12.66
CA LYS C 469 -12.56 23.82 11.34
C LYS C 469 -11.39 23.71 10.36
N LEU C 470 -10.17 23.73 10.89
CA LEU C 470 -8.95 23.65 10.09
C LEU C 470 -8.63 22.22 9.66
N LEU C 471 -8.65 21.29 10.60
CA LEU C 471 -8.32 19.89 10.32
C LEU C 471 -9.45 19.17 9.56
N GLU C 472 -10.56 19.87 9.36
CA GLU C 472 -11.73 19.31 8.68
C GLU C 472 -11.83 19.82 7.25
N SER C 473 -11.31 21.04 7.03
CA SER C 473 -11.20 21.60 5.69
C SER C 473 -10.17 20.80 4.90
N GLN C 474 -9.14 20.36 5.60
CA GLN C 474 -8.12 19.48 5.03
C GLN C 474 -8.62 18.04 4.99
N GLY C 475 -9.61 17.74 5.83
CA GLY C 475 -10.31 16.45 5.82
C GLY C 475 -9.65 15.37 6.67
N ARG C 476 -9.07 15.78 7.79
CA ARG C 476 -8.43 14.85 8.72
C ARG C 476 -9.22 14.75 10.02
N LYS C 477 -10.41 14.15 9.94
CA LYS C 477 -11.32 14.04 11.09
C LYS C 477 -10.85 13.05 12.15
N ASP C 478 -10.11 12.03 11.73
CA ASP C 478 -9.57 10.97 12.60
C ASP C 478 -8.88 11.48 13.88
N ILE C 479 -8.41 12.72 13.84
CA ILE C 479 -7.72 13.34 14.97
C ILE C 479 -8.72 13.81 16.02
N LYS C 480 -8.54 13.33 17.25
CA LYS C 480 -9.41 13.69 18.37
C LYS C 480 -8.87 14.94 19.05
N LEU C 481 -9.77 15.82 19.49
CA LEU C 481 -9.38 17.10 20.08
C LEU C 481 -9.87 17.30 21.51
N ILE C 482 -8.94 17.67 22.40
CA ILE C 482 -9.27 18.02 23.77
C ILE C 482 -9.11 19.52 24.00
N ASP C 483 -10.21 20.19 24.33
CA ASP C 483 -10.16 21.58 24.77
C ASP C 483 -10.01 21.60 26.30
N ILE C 484 -8.96 22.26 26.78
CA ILE C 484 -8.71 22.37 28.21
C ILE C 484 -9.54 23.50 28.81
N ALA C 485 -9.94 24.44 27.94
CA ALA C 485 -10.87 25.50 28.28
C ALA C 485 -10.52 26.20 29.60
N LEU C 486 -9.42 26.95 29.58
CA LEU C 486 -9.00 27.76 30.72
C LEU C 486 -9.57 29.17 30.57
N SER C 487 -9.72 29.87 31.69
CA SER C 487 -10.16 31.26 31.64
C SER C 487 -9.08 32.14 31.02
N LYS C 488 -9.49 33.19 30.33
CA LYS C 488 -8.58 33.99 29.51
C LYS C 488 -7.41 34.59 30.30
N ILE C 489 -7.65 34.89 31.58
CA ILE C 489 -6.61 35.33 32.50
C ILE C 489 -5.68 34.16 32.90
N ASP C 490 -6.25 32.96 33.04
CA ASP C 490 -5.49 31.78 33.44
C ASP C 490 -4.62 31.20 32.33
N SER C 491 -4.94 31.57 31.09
CA SER C 491 -4.19 31.14 29.91
C SER C 491 -2.88 31.93 29.74
N ARG C 492 -2.85 33.14 30.30
CA ARG C 492 -1.74 34.06 30.08
C ARG C 492 -0.98 34.37 31.38
N LYS C 493 -0.93 33.40 32.28
CA LYS C 493 -0.24 33.54 33.56
C LYS C 493 1.27 33.48 33.34
N PHE C 494 1.69 32.47 32.57
CA PHE C 494 3.10 32.23 32.26
C PHE C 494 3.49 32.92 30.94
N GLU C 495 2.75 33.95 30.55
CA GLU C 495 2.98 34.65 29.30
C GLU C 495 4.33 35.35 29.25
N ASN C 496 4.59 36.22 30.23
CA ASN C 496 5.84 36.96 30.32
C ASN C 496 7.07 36.10 30.61
N ALA C 497 6.86 34.86 31.01
CA ALA C 497 7.95 33.90 31.24
C ALA C 497 8.40 33.17 29.97
N VAL C 498 7.45 32.79 29.12
CA VAL C 498 7.73 32.07 27.87
C VAL C 498 8.45 32.97 26.85
N TRP C 499 7.99 34.22 26.75
CA TRP C 499 8.64 35.23 25.92
C TRP C 499 10.03 35.63 26.44
N ASP C 500 10.44 35.07 27.58
CA ASP C 500 11.75 35.35 28.17
C ASP C 500 12.75 34.22 27.98
N GLN C 501 12.25 33.06 27.56
CA GLN C 501 13.08 31.87 27.40
C GLN C 501 13.13 31.41 25.95
N TYR C 502 12.18 31.89 25.13
CA TYR C 502 12.02 31.38 23.77
C TYR C 502 11.82 32.45 22.69
N LYS C 503 12.02 33.73 23.04
CA LYS C 503 11.80 34.84 22.10
C LYS C 503 12.50 34.66 20.74
N ASP C 504 13.78 34.29 20.77
CA ASP C 504 14.60 34.14 19.55
C ASP C 504 14.03 33.14 18.52
N LEU C 505 13.03 32.37 18.92
CA LEU C 505 12.44 31.34 18.05
C LEU C 505 11.38 31.88 17.08
N CYS C 506 10.89 33.09 17.35
CA CYS C 506 9.97 33.78 16.43
C CYS C 506 10.28 35.26 16.36
N HIS C 507 10.51 35.74 15.14
CA HIS C 507 10.79 37.16 14.87
C HIS C 507 9.73 37.73 13.92
N MET C 508 8.52 37.18 13.99
CA MET C 508 7.48 37.49 13.02
C MET C 508 6.45 38.53 13.48
N HIS C 509 6.43 38.82 14.78
CA HIS C 509 5.43 39.75 15.35
C HIS C 509 6.04 41.14 15.62
N THR C 510 5.63 42.11 14.80
CA THR C 510 6.25 43.44 14.79
C THR C 510 5.28 44.53 15.22
N GLY C 511 4.06 44.48 14.67
CA GLY C 511 3.05 45.51 14.90
C GLY C 511 2.50 45.51 16.31
N VAL C 512 1.99 46.67 16.72
CA VAL C 512 1.44 46.86 18.07
C VAL C 512 0.01 46.36 18.15
N VAL C 513 -0.19 45.31 18.95
CA VAL C 513 -1.51 44.73 19.19
C VAL C 513 -2.16 45.50 20.34
N VAL C 514 -3.39 45.95 20.12
CA VAL C 514 -4.13 46.71 21.12
C VAL C 514 -5.39 45.99 21.59
N GLU C 515 -5.87 46.36 22.77
CA GLU C 515 -7.05 45.79 23.38
C GLU C 515 -8.07 46.90 23.61
N LYS C 516 -9.32 46.67 23.23
CA LYS C 516 -10.42 47.58 23.56
C LYS C 516 -10.90 47.34 24.98
N LYS C 522 -7.99 52.35 25.13
CA LYS C 522 -7.19 51.22 24.66
C LYS C 522 -5.78 51.16 25.26
N GLU C 523 -5.19 49.97 25.23
CA GLU C 523 -3.86 49.75 25.80
C GLU C 523 -3.03 48.76 24.96
N GLU C 524 -1.71 48.92 25.03
CA GLU C 524 -0.76 48.04 24.37
C GLU C 524 -0.72 46.70 25.10
N ILE C 525 -0.72 45.60 24.35
CA ILE C 525 -0.54 44.26 24.91
C ILE C 525 0.51 43.44 24.15
N THR C 526 0.95 42.35 24.75
CA THR C 526 1.91 41.44 24.13
C THR C 526 1.23 40.65 23.02
N PRO C 527 1.72 40.80 21.76
CA PRO C 527 1.14 40.11 20.61
C PRO C 527 1.03 38.61 20.82
N HIS C 528 0.09 37.98 20.11
CA HIS C 528 -0.11 36.53 20.22
C HIS C 528 0.70 35.78 19.18
N CYS C 529 1.58 34.91 19.65
CA CYS C 529 2.30 33.99 18.81
C CYS C 529 1.71 32.61 18.99
N ALA C 530 1.42 31.94 17.87
CA ALA C 530 0.83 30.60 17.86
C ALA C 530 1.72 29.58 18.57
N LEU C 531 3.03 29.78 18.47
CA LEU C 531 3.99 28.91 19.14
C LEU C 531 4.15 29.26 20.62
N MET C 532 4.17 30.55 20.93
CA MET C 532 4.30 30.99 22.33
C MET C 532 3.03 30.71 23.11
N ASP C 533 1.91 30.60 22.39
CA ASP C 533 0.64 30.16 22.96
C ASP C 533 0.70 28.68 23.33
N CYS C 534 1.38 27.88 22.51
CA CYS C 534 1.55 26.45 22.76
C CYS C 534 2.27 26.15 24.08
N ILE C 535 3.30 26.92 24.39
CA ILE C 535 4.15 26.65 25.55
C ILE C 535 3.54 27.16 26.85
N MET C 536 2.92 28.34 26.80
CA MET C 536 2.31 28.95 27.99
C MET C 536 1.05 28.21 28.45
N PHE C 537 0.26 27.71 27.50
CA PHE C 537 -0.94 26.93 27.83
C PHE C 537 -0.55 25.59 28.45
N ASP C 538 0.56 25.01 27.99
CA ASP C 538 1.13 23.81 28.59
C ASP C 538 1.54 24.06 30.05
N ALA C 539 2.10 25.24 30.31
CA ALA C 539 2.53 25.64 31.65
C ALA C 539 1.37 25.86 32.62
N ALA C 540 0.24 26.33 32.10
CA ALA C 540 -0.97 26.57 32.89
C ALA C 540 -1.63 25.27 33.35
N VAL C 541 -1.22 24.16 32.74
CA VAL C 541 -1.68 22.82 33.11
C VAL C 541 -0.59 22.14 33.93
N SER C 542 0.63 22.65 33.81
CA SER C 542 1.79 22.13 34.53
C SER C 542 2.08 22.93 35.81
N GLY C 543 1.52 24.13 35.90
CA GLY C 543 1.76 25.01 37.04
C GLY C 543 3.19 25.54 37.09
N GLY C 544 3.89 25.43 35.96
CA GLY C 544 5.30 25.80 35.88
C GLY C 544 5.90 25.66 34.49
N LEU C 545 7.05 26.30 34.30
CA LEU C 545 7.77 26.29 33.03
C LEU C 545 9.16 25.69 33.21
N VAL C 549 17.25 23.23 24.76
CA VAL C 549 15.85 22.81 24.78
C VAL C 549 15.27 22.60 23.37
N LEU C 550 14.17 23.30 23.09
CA LEU C 550 13.33 23.10 21.91
C LEU C 550 14.02 22.72 20.58
N ARG C 551 13.49 21.68 19.95
CA ARG C 551 13.99 21.22 18.66
C ARG C 551 12.93 21.40 17.57
N ALA C 552 13.31 22.08 16.49
CA ALA C 552 12.45 22.24 15.34
C ALA C 552 12.22 20.88 14.67
N VAL C 553 10.95 20.59 14.39
CA VAL C 553 10.60 19.40 13.63
C VAL C 553 10.81 19.70 12.15
N LEU C 554 10.37 20.89 11.73
CA LEU C 554 10.55 21.37 10.36
C LEU C 554 11.95 21.90 10.11
N PRO C 555 12.55 21.53 8.96
CA PRO C 555 13.83 22.06 8.49
C PRO C 555 13.91 23.58 8.60
N ARG C 556 15.08 24.07 9.02
CA ARG C 556 15.33 25.50 9.15
C ARG C 556 15.30 26.20 7.78
N ASP C 557 15.56 25.42 6.74
CA ASP C 557 15.69 25.94 5.37
C ASP C 557 14.39 25.93 4.57
N MET C 558 13.33 25.38 5.17
CA MET C 558 12.07 25.15 4.45
C MET C 558 10.96 26.13 4.81
N VAL C 559 11.12 26.88 5.89
CA VAL C 559 10.08 27.83 6.30
C VAL C 559 9.98 28.99 5.31
N PHE C 560 11.13 29.54 4.91
CA PHE C 560 11.18 30.67 3.97
C PHE C 560 11.90 30.31 2.67
N ARG C 561 11.33 30.75 1.55
CA ARG C 561 11.97 30.60 0.25
C ARG C 561 12.58 31.93 -0.21
MN MN D . -20.07 -18.09 -16.96
MN MN E . -29.83 50.60 -12.52
ZN ZN F . -34.06 43.21 -10.94
MN MN G . 18.88 -59.17 23.93
MN MN H . 5.42 -43.69 -5.63
ZN ZN I . 19.23 -55.12 15.39
MN MN J . -2.73 31.61 19.52
ZN ZN K . 5.20 33.81 16.27
#